data_5C2I
#
_entry.id   5C2I
#
_cell.length_a   105.734
_cell.length_b   132.601
_cell.length_c   176.528
_cell.angle_alpha   90.000
_cell.angle_beta   90.000
_cell.angle_gamma   90.000
#
_symmetry.space_group_name_H-M   'P 21 21 21'
#
loop_
_entity.id
_entity.type
_entity.pdbx_description
1 polymer 'Alr1585 protein'
2 non-polymer 'PROTOPORPHYRIN IX CONTAINING FE'
3 non-polymer GLYCEROL
4 non-polymer 1,2-ETHANEDIOL
5 non-polymer 'ACETIC ACID'
6 water water
#
_entity_poly.entity_id   1
_entity_poly.type   'polypeptide(L)'
_entity_poly.pdbx_seq_one_letter_code
;ALTEKDLKNLPEDGIDSENPGKYRNLLNDLQGNILKGHGRDHSVHLFLQFKPEQVEVVKQWIQSFAQTYITSAKKQADEA
FKYRQKGVSGDVFANFFLSRHGYEYLEIEPFQIPGDKPFRMGMKNEEIRSSLGDPKIATWELGFQSEIHALVLIADDDIV
DLLQIVNQITQKLRQIAEIVHREDGFILRNQAGQIIEHFGFVHGVSQPLFMKRDVVRERVNNCDFDKWDPKAPLDSILVE
DPNGNTKDSYGSYLVYRKLEQNVKAFREDQRKLAQKLNIQENLAGALIVGRFADGTPVTLSDIPTYAVTPTNNFNYDGDL
AATKCPFHSHTRKTNPRGDTARLLTTDGHFDEAFKEERGHRITRRAVSYGENNPSKEPVSGSGLLFLCFQSNIENQFNFM
QSRWANPQNFVQVNTGPDPLIGQPSGTQKWPKKWGEPETEEYNFQLWINMKGGEYFFAPSISFLKTLA
;
_entity_poly.pdbx_strand_id   A,B,C,D
#
loop_
_chem_comp.id
_chem_comp.type
_chem_comp.name
_chem_comp.formula
ACY non-polymer 'ACETIC ACID' 'C2 H4 O2'
EDO non-polymer 1,2-ETHANEDIOL 'C2 H6 O2'
GOL non-polymer GLYCEROL 'C3 H8 O3'
HEM non-polymer 'PROTOPORPHYRIN IX CONTAINING FE' 'C34 H32 Fe N4 O4'
#
# COMPACT_ATOMS: atom_id res chain seq x y z
N ALA A 1 27.06 -41.90 -9.44
CA ALA A 1 28.33 -42.39 -8.80
C ALA A 1 28.56 -41.81 -7.38
N LEU A 2 27.57 -41.13 -6.81
CA LEU A 2 27.66 -40.59 -5.42
C LEU A 2 27.89 -41.71 -4.42
N THR A 3 28.91 -41.56 -3.58
CA THR A 3 29.30 -42.57 -2.60
C THR A 3 28.69 -42.26 -1.27
N GLU A 4 28.89 -43.19 -0.33
CA GLU A 4 28.54 -43.05 1.08
C GLU A 4 29.11 -41.75 1.63
N LYS A 5 30.39 -41.54 1.41
CA LYS A 5 31.11 -40.31 1.77
C LYS A 5 30.42 -39.06 1.26
N ASP A 6 30.01 -39.08 0.00
CA ASP A 6 29.41 -37.88 -0.61
C ASP A 6 28.06 -37.55 0.06
N LEU A 7 27.39 -38.59 0.53
CA LEU A 7 26.06 -38.41 1.10
C LEU A 7 26.13 -38.09 2.59
N LYS A 8 27.19 -38.53 3.26
CA LYS A 8 27.37 -38.29 4.69
C LYS A 8 28.06 -36.98 5.01
N ASN A 9 28.61 -36.30 4.00
CA ASN A 9 29.39 -35.09 4.23
C ASN A 9 29.07 -33.98 3.24
N LEU A 10 28.45 -32.92 3.70
CA LEU A 10 28.13 -31.79 2.84
C LEU A 10 29.41 -31.03 2.52
N PRO A 11 29.58 -30.58 1.28
CA PRO A 11 30.69 -29.65 1.07
C PRO A 11 30.61 -28.39 1.98
N GLU A 12 31.76 -27.79 2.23
CA GLU A 12 31.87 -26.68 3.16
C GLU A 12 30.90 -25.53 2.85
N ASP A 13 30.68 -25.25 1.58
CA ASP A 13 29.78 -24.16 1.17
C ASP A 13 28.44 -24.67 0.69
N GLY A 14 28.14 -25.94 0.94
CA GLY A 14 26.90 -26.51 0.46
C GLY A 14 26.99 -26.91 -1.00
N ILE A 15 25.91 -27.42 -1.54
CA ILE A 15 25.84 -27.86 -2.94
C ILE A 15 25.63 -26.61 -3.81
N ASP A 16 26.50 -26.39 -4.78
CA ASP A 16 26.41 -25.21 -5.65
C ASP A 16 25.58 -25.51 -6.91
N SER A 17 24.34 -25.07 -6.93
CA SER A 17 23.43 -25.38 -8.03
C SER A 17 23.93 -24.83 -9.36
N GLU A 18 24.73 -23.75 -9.34
CA GLU A 18 25.30 -23.22 -10.59
C GLU A 18 26.55 -23.99 -11.03
N ASN A 19 27.22 -24.65 -10.10
CA ASN A 19 28.41 -25.49 -10.41
C ASN A 19 28.34 -26.80 -9.65
N PRO A 20 27.37 -27.65 -10.00
CA PRO A 20 27.02 -28.75 -9.11
C PRO A 20 28.04 -29.88 -9.03
N GLY A 21 28.97 -29.96 -9.99
CA GLY A 21 30.00 -31.00 -9.97
C GLY A 21 29.39 -32.38 -9.99
N LYS A 22 29.81 -33.21 -9.05
CA LYS A 22 29.32 -34.58 -8.97
C LYS A 22 27.85 -34.70 -8.54
N TYR A 23 27.24 -33.61 -8.08
CA TYR A 23 25.82 -33.59 -7.70
C TYR A 23 24.89 -33.20 -8.85
N ARG A 24 25.44 -33.03 -10.05
CA ARG A 24 24.63 -32.60 -11.19
C ARG A 24 23.45 -33.53 -11.45
N ASN A 25 23.69 -34.83 -11.55
CA ASN A 25 22.62 -35.77 -11.94
C ASN A 25 21.59 -35.88 -10.83
N LEU A 26 22.08 -35.81 -9.61
CA LEU A 26 21.18 -35.86 -8.47
C LEU A 26 20.18 -34.73 -8.55
N LEU A 27 20.67 -33.51 -8.79
CA LEU A 27 19.78 -32.35 -8.80
C LEU A 27 18.76 -32.41 -9.96
N ASN A 28 19.12 -33.06 -11.05
CA ASN A 28 18.25 -33.19 -12.20
C ASN A 28 17.07 -34.12 -11.96
N ASP A 29 17.27 -35.15 -11.14
CA ASP A 29 16.23 -36.18 -10.91
C ASP A 29 15.53 -36.08 -9.58
N LEU A 30 16.01 -35.16 -8.74
CA LEU A 30 15.40 -34.93 -7.40
C LEU A 30 14.35 -33.86 -7.55
N GLN A 31 13.20 -34.04 -6.92
CA GLN A 31 12.18 -32.98 -6.91
C GLN A 31 12.66 -31.75 -6.10
N GLY A 32 12.18 -30.59 -6.48
CA GLY A 32 12.37 -29.36 -5.73
C GLY A 32 11.63 -29.33 -4.40
N ASN A 33 11.85 -28.24 -3.64
CA ASN A 33 11.22 -27.99 -2.34
C ASN A 33 11.77 -28.84 -1.21
N ILE A 34 12.76 -29.67 -1.49
CA ILE A 34 13.32 -30.56 -0.50
C ILE A 34 14.62 -29.94 0.06
N LEU A 35 15.66 -29.82 -0.77
CA LEU A 35 16.90 -29.20 -0.36
C LEU A 35 16.78 -27.70 -0.09
N LYS A 36 15.86 -27.06 -0.82
CA LYS A 36 15.56 -25.63 -0.63
C LYS A 36 14.11 -25.44 -0.90
N GLY A 37 13.44 -24.67 -0.05
CA GLY A 37 12.01 -24.41 -0.19
C GLY A 37 11.65 -23.69 -1.48
N HIS A 38 10.47 -24.01 -2.03
CA HIS A 38 10.06 -23.40 -3.31
C HIS A 38 9.93 -21.87 -3.23
N GLY A 39 9.71 -21.35 -2.04
CA GLY A 39 9.63 -19.90 -1.81
C GLY A 39 8.47 -19.13 -2.45
N ARG A 40 7.44 -19.82 -2.94
CA ARG A 40 6.31 -19.15 -3.59
C ARG A 40 5.30 -18.76 -2.51
N ASP A 41 4.59 -17.68 -2.79
CA ASP A 41 3.66 -17.12 -1.79
C ASP A 41 2.33 -17.87 -1.64
N HIS A 42 1.98 -18.67 -2.60
CA HIS A 42 0.69 -19.36 -2.58
C HIS A 42 0.89 -20.80 -3.05
N SER A 43 0.12 -21.70 -2.45
CA SER A 43 0.17 -23.05 -2.90
C SER A 43 -1.19 -23.71 -2.82
N VAL A 44 -1.32 -24.76 -3.60
CA VAL A 44 -2.52 -25.61 -3.58
C VAL A 44 -2.05 -27.02 -3.30
N HIS A 45 -2.73 -27.66 -2.37
CA HIS A 45 -2.47 -29.04 -1.99
C HIS A 45 -3.71 -29.85 -2.36
N LEU A 46 -3.56 -30.81 -3.26
CA LEU A 46 -4.66 -31.71 -3.67
C LEU A 46 -4.35 -33.12 -3.21
N PHE A 47 -5.17 -33.64 -2.31
CA PHE A 47 -5.03 -34.99 -1.82
C PHE A 47 -5.91 -35.90 -2.65
N LEU A 48 -5.33 -36.98 -3.12
CA LEU A 48 -5.95 -37.85 -4.08
C LEU A 48 -6.17 -39.24 -3.62
N GLN A 49 -7.30 -39.80 -4.03
CA GLN A 49 -7.55 -41.24 -4.00
C GLN A 49 -7.87 -41.67 -5.43
N PHE A 50 -7.02 -42.52 -5.97
CA PHE A 50 -7.19 -42.97 -7.36
C PHE A 50 -8.41 -43.88 -7.48
N LYS A 51 -9.07 -43.82 -8.63
CA LYS A 51 -10.34 -44.54 -8.79
C LYS A 51 -10.07 -46.04 -9.04
N PRO A 52 -10.90 -46.90 -8.45
CA PRO A 52 -10.71 -48.34 -8.57
C PRO A 52 -10.60 -48.82 -10.00
N GLU A 53 -9.70 -49.77 -10.23
CA GLU A 53 -9.57 -50.47 -11.50
C GLU A 53 -9.13 -49.56 -12.64
N GLN A 54 -8.44 -48.47 -12.33
CA GLN A 54 -7.95 -47.56 -13.38
C GLN A 54 -6.45 -47.37 -13.34
N VAL A 55 -5.73 -48.43 -12.99
CA VAL A 55 -4.31 -48.31 -12.70
C VAL A 55 -3.56 -47.79 -13.93
N GLU A 56 -3.83 -48.35 -15.09
CA GLU A 56 -3.05 -47.99 -16.28
C GLU A 56 -3.27 -46.51 -16.66
N VAL A 57 -4.50 -46.03 -16.67
CA VAL A 57 -4.74 -44.61 -17.01
C VAL A 57 -4.25 -43.67 -15.91
N VAL A 58 -4.26 -44.13 -14.66
CA VAL A 58 -3.64 -43.36 -13.59
C VAL A 58 -2.15 -43.21 -13.82
N LYS A 59 -1.50 -44.30 -14.21
CA LYS A 59 -0.09 -44.25 -14.48
C LYS A 59 0.23 -43.31 -15.63
N GLN A 60 -0.61 -43.32 -16.66
CA GLN A 60 -0.43 -42.40 -17.77
C GLN A 60 -0.57 -40.94 -17.30
N TRP A 61 -1.54 -40.69 -16.45
CA TRP A 61 -1.74 -39.33 -15.92
C TRP A 61 -0.51 -38.86 -15.10
N ILE A 62 -0.05 -39.71 -14.18
CA ILE A 62 1.12 -39.36 -13.36
C ILE A 62 2.32 -39.07 -14.26
N GLN A 63 2.52 -39.93 -15.25
CA GLN A 63 3.59 -39.75 -16.22
C GLN A 63 3.50 -38.38 -16.88
N SER A 64 2.31 -38.00 -17.33
CA SER A 64 2.13 -36.72 -18.05
C SER A 64 2.39 -35.58 -17.08
N PHE A 65 1.94 -35.72 -15.83
CA PHE A 65 2.20 -34.69 -14.82
C PHE A 65 3.68 -34.52 -14.52
N ALA A 66 4.40 -35.62 -14.43
CA ALA A 66 5.83 -35.58 -14.25
C ALA A 66 6.56 -34.98 -15.46
N GLN A 67 6.09 -35.27 -16.68
CA GLN A 67 6.73 -34.72 -17.87
C GLN A 67 6.48 -33.23 -17.97
N THR A 68 5.27 -32.78 -17.62
CA THR A 68 4.85 -31.41 -17.91
C THR A 68 5.12 -30.43 -16.77
N TYR A 69 4.89 -30.87 -15.53
CA TYR A 69 4.83 -29.92 -14.41
C TYR A 69 5.89 -30.07 -13.32
N ILE A 70 6.26 -31.30 -12.98
CA ILE A 70 7.08 -31.47 -11.76
C ILE A 70 8.39 -30.70 -11.91
N THR A 71 8.75 -30.02 -10.84
CA THR A 71 9.94 -29.19 -10.79
C THR A 71 11.07 -29.97 -10.14
N SER A 72 12.18 -30.14 -10.85
CA SER A 72 13.39 -30.70 -10.24
C SER A 72 14.11 -29.63 -9.38
N ALA A 73 15.04 -30.08 -8.55
CA ALA A 73 15.90 -29.16 -7.83
C ALA A 73 16.73 -28.27 -8.78
N LYS A 74 17.20 -28.84 -9.88
CA LYS A 74 17.90 -28.07 -10.88
C LYS A 74 17.02 -27.01 -11.52
N LYS A 75 15.82 -27.39 -11.92
CA LYS A 75 14.88 -26.44 -12.52
C LYS A 75 14.52 -25.33 -11.52
N GLN A 76 14.27 -25.70 -10.28
CA GLN A 76 13.97 -24.73 -9.23
C GLN A 76 15.10 -23.68 -9.10
N ALA A 77 16.35 -24.15 -9.07
CA ALA A 77 17.49 -23.25 -9.00
C ALA A 77 17.62 -22.37 -10.25
N ASP A 78 17.39 -22.96 -11.42
CA ASP A 78 17.49 -22.21 -12.69
C ASP A 78 16.41 -21.13 -12.78
N GLU A 79 15.20 -21.42 -12.28
CA GLU A 79 14.10 -20.45 -12.28
C GLU A 79 14.43 -19.29 -11.33
N ALA A 80 15.02 -19.60 -10.17
CA ALA A 80 15.41 -18.55 -9.23
C ALA A 80 16.53 -17.69 -9.84
N PHE A 81 17.48 -18.34 -10.52
CA PHE A 81 18.62 -17.63 -11.15
C PHE A 81 18.12 -16.68 -12.23
N LYS A 82 17.25 -17.19 -13.11
CA LYS A 82 16.71 -16.38 -14.21
C LYS A 82 15.87 -15.21 -13.67
N TYR A 83 15.10 -15.46 -12.62
CA TYR A 83 14.34 -14.40 -11.97
C TYR A 83 15.24 -13.28 -11.42
N ARG A 84 16.29 -13.62 -10.67
CA ARG A 84 17.22 -12.60 -10.14
C ARG A 84 17.97 -11.85 -11.24
N GLN A 85 18.42 -12.57 -12.27
CA GLN A 85 19.29 -12.01 -13.28
C GLN A 85 18.51 -11.17 -14.33
N LYS A 86 17.31 -11.62 -14.70
CA LYS A 86 16.56 -11.01 -15.80
C LYS A 86 15.09 -10.64 -15.49
N GLY A 87 14.65 -10.80 -14.24
CA GLY A 87 13.28 -10.48 -13.86
C GLY A 87 12.21 -11.42 -14.41
N VAL A 88 12.62 -12.42 -15.21
CA VAL A 88 11.71 -13.43 -15.79
C VAL A 88 11.18 -14.38 -14.69
N SER A 89 9.87 -14.38 -14.47
CA SER A 89 9.25 -15.34 -13.55
C SER A 89 9.13 -16.71 -14.27
N GLY A 90 9.24 -17.79 -13.51
CA GLY A 90 9.24 -19.11 -14.10
C GLY A 90 7.86 -19.75 -14.19
N ASP A 91 7.86 -21.01 -14.57
CA ASP A 91 6.65 -21.82 -14.56
C ASP A 91 6.15 -21.94 -13.11
N VAL A 92 4.91 -22.41 -12.94
CA VAL A 92 4.47 -22.84 -11.62
C VAL A 92 5.43 -23.86 -11.08
N PHE A 93 5.48 -23.94 -9.77
CA PHE A 93 6.24 -24.96 -9.08
C PHE A 93 5.33 -26.15 -8.81
N ALA A 94 5.84 -27.37 -8.98
CA ALA A 94 5.02 -28.55 -8.64
C ALA A 94 5.82 -29.70 -8.02
N ASN A 95 5.21 -30.34 -7.02
CA ASN A 95 5.68 -31.59 -6.44
C ASN A 95 4.59 -32.65 -6.61
N PHE A 96 5.01 -33.90 -6.56
CA PHE A 96 4.07 -35.02 -6.49
C PHE A 96 4.57 -36.03 -5.46
N PHE A 97 3.69 -36.41 -4.55
CA PHE A 97 4.02 -37.37 -3.48
C PHE A 97 3.09 -38.57 -3.46
N LEU A 98 3.63 -39.73 -3.11
CA LEU A 98 2.86 -40.97 -2.94
C LEU A 98 2.87 -41.45 -1.52
N SER A 99 1.72 -41.91 -1.03
CA SER A 99 1.65 -42.65 0.23
C SER A 99 1.98 -44.12 -0.01
N ARG A 100 2.17 -44.88 1.07
CA ARG A 100 2.29 -46.32 0.92
C ARG A 100 1.07 -46.91 0.22
N HIS A 101 -0.14 -46.46 0.61
CA HIS A 101 -1.36 -46.96 -0.05
C HIS A 101 -1.33 -46.66 -1.54
N GLY A 102 -0.79 -45.52 -1.89
CA GLY A 102 -0.67 -45.13 -3.30
C GLY A 102 0.23 -46.07 -4.09
N TYR A 103 1.35 -46.45 -3.50
CA TYR A 103 2.22 -47.45 -4.10
C TYR A 103 1.50 -48.77 -4.31
N GLU A 104 0.70 -49.16 -3.33
CA GLU A 104 -0.07 -50.41 -3.46
C GLU A 104 -1.09 -50.31 -4.60
N TYR A 105 -1.79 -49.18 -4.66
CA TYR A 105 -2.75 -48.92 -5.75
C TYR A 105 -2.06 -49.08 -7.12
N LEU A 106 -0.83 -48.59 -7.21
CA LEU A 106 -0.04 -48.64 -8.42
C LEU A 106 0.59 -50.01 -8.71
N GLU A 107 0.27 -51.01 -7.90
CA GLU A 107 0.74 -52.39 -8.12
C GLU A 107 2.27 -52.48 -8.17
N ILE A 108 2.89 -51.72 -7.28
CA ILE A 108 4.33 -51.83 -7.03
C ILE A 108 4.55 -52.90 -5.95
N GLU A 109 5.39 -53.87 -6.22
CA GLU A 109 5.67 -54.96 -5.27
C GLU A 109 6.12 -54.39 -3.91
N PRO A 110 5.71 -55.04 -2.80
CA PRO A 110 6.11 -54.61 -1.43
C PRO A 110 7.59 -54.37 -1.23
N PHE A 111 8.43 -55.26 -1.71
CA PHE A 111 9.84 -55.11 -1.58
C PHE A 111 10.38 -53.86 -2.26
N GLN A 112 9.66 -53.31 -3.25
CA GLN A 112 10.05 -52.09 -3.99
C GLN A 112 9.42 -50.80 -3.45
N ILE A 113 8.59 -50.95 -2.44
CA ILE A 113 7.97 -49.77 -1.82
C ILE A 113 9.03 -49.18 -0.88
N PRO A 114 9.16 -47.85 -0.84
CA PRO A 114 10.08 -47.25 0.11
C PRO A 114 9.99 -47.88 1.50
N GLY A 115 11.16 -48.10 2.11
CA GLY A 115 11.27 -48.91 3.29
C GLY A 115 10.99 -48.29 4.64
N ASP A 116 10.84 -46.98 4.73
CA ASP A 116 10.67 -46.31 6.04
C ASP A 116 9.47 -46.87 6.78
N LYS A 117 9.64 -47.27 8.04
CA LYS A 117 8.53 -47.99 8.73
C LYS A 117 7.29 -47.12 9.01
N PRO A 118 7.46 -45.90 9.53
CA PRO A 118 6.28 -45.08 9.73
C PRO A 118 5.57 -44.83 8.39
N PHE A 119 6.33 -44.54 7.35
CA PHE A 119 5.74 -44.32 6.01
C PHE A 119 4.87 -45.52 5.60
N ARG A 120 5.38 -46.73 5.81
CA ARG A 120 4.61 -47.94 5.49
C ARG A 120 3.39 -48.15 6.37
N MET A 121 3.51 -47.80 7.63
CA MET A 121 2.41 -47.97 8.54
C MET A 121 1.27 -46.98 8.23
N GLY A 122 1.61 -45.75 7.86
CA GLY A 122 0.62 -44.70 7.67
C GLY A 122 0.32 -43.96 8.97
N MET A 123 -0.07 -42.70 8.84
CA MET A 123 -0.33 -41.85 10.03
C MET A 123 -1.62 -42.23 10.77
N LYS A 124 -2.51 -42.98 10.12
CA LYS A 124 -3.71 -43.50 10.78
C LYS A 124 -3.43 -44.75 11.62
N ASN A 125 -2.25 -45.36 11.45
CA ASN A 125 -1.90 -46.59 12.19
C ASN A 125 -1.98 -46.35 13.70
N GLU A 126 -2.60 -47.28 14.43
CA GLU A 126 -2.86 -47.09 15.85
C GLU A 126 -1.57 -46.97 16.69
N GLU A 127 -0.54 -47.73 16.33
CA GLU A 127 0.72 -47.67 17.05
C GLU A 127 1.40 -46.32 16.82
N ILE A 128 1.35 -45.84 15.59
CA ILE A 128 1.84 -44.51 15.28
C ILE A 128 1.09 -43.43 16.05
N ARG A 129 -0.24 -43.46 16.01
CA ARG A 129 -1.05 -42.52 16.75
C ARG A 129 -0.70 -42.50 18.23
N SER A 130 -0.68 -43.67 18.84
CA SER A 130 -0.32 -43.81 20.23
C SER A 130 1.06 -43.23 20.56
N SER A 131 2.06 -43.56 19.75
CA SER A 131 3.43 -43.04 19.93
C SER A 131 3.52 -41.51 19.83
N LEU A 132 2.75 -40.89 18.93
CA LEU A 132 2.74 -39.44 18.79
C LEU A 132 1.88 -38.71 19.85
N GLY A 133 1.04 -39.45 20.55
CA GLY A 133 0.04 -38.83 21.47
C GLY A 133 -1.12 -38.19 20.73
N ASP A 134 -1.30 -38.62 19.48
CA ASP A 134 -2.26 -38.01 18.57
C ASP A 134 -3.68 -38.38 18.95
N PRO A 135 -4.65 -37.54 18.51
CA PRO A 135 -6.02 -37.81 18.85
C PRO A 135 -6.60 -38.91 17.98
N LYS A 136 -7.81 -39.37 18.31
CA LYS A 136 -8.43 -40.44 17.53
C LYS A 136 -8.67 -39.99 16.10
N ILE A 137 -8.53 -40.94 15.17
CA ILE A 137 -8.66 -40.63 13.76
C ILE A 137 -10.08 -40.12 13.47
N ALA A 138 -11.06 -40.56 14.24
CA ALA A 138 -12.45 -40.07 14.05
C ALA A 138 -12.60 -38.56 14.34
N THR A 139 -11.63 -37.93 15.00
CA THR A 139 -11.67 -36.49 15.22
C THR A 139 -11.07 -35.70 14.08
N TRP A 140 -10.43 -36.36 13.13
CA TRP A 140 -9.82 -35.68 12.00
C TRP A 140 -10.86 -35.07 11.10
N GLU A 141 -10.47 -34.00 10.40
CA GLU A 141 -11.29 -33.48 9.33
C GLU A 141 -11.58 -34.57 8.31
N LEU A 142 -12.82 -34.56 7.79
CA LEU A 142 -13.33 -35.61 6.90
C LEU A 142 -12.38 -35.96 5.75
N GLY A 143 -11.82 -34.95 5.09
CA GLY A 143 -10.91 -35.17 3.97
C GLY A 143 -9.76 -36.14 4.30
N PHE A 144 -9.22 -36.02 5.51
CA PHE A 144 -8.10 -36.84 5.91
C PHE A 144 -8.48 -38.23 6.37
N GLN A 145 -9.78 -38.48 6.60
CA GLN A 145 -10.22 -39.80 7.00
C GLN A 145 -10.25 -40.79 5.86
N SER A 146 -10.27 -40.31 4.62
CA SER A 146 -10.21 -41.18 3.44
C SER A 146 -8.85 -41.84 3.34
N GLU A 147 -8.78 -42.94 2.60
CA GLU A 147 -7.51 -43.53 2.23
C GLU A 147 -6.89 -42.59 1.17
N ILE A 148 -5.75 -42.02 1.51
CA ILE A 148 -5.08 -41.08 0.64
C ILE A 148 -3.96 -41.79 -0.10
N HIS A 149 -3.95 -41.63 -1.41
CA HIS A 149 -2.91 -42.24 -2.25
C HIS A 149 -1.76 -41.34 -2.59
N ALA A 150 -2.04 -40.04 -2.72
CA ALA A 150 -1.09 -39.12 -3.26
C ALA A 150 -1.41 -37.70 -2.90
N LEU A 151 -0.40 -36.84 -3.01
CA LEU A 151 -0.56 -35.42 -2.82
C LEU A 151 0.06 -34.73 -4.04
N VAL A 152 -0.70 -33.84 -4.66
CA VAL A 152 -0.18 -32.92 -5.65
C VAL A 152 0.00 -31.55 -4.98
N LEU A 153 1.17 -30.95 -5.17
CA LEU A 153 1.45 -29.61 -4.61
C LEU A 153 1.81 -28.72 -5.79
N ILE A 154 1.08 -27.61 -5.95
CA ILE A 154 1.34 -26.62 -6.97
C ILE A 154 1.45 -25.24 -6.33
N ALA A 155 2.47 -24.47 -6.71
CA ALA A 155 2.75 -23.22 -6.05
C ALA A 155 3.20 -22.13 -7.02
N ASP A 156 2.87 -20.91 -6.68
CA ASP A 156 3.15 -19.77 -7.51
C ASP A 156 2.94 -18.50 -6.69
N ASP A 157 3.66 -17.43 -7.05
CA ASP A 157 3.42 -16.13 -6.40
C ASP A 157 2.13 -15.43 -6.85
N ASP A 158 1.70 -15.69 -8.09
CA ASP A 158 0.51 -15.05 -8.65
C ASP A 158 -0.71 -15.96 -8.34
N ILE A 159 -1.50 -15.59 -7.34
CA ILE A 159 -2.59 -16.49 -6.88
C ILE A 159 -3.63 -16.75 -7.99
N VAL A 160 -4.05 -15.72 -8.73
CA VAL A 160 -5.11 -15.92 -9.74
C VAL A 160 -4.64 -16.89 -10.81
N ASP A 161 -3.41 -16.70 -11.29
CA ASP A 161 -2.84 -17.62 -12.26
C ASP A 161 -2.70 -19.05 -11.70
N LEU A 162 -2.25 -19.16 -10.44
CA LEU A 162 -2.14 -20.46 -9.80
C LEU A 162 -3.49 -21.19 -9.84
N LEU A 163 -4.56 -20.47 -9.53
CA LEU A 163 -5.91 -21.07 -9.50
C LEU A 163 -6.30 -21.57 -10.90
N GLN A 164 -6.01 -20.77 -11.93
CA GLN A 164 -6.36 -21.16 -13.29
C GLN A 164 -5.62 -22.43 -13.71
N ILE A 165 -4.32 -22.45 -13.42
CA ILE A 165 -3.49 -23.57 -13.81
C ILE A 165 -3.95 -24.83 -13.07
N VAL A 166 -4.25 -24.70 -11.78
CA VAL A 166 -4.80 -25.81 -11.03
C VAL A 166 -6.13 -26.32 -11.66
N ASN A 167 -7.02 -25.42 -12.03
CA ASN A 167 -8.27 -25.81 -12.62
C ASN A 167 -8.07 -26.54 -13.98
N GLN A 168 -7.05 -26.13 -14.72
CA GLN A 168 -6.71 -26.85 -15.94
C GLN A 168 -6.17 -28.25 -15.63
N ILE A 169 -5.21 -28.34 -14.72
CA ILE A 169 -4.62 -29.61 -14.32
C ILE A 169 -5.71 -30.58 -13.83
N THR A 170 -6.67 -30.08 -13.05
CA THR A 170 -7.66 -30.97 -12.46
C THR A 170 -8.67 -31.58 -13.45
N GLN A 171 -8.79 -31.04 -14.65
CA GLN A 171 -9.74 -31.59 -15.59
C GLN A 171 -9.44 -33.03 -15.93
N LYS A 172 -8.19 -33.31 -16.33
CA LYS A 172 -7.84 -34.69 -16.66
C LYS A 172 -7.67 -35.49 -15.39
N LEU A 173 -7.21 -34.83 -14.33
CA LEU A 173 -7.00 -35.54 -13.08
C LEU A 173 -8.29 -36.16 -12.54
N ARG A 174 -9.39 -35.42 -12.61
CA ARG A 174 -10.66 -35.87 -12.06
C ARG A 174 -11.17 -37.10 -12.75
N GLN A 175 -10.73 -37.35 -13.99
CA GLN A 175 -11.16 -38.54 -14.71
C GLN A 175 -10.67 -39.81 -14.01
N ILE A 176 -9.51 -39.70 -13.37
CA ILE A 176 -8.84 -40.87 -12.81
C ILE A 176 -8.67 -40.87 -11.29
N ALA A 177 -9.08 -39.79 -10.62
CA ALA A 177 -8.86 -39.66 -9.17
C ALA A 177 -9.98 -38.85 -8.54
N GLU A 178 -10.30 -39.19 -7.30
CA GLU A 178 -11.11 -38.35 -6.44
C GLU A 178 -10.18 -37.38 -5.75
N ILE A 179 -10.51 -36.11 -5.76
CA ILE A 179 -9.80 -35.15 -4.94
C ILE A 179 -10.52 -35.18 -3.60
N VAL A 180 -9.91 -35.80 -2.60
CA VAL A 180 -10.61 -36.04 -1.34
C VAL A 180 -10.45 -34.87 -0.38
N HIS A 181 -9.45 -34.03 -0.63
CA HIS A 181 -9.20 -32.88 0.21
C HIS A 181 -8.38 -31.85 -0.53
N ARG A 182 -8.63 -30.56 -0.26
CA ARG A 182 -7.84 -29.47 -0.80
C ARG A 182 -7.47 -28.47 0.30
N GLU A 183 -6.25 -27.97 0.22
CA GLU A 183 -5.85 -26.77 0.94
C GLU A 183 -5.29 -25.72 -0.03
N ASP A 184 -5.45 -24.45 0.37
CA ASP A 184 -4.84 -23.33 -0.32
C ASP A 184 -3.95 -22.62 0.71
N GLY A 185 -2.68 -22.96 0.69
CA GLY A 185 -1.71 -22.44 1.62
C GLY A 185 -1.23 -21.06 1.22
N PHE A 186 -0.86 -20.29 2.24
CA PHE A 186 -0.34 -18.95 2.02
C PHE A 186 0.68 -18.60 3.09
N ILE A 187 1.38 -17.49 2.87
CA ILE A 187 2.42 -17.03 3.79
C ILE A 187 1.88 -15.87 4.56
N LEU A 188 1.78 -16.05 5.86
CA LEU A 188 1.42 -15.02 6.78
C LEU A 188 2.63 -14.17 7.16
N ARG A 189 2.44 -12.86 7.17
CA ARG A 189 3.48 -11.90 7.52
C ARG A 189 3.01 -10.91 8.55
N ASN A 190 3.94 -10.44 9.37
CA ASN A 190 3.62 -9.41 10.33
C ASN A 190 3.87 -8.04 9.69
N GLN A 191 3.58 -6.98 10.41
CA GLN A 191 3.71 -5.65 9.82
C GLN A 191 5.15 -5.30 9.43
N ALA A 192 6.15 -5.90 10.09
CA ALA A 192 7.55 -5.74 9.66
C ALA A 192 7.93 -6.53 8.43
N GLY A 193 6.99 -7.30 7.86
CA GLY A 193 7.24 -8.13 6.68
C GLY A 193 7.88 -9.47 6.95
N GLN A 194 8.01 -9.85 8.24
CA GLN A 194 8.61 -11.13 8.55
C GLN A 194 7.55 -12.23 8.36
N ILE A 195 7.99 -13.41 7.95
CA ILE A 195 7.10 -14.56 7.84
C ILE A 195 6.80 -15.08 9.24
N ILE A 196 5.50 -15.23 9.57
CA ILE A 196 5.12 -15.64 10.90
C ILE A 196 4.16 -16.83 10.84
N GLU A 197 3.91 -17.40 12.00
CA GLU A 197 2.81 -18.37 12.14
C GLU A 197 1.72 -17.63 12.94
N HIS A 198 0.53 -18.21 13.03
CA HIS A 198 -0.65 -17.51 13.54
C HIS A 198 -0.55 -16.95 14.96
N PHE A 199 0.26 -17.55 15.83
CA PHE A 199 0.45 -16.98 17.16
C PHE A 199 1.32 -15.74 17.16
N GLY A 200 1.85 -15.37 16.00
CA GLY A 200 2.53 -14.09 15.81
C GLY A 200 4.05 -14.18 15.86
N PHE A 201 4.60 -15.38 15.95
CA PHE A 201 6.04 -15.55 16.01
C PHE A 201 6.65 -15.79 14.64
N VAL A 202 7.76 -15.13 14.38
CA VAL A 202 8.53 -15.38 13.15
C VAL A 202 8.85 -16.86 13.06
N HIS A 203 8.74 -17.40 11.85
CA HIS A 203 8.72 -18.84 11.66
C HIS A 203 9.55 -19.24 10.49
N GLY A 204 10.29 -20.34 10.64
CA GLY A 204 11.17 -20.84 9.60
C GLY A 204 12.60 -20.37 9.76
N VAL A 205 12.96 -19.87 10.94
CA VAL A 205 14.26 -19.27 11.14
C VAL A 205 15.41 -20.32 11.07
N SER A 206 15.29 -21.39 11.88
CA SER A 206 16.37 -22.38 12.02
C SER A 206 16.11 -23.64 11.20
N GLN A 207 16.92 -23.82 10.17
CA GLN A 207 16.76 -24.95 9.24
C GLN A 207 18.08 -25.67 8.98
N PRO A 208 18.03 -26.99 8.80
CA PRO A 208 19.15 -27.63 8.10
C PRO A 208 19.38 -27.02 6.73
N LEU A 209 20.63 -26.78 6.37
CA LEU A 209 20.95 -26.14 5.09
C LEU A 209 21.76 -27.08 4.23
N PHE A 210 21.51 -27.01 2.94
CA PHE A 210 22.12 -27.90 1.94
C PHE A 210 22.70 -27.19 0.73
N MET A 211 22.01 -26.19 0.23
CA MET A 211 22.40 -25.49 -0.98
C MET A 211 23.26 -24.28 -0.68
N LYS A 212 24.26 -24.08 -1.51
CA LYS A 212 25.21 -22.95 -1.37
C LYS A 212 24.52 -21.60 -1.13
N ARG A 213 23.48 -21.29 -1.88
CA ARG A 213 22.84 -19.96 -1.78
C ARG A 213 22.35 -19.75 -0.35
N ASP A 214 21.81 -20.81 0.26
CA ASP A 214 21.39 -20.73 1.66
C ASP A 214 22.54 -20.70 2.62
N VAL A 215 23.51 -21.58 2.41
CA VAL A 215 24.66 -21.69 3.33
C VAL A 215 25.40 -20.37 3.42
N VAL A 216 25.71 -19.80 2.26
CA VAL A 216 26.49 -18.55 2.25
C VAL A 216 25.71 -17.38 2.87
N ARG A 217 24.43 -17.25 2.53
CA ARG A 217 23.57 -16.20 3.09
C ARG A 217 23.52 -16.34 4.59
N GLU A 218 23.27 -17.55 5.09
CA GLU A 218 23.16 -17.75 6.51
C GLU A 218 24.47 -17.52 7.23
N ARG A 219 25.58 -17.93 6.62
CA ARG A 219 26.89 -17.73 7.22
C ARG A 219 27.22 -16.24 7.45
N VAL A 220 27.00 -15.41 6.43
CA VAL A 220 27.34 -14.00 6.53
C VAL A 220 26.46 -13.34 7.59
N ASN A 221 25.25 -13.83 7.79
CA ASN A 221 24.32 -13.26 8.79
C ASN A 221 24.34 -13.89 10.16
N ASN A 222 25.15 -14.92 10.31
CA ASN A 222 25.29 -15.62 11.58
C ASN A 222 26.72 -15.81 12.01
N CYS A 223 27.54 -14.76 11.81
CA CYS A 223 28.82 -14.67 12.48
C CYS A 223 29.72 -15.87 12.13
N ASP A 224 29.71 -16.26 10.85
CA ASP A 224 30.49 -17.40 10.39
C ASP A 224 30.13 -18.74 11.11
N PHE A 225 28.91 -18.86 11.57
CA PHE A 225 28.40 -20.08 12.28
C PHE A 225 29.20 -20.38 13.54
N ASP A 226 29.74 -19.37 14.21
CA ASP A 226 30.65 -19.64 15.33
C ASP A 226 29.98 -20.24 16.59
N LYS A 227 28.66 -20.19 16.69
CA LYS A 227 27.95 -20.84 17.80
C LYS A 227 27.11 -22.07 17.42
N TRP A 228 26.72 -22.17 16.16
CA TRP A 228 25.86 -23.24 15.67
C TRP A 228 26.11 -23.43 14.19
N ASP A 229 26.35 -24.68 13.79
CA ASP A 229 26.48 -25.04 12.38
C ASP A 229 25.16 -25.58 11.84
N PRO A 230 24.45 -24.80 10.97
CA PRO A 230 23.17 -25.26 10.45
C PRO A 230 23.24 -26.21 9.24
N LYS A 231 24.42 -26.44 8.70
CA LYS A 231 24.57 -27.38 7.61
C LYS A 231 24.19 -28.78 8.05
N ALA A 232 23.73 -29.57 7.11
CA ALA A 232 23.39 -30.98 7.35
C ALA A 232 23.82 -31.83 6.16
N PRO A 233 24.16 -33.11 6.41
CA PRO A 233 24.54 -33.98 5.29
C PRO A 233 23.34 -34.36 4.49
N LEU A 234 23.55 -34.68 3.22
CA LEU A 234 22.46 -35.09 2.36
C LEU A 234 21.70 -36.31 2.86
N ASP A 235 22.37 -37.21 3.54
CA ASP A 235 21.69 -38.40 4.06
C ASP A 235 20.76 -38.15 5.25
N SER A 236 20.69 -36.90 5.72
CA SER A 236 19.70 -36.53 6.70
C SER A 236 18.36 -36.10 6.06
N ILE A 237 18.31 -36.06 4.74
CA ILE A 237 17.09 -35.70 4.06
C ILE A 237 16.78 -36.58 2.81
N LEU A 238 17.81 -37.02 2.10
CA LEU A 238 17.60 -37.85 0.90
C LEU A 238 17.72 -39.33 1.15
N VAL A 239 16.97 -40.12 0.39
CA VAL A 239 17.20 -41.55 0.28
C VAL A 239 17.12 -41.94 -1.19
N GLU A 240 17.85 -42.98 -1.50
CA GLU A 240 17.78 -43.54 -2.85
C GLU A 240 16.34 -43.93 -3.15
N ASP A 241 15.86 -43.54 -4.32
CA ASP A 241 14.56 -44.03 -4.75
C ASP A 241 14.79 -45.47 -5.27
N PRO A 242 14.26 -46.49 -4.55
CA PRO A 242 14.49 -47.88 -5.02
C PRO A 242 13.99 -48.15 -6.44
N ASN A 243 13.13 -47.29 -7.00
CA ASN A 243 12.61 -47.48 -8.39
C ASN A 243 13.02 -46.35 -9.32
N GLY A 244 14.02 -45.56 -8.95
CA GLY A 244 14.54 -44.53 -9.86
C GLY A 244 15.25 -45.17 -11.05
N ASN A 245 15.48 -44.42 -12.13
CA ASN A 245 16.12 -44.94 -13.34
C ASN A 245 17.47 -44.29 -13.71
N THR A 246 18.12 -43.63 -12.75
CA THR A 246 19.43 -42.98 -13.03
C THR A 246 20.36 -43.50 -11.98
N LYS A 247 21.64 -43.18 -12.13
CA LYS A 247 22.63 -43.62 -11.16
C LYS A 247 22.45 -42.83 -9.84
N ASP A 248 21.74 -41.71 -9.91
CA ASP A 248 21.62 -40.79 -8.82
C ASP A 248 20.19 -40.34 -8.63
N SER A 249 19.28 -41.29 -8.49
CA SER A 249 17.83 -40.99 -8.30
C SER A 249 17.44 -41.02 -6.84
N TYR A 250 17.06 -39.86 -6.31
CA TYR A 250 16.78 -39.72 -4.89
C TYR A 250 15.43 -39.13 -4.65
N GLY A 251 14.94 -39.37 -3.43
CA GLY A 251 13.70 -38.82 -2.93
C GLY A 251 13.85 -38.48 -1.44
N SER A 252 12.73 -38.15 -0.82
CA SER A 252 12.68 -37.80 0.58
C SER A 252 11.32 -38.12 1.14
N TYR A 253 11.25 -38.34 2.45
CA TYR A 253 10.00 -38.62 3.12
C TYR A 253 9.36 -37.35 3.67
N LEU A 254 8.08 -37.20 3.36
CA LEU A 254 7.28 -36.06 3.76
C LEU A 254 6.36 -36.43 4.90
N VAL A 255 6.34 -35.62 5.94
CA VAL A 255 5.31 -35.65 6.98
C VAL A 255 4.41 -34.46 6.71
N TYR A 256 3.10 -34.69 6.58
CA TYR A 256 2.10 -33.63 6.39
C TYR A 256 1.10 -33.73 7.54
N ARG A 257 0.92 -32.63 8.28
CA ARG A 257 -0.02 -32.57 9.41
C ARG A 257 -0.72 -31.24 9.40
N LYS A 258 -2.06 -31.29 9.45
CA LYS A 258 -2.83 -30.06 9.56
C LYS A 258 -3.02 -29.71 11.04
N LEU A 259 -2.42 -28.61 11.47
CA LEU A 259 -2.36 -28.27 12.90
C LEU A 259 -3.15 -26.98 13.13
N GLU A 260 -4.33 -27.14 13.73
CA GLU A 260 -5.19 -26.02 14.04
C GLU A 260 -4.71 -25.26 15.27
N GLN A 261 -4.71 -23.93 15.17
CA GLN A 261 -4.18 -23.09 16.23
C GLN A 261 -5.25 -22.19 16.82
N ASN A 262 -5.50 -22.35 18.12
CA ASN A 262 -6.50 -21.52 18.81
C ASN A 262 -5.78 -20.25 19.29
N VAL A 263 -5.76 -19.25 18.43
CA VAL A 263 -5.00 -18.03 18.67
C VAL A 263 -5.59 -17.25 19.83
N LYS A 264 -6.91 -17.17 19.89
CA LYS A 264 -7.57 -16.41 20.95
C LYS A 264 -7.20 -16.97 22.33
N ALA A 265 -7.30 -18.29 22.48
CA ALA A 265 -7.03 -18.93 23.75
C ALA A 265 -5.55 -18.93 24.09
N PHE A 266 -4.71 -19.10 23.09
CA PHE A 266 -3.25 -19.02 23.28
C PHE A 266 -2.87 -17.66 23.85
N ARG A 267 -3.35 -16.59 23.23
CA ARG A 267 -3.03 -15.23 23.69
C ARG A 267 -3.50 -15.02 25.14
N GLU A 268 -4.70 -15.49 25.48
CA GLU A 268 -5.23 -15.38 26.86
C GLU A 268 -4.33 -16.11 27.86
N ASP A 269 -3.87 -17.31 27.48
CA ASP A 269 -3.04 -18.16 28.37
C ASP A 269 -1.66 -17.49 28.55
N GLN A 270 -1.10 -16.96 27.45
CA GLN A 270 0.13 -16.20 27.49
C GLN A 270 0.02 -14.98 28.43
N ARG A 271 -1.08 -14.24 28.34
CA ARG A 271 -1.30 -13.09 29.25
C ARG A 271 -1.43 -13.53 30.70
N LYS A 272 -2.13 -14.63 30.92
CA LYS A 272 -2.29 -15.13 32.26
C LYS A 272 -0.94 -15.58 32.86
N LEU A 273 -0.15 -16.28 32.06
CA LEU A 273 1.19 -16.69 32.46
C LEU A 273 2.03 -15.48 32.83
N ALA A 274 1.96 -14.45 31.99
CA ALA A 274 2.70 -13.22 32.25
C ALA A 274 2.27 -12.57 33.57
N GLN A 275 0.97 -12.54 33.81
CA GLN A 275 0.46 -11.92 35.04
C GLN A 275 0.89 -12.73 36.25
N LYS A 276 0.82 -14.05 36.16
CA LYS A 276 1.22 -14.93 37.28
C LYS A 276 2.68 -14.77 37.65
N LEU A 277 3.54 -14.70 36.62
CA LEU A 277 4.96 -14.49 36.85
C LEU A 277 5.35 -13.03 37.08
N ASN A 278 4.40 -12.12 36.91
CA ASN A 278 4.67 -10.71 36.94
C ASN A 278 5.81 -10.32 36.00
N ILE A 279 5.67 -10.69 34.72
CA ILE A 279 6.58 -10.30 33.66
C ILE A 279 5.83 -9.69 32.45
N GLN A 280 6.58 -9.11 31.52
CA GLN A 280 6.01 -8.60 30.29
C GLN A 280 5.41 -9.73 29.47
N GLU A 281 4.27 -9.44 28.84
CA GLU A 281 3.62 -10.40 27.96
C GLU A 281 4.54 -10.91 26.86
N ASN A 282 5.34 -10.01 26.29
CA ASN A 282 6.27 -10.44 25.25
C ASN A 282 7.33 -11.46 25.75
N LEU A 283 7.80 -11.31 26.98
CA LEU A 283 8.73 -12.28 27.56
C LEU A 283 8.04 -13.61 27.85
N ALA A 284 6.80 -13.58 28.34
CA ALA A 284 6.03 -14.83 28.51
C ALA A 284 5.97 -15.63 27.19
N GLY A 285 5.63 -14.94 26.10
CA GLY A 285 5.68 -15.54 24.76
C GLY A 285 7.01 -16.17 24.42
N ALA A 286 8.10 -15.44 24.71
CA ALA A 286 9.42 -15.95 24.46
C ALA A 286 9.80 -17.18 25.31
N LEU A 287 9.25 -17.26 26.50
CA LEU A 287 9.46 -18.45 27.33
C LEU A 287 8.71 -19.69 26.83
N ILE A 288 7.60 -19.47 26.17
CA ILE A 288 6.81 -20.57 25.62
C ILE A 288 7.57 -21.10 24.37
N VAL A 289 7.95 -20.18 23.49
CA VAL A 289 8.46 -20.54 22.18
C VAL A 289 9.96 -20.76 22.16
N GLY A 290 10.70 -19.96 22.92
CA GLY A 290 12.16 -19.95 22.91
C GLY A 290 12.69 -18.72 22.20
N ARG A 291 11.78 -17.99 21.53
CA ARG A 291 12.10 -16.73 20.87
C ARG A 291 10.95 -15.75 21.11
N PHE A 292 11.30 -14.47 21.15
CA PHE A 292 10.29 -13.42 21.04
C PHE A 292 9.62 -13.47 19.70
N ALA A 293 8.49 -12.78 19.60
CA ALA A 293 7.72 -12.70 18.36
C ALA A 293 8.61 -12.35 17.16
N ASP A 294 9.56 -11.43 17.36
CA ASP A 294 10.40 -10.98 16.24
C ASP A 294 11.50 -11.97 15.87
N GLY A 295 11.67 -13.01 16.68
CA GLY A 295 12.74 -13.97 16.48
C GLY A 295 13.91 -13.93 17.44
N THR A 296 13.99 -12.89 18.30
CA THR A 296 15.06 -12.77 19.26
C THR A 296 15.11 -14.02 20.16
N PRO A 297 16.28 -14.72 20.23
CA PRO A 297 16.35 -15.89 21.10
C PRO A 297 16.34 -15.52 22.58
N VAL A 298 15.46 -16.15 23.35
CA VAL A 298 15.32 -15.80 24.75
C VAL A 298 16.54 -16.28 25.55
N THR A 299 17.33 -17.20 25.01
CA THR A 299 18.59 -17.57 25.70
C THR A 299 19.54 -16.38 25.73
N LEU A 300 19.40 -15.46 24.76
CA LEU A 300 20.31 -14.35 24.62
C LEU A 300 19.81 -13.06 25.23
N SER A 301 18.51 -12.92 25.45
CA SER A 301 17.95 -11.65 25.81
C SER A 301 16.64 -11.84 26.53
N ASP A 302 16.38 -10.95 27.49
CA ASP A 302 15.08 -10.85 28.13
C ASP A 302 14.18 -9.78 27.54
N ILE A 303 14.62 -9.18 26.43
CA ILE A 303 13.83 -8.21 25.68
C ILE A 303 13.90 -8.49 24.20
N PRO A 304 12.83 -8.15 23.49
CA PRO A 304 12.92 -8.25 22.04
C PRO A 304 13.90 -7.24 21.45
N THR A 305 14.55 -7.60 20.36
CA THR A 305 15.50 -6.70 19.70
C THR A 305 14.98 -6.21 18.35
N TYR A 306 13.89 -6.80 17.87
CA TYR A 306 13.20 -6.31 16.68
C TYR A 306 14.02 -6.40 15.40
N ALA A 307 15.04 -7.26 15.34
CA ALA A 307 15.78 -7.44 14.08
C ALA A 307 14.91 -8.16 13.06
N VAL A 308 14.77 -7.55 11.90
CA VAL A 308 13.92 -8.10 10.83
C VAL A 308 14.43 -9.48 10.40
N THR A 309 15.76 -9.63 10.28
CA THR A 309 16.39 -10.97 10.10
C THR A 309 16.95 -11.46 11.44
N PRO A 310 16.21 -12.32 12.13
CA PRO A 310 16.65 -12.77 13.44
C PRO A 310 17.92 -13.59 13.41
N THR A 311 18.67 -13.51 14.48
CA THR A 311 19.85 -14.33 14.58
C THR A 311 19.50 -15.82 14.81
N ASN A 312 20.33 -16.70 14.25
CA ASN A 312 20.33 -18.12 14.59
C ASN A 312 21.61 -18.60 15.19
N ASN A 313 22.48 -17.62 15.52
CA ASN A 313 23.80 -17.96 15.91
C ASN A 313 23.86 -18.07 17.42
N PHE A 314 23.40 -19.20 17.94
CA PHE A 314 23.50 -19.39 19.34
C PHE A 314 23.44 -20.84 19.67
N ASN A 315 23.85 -21.13 20.89
CA ASN A 315 23.62 -22.44 21.44
C ASN A 315 23.21 -22.16 22.88
N TYR A 316 23.11 -23.19 23.69
CA TYR A 316 22.67 -22.95 25.05
C TYR A 316 23.83 -23.10 26.08
N ASP A 317 25.07 -23.01 25.58
CA ASP A 317 26.28 -23.09 26.43
C ASP A 317 26.37 -21.97 27.47
N GLY A 318 25.80 -20.80 27.20
CA GLY A 318 25.71 -19.72 28.18
C GLY A 318 24.49 -19.81 29.08
N ASP A 319 23.78 -20.94 29.03
CA ASP A 319 22.46 -21.12 29.64
C ASP A 319 22.27 -22.57 30.04
N LEU A 320 23.31 -23.14 30.67
CA LEU A 320 23.30 -24.56 31.01
C LEU A 320 22.20 -24.92 32.02
N ALA A 321 21.90 -24.02 32.93
CA ALA A 321 20.85 -24.30 33.90
C ALA A 321 19.45 -23.93 33.37
N ALA A 322 19.38 -23.44 32.12
CA ALA A 322 18.11 -23.11 31.47
C ALA A 322 17.26 -22.14 32.30
N THR A 323 17.90 -21.12 32.86
CA THR A 323 17.17 -20.03 33.51
C THR A 323 16.88 -18.84 32.59
N LYS A 324 17.40 -18.87 31.35
CA LYS A 324 17.09 -17.85 30.36
C LYS A 324 16.08 -18.42 29.36
N CYS A 325 16.51 -19.43 28.61
CA CYS A 325 15.60 -20.25 27.80
C CYS A 325 15.33 -21.56 28.53
N PRO A 326 14.10 -21.71 29.05
CA PRO A 326 13.79 -22.94 29.75
C PRO A 326 13.99 -24.21 28.92
N PHE A 327 14.22 -25.35 29.61
CA PHE A 327 14.30 -26.62 28.90
C PHE A 327 13.01 -26.99 28.15
N HIS A 328 11.88 -26.46 28.61
CA HIS A 328 10.64 -26.79 27.94
C HIS A 328 10.30 -25.95 26.71
N SER A 329 11.01 -24.84 26.47
CA SER A 329 10.66 -23.95 25.41
C SER A 329 10.73 -24.68 24.09
N HIS A 330 9.80 -24.39 23.20
CA HIS A 330 9.70 -25.10 21.93
C HIS A 330 11.06 -25.26 21.18
N THR A 331 11.83 -24.19 21.05
CA THR A 331 13.10 -24.26 20.34
C THR A 331 14.09 -25.17 21.00
N ARG A 332 14.09 -25.17 22.32
CA ARG A 332 15.05 -25.97 23.04
C ARG A 332 14.64 -27.45 23.16
N LYS A 333 13.34 -27.73 23.15
CA LYS A 333 12.83 -29.09 23.07
C LYS A 333 13.09 -29.74 21.69
N THR A 334 12.87 -28.97 20.63
CA THR A 334 12.96 -29.51 19.28
C THR A 334 14.38 -29.46 18.74
N ASN A 335 15.20 -28.54 19.24
CA ASN A 335 16.60 -28.47 18.89
C ASN A 335 17.43 -28.17 20.13
N PRO A 336 17.87 -29.24 20.80
CA PRO A 336 18.56 -29.02 22.07
C PRO A 336 19.94 -28.36 21.96
N ARG A 337 20.45 -28.21 20.73
CA ARG A 337 21.77 -27.64 20.44
C ARG A 337 22.88 -28.11 21.39
N GLY A 338 22.87 -29.41 21.68
CA GLY A 338 23.87 -30.00 22.57
C GLY A 338 23.41 -30.46 23.94
N ASP A 339 22.20 -30.09 24.37
CA ASP A 339 21.75 -30.50 25.75
C ASP A 339 21.84 -32.02 25.92
N THR A 340 21.52 -32.79 24.89
CA THR A 340 21.50 -34.27 25.06
C THR A 340 22.92 -34.86 25.12
N ALA A 341 23.85 -34.16 24.49
CA ALA A 341 25.25 -34.56 24.49
C ALA A 341 25.92 -34.26 25.82
N ARG A 342 25.51 -33.22 26.51
CA ARG A 342 25.97 -32.98 27.88
C ARG A 342 25.31 -33.81 28.94
N LEU A 343 23.99 -33.84 28.88
CA LEU A 343 23.19 -34.19 30.05
C LEU A 343 22.93 -35.67 30.04
N LEU A 344 22.81 -36.26 28.86
CA LEU A 344 22.43 -37.65 28.75
C LEU A 344 23.56 -38.56 28.29
N THR A 345 24.80 -38.04 28.29
CA THR A 345 25.97 -38.80 27.88
C THR A 345 26.80 -39.04 29.10
N THR A 346 27.03 -40.31 29.40
CA THR A 346 27.85 -40.67 30.54
C THR A 346 29.18 -41.32 30.12
N ASP A 347 29.34 -41.69 28.86
CA ASP A 347 30.63 -42.25 28.39
C ASP A 347 31.57 -41.14 27.87
N GLY A 348 31.15 -39.88 28.06
CA GLY A 348 31.93 -38.70 27.71
C GLY A 348 32.13 -38.41 26.23
N HIS A 349 31.42 -39.12 25.35
CA HIS A 349 31.59 -38.94 23.92
C HIS A 349 30.70 -37.77 23.44
N PHE A 350 31.03 -36.55 23.87
CA PHE A 350 30.24 -35.35 23.51
C PHE A 350 30.07 -35.25 22.00
N ASP A 351 31.19 -35.30 21.27
CA ASP A 351 31.14 -35.08 19.82
C ASP A 351 30.25 -36.09 19.11
N GLU A 352 30.39 -37.36 19.46
CA GLU A 352 29.58 -38.41 18.84
C GLU A 352 28.10 -38.21 19.21
N ALA A 353 27.84 -37.90 20.47
CA ALA A 353 26.49 -37.70 20.95
C ALA A 353 25.82 -36.48 20.29
N PHE A 354 26.57 -35.40 20.09
CA PHE A 354 26.06 -34.21 19.41
C PHE A 354 25.73 -34.52 17.94
N LYS A 355 26.58 -35.30 17.27
CA LYS A 355 26.29 -35.71 15.88
C LYS A 355 24.97 -36.50 15.83
N GLU A 356 24.80 -37.41 16.78
CA GLU A 356 23.60 -38.20 16.88
C GLU A 356 22.38 -37.31 17.15
N GLU A 357 22.52 -36.38 18.10
CA GLU A 357 21.45 -35.41 18.37
C GLU A 357 21.05 -34.65 17.09
N ARG A 358 22.06 -34.18 16.36
CA ARG A 358 21.82 -33.42 15.12
C ARG A 358 21.17 -34.25 14.01
N GLY A 359 21.29 -35.59 14.11
CA GLY A 359 20.72 -36.49 13.12
C GLY A 359 19.20 -36.56 13.22
N HIS A 360 18.62 -36.02 14.30
CA HIS A 360 17.18 -35.98 14.47
C HIS A 360 16.50 -34.77 13.86
N ARG A 361 17.26 -33.85 13.29
CA ARG A 361 16.69 -32.61 12.75
C ARG A 361 15.71 -32.89 11.62
N ILE A 362 14.82 -31.94 11.41
CA ILE A 362 13.87 -31.99 10.31
C ILE A 362 13.98 -30.72 9.47
N THR A 363 13.62 -30.82 8.19
CA THR A 363 13.67 -29.69 7.28
C THR A 363 12.24 -29.26 7.01
N ARG A 364 11.87 -28.09 7.50
CA ARG A 364 10.45 -27.67 7.54
C ARG A 364 10.09 -26.90 6.24
N ARG A 365 8.90 -27.18 5.73
CA ARG A 365 8.38 -26.51 4.53
C ARG A 365 6.92 -26.15 4.73
N ALA A 366 6.61 -25.64 5.93
CA ALA A 366 5.24 -25.39 6.34
C ALA A 366 4.67 -24.12 5.73
N VAL A 367 3.35 -24.04 5.68
CA VAL A 367 2.66 -22.83 5.21
C VAL A 367 1.41 -22.68 6.05
N SER A 368 0.77 -21.53 5.96
CA SER A 368 -0.42 -21.28 6.79
C SER A 368 -1.73 -21.57 6.05
N TYR A 369 -2.77 -21.81 6.83
CA TYR A 369 -4.15 -21.85 6.33
C TYR A 369 -5.09 -21.06 7.23
N GLY A 370 -6.25 -20.73 6.67
CA GLY A 370 -7.28 -20.03 7.40
C GLY A 370 -7.13 -18.51 7.35
N GLU A 371 -7.34 -17.85 8.48
CA GLU A 371 -7.36 -16.39 8.57
C GLU A 371 -6.06 -15.79 8.08
N ASN A 372 -6.12 -14.87 7.13
CA ASN A 372 -4.91 -14.26 6.60
C ASN A 372 -4.55 -12.89 7.18
N ASN A 373 -5.45 -12.31 7.95
CA ASN A 373 -5.13 -11.10 8.72
C ASN A 373 -4.53 -11.49 10.08
N PRO A 374 -3.22 -11.24 10.26
CA PRO A 374 -2.57 -11.70 11.49
C PRO A 374 -2.95 -10.94 12.77
N SER A 375 -3.71 -9.85 12.65
CA SER A 375 -4.20 -9.15 13.85
C SER A 375 -5.40 -9.85 14.46
N LYS A 376 -6.05 -10.75 13.72
CA LYS A 376 -7.26 -11.40 14.21
C LYS A 376 -6.91 -12.58 15.09
N GLU A 377 -7.89 -13.09 15.82
CA GLU A 377 -7.66 -14.15 16.80
C GLU A 377 -8.66 -15.27 16.61
N PRO A 378 -8.48 -16.07 15.53
CA PRO A 378 -9.38 -17.19 15.30
C PRO A 378 -9.31 -18.23 16.43
N VAL A 379 -10.46 -18.81 16.76
CA VAL A 379 -10.54 -19.95 17.69
C VAL A 379 -10.31 -21.27 16.94
N SER A 380 -10.99 -21.44 15.80
CA SER A 380 -10.87 -22.67 14.99
C SER A 380 -10.83 -22.30 13.51
N GLY A 381 -10.42 -23.25 12.68
CA GLY A 381 -10.38 -23.08 11.24
C GLY A 381 -9.13 -22.40 10.68
N SER A 382 -8.18 -22.07 11.57
CA SER A 382 -6.91 -21.48 11.17
C SER A 382 -5.75 -22.21 11.80
N GLY A 383 -4.65 -22.26 11.06
CA GLY A 383 -3.44 -22.90 11.57
C GLY A 383 -2.30 -23.08 10.62
N LEU A 384 -1.53 -24.14 10.85
CA LEU A 384 -0.35 -24.42 10.13
C LEU A 384 -0.51 -25.71 9.36
N LEU A 385 -0.22 -25.63 8.05
CA LEU A 385 -0.02 -26.85 7.26
C LEU A 385 1.42 -27.25 7.43
N PHE A 386 1.66 -28.16 8.37
CA PHE A 386 3.01 -28.58 8.75
C PHE A 386 3.52 -29.60 7.75
N LEU A 387 4.57 -29.24 7.03
CA LEU A 387 5.26 -30.20 6.14
C LEU A 387 6.71 -30.25 6.55
N CYS A 388 7.28 -31.45 6.65
CA CYS A 388 8.72 -31.54 6.81
C CYS A 388 9.27 -32.75 6.06
N PHE A 389 10.56 -32.66 5.73
CA PHE A 389 11.30 -33.67 5.03
C PHE A 389 12.41 -34.27 5.89
N GLN A 390 12.72 -35.53 5.62
CA GLN A 390 13.72 -36.27 6.34
C GLN A 390 14.00 -37.56 5.58
N SER A 391 15.14 -38.18 5.87
CA SER A 391 15.44 -39.48 5.30
C SER A 391 14.88 -40.65 6.13
N ASN A 392 14.48 -40.38 7.37
CA ASN A 392 14.05 -41.41 8.30
C ASN A 392 13.02 -40.83 9.27
N ILE A 393 11.76 -41.15 9.06
CA ILE A 393 10.70 -40.56 9.87
C ILE A 393 10.81 -41.01 11.31
N GLU A 394 11.11 -42.27 11.52
CA GLU A 394 11.25 -42.79 12.88
C GLU A 394 12.29 -42.03 13.70
N ASN A 395 13.39 -41.70 13.05
CA ASN A 395 14.50 -41.02 13.70
C ASN A 395 14.44 -39.49 13.66
N GLN A 396 13.54 -38.93 12.87
CA GLN A 396 13.46 -37.46 12.71
C GLN A 396 12.11 -36.95 13.21
N PHE A 397 11.12 -36.65 12.38
CA PHE A 397 9.87 -36.12 12.92
C PHE A 397 9.30 -36.95 14.09
N ASN A 398 9.12 -38.26 13.92
CA ASN A 398 8.46 -39.04 14.97
C ASN A 398 9.25 -38.98 16.27
N PHE A 399 10.57 -39.04 16.15
CA PHE A 399 11.50 -38.94 17.28
C PHE A 399 11.35 -37.60 18.00
N MET A 400 11.33 -36.52 17.23
CA MET A 400 11.26 -35.19 17.75
C MET A 400 9.94 -35.01 18.55
N GLN A 401 8.82 -35.42 17.96
CA GLN A 401 7.52 -35.29 18.64
C GLN A 401 7.45 -36.21 19.86
N SER A 402 7.76 -37.49 19.65
CA SER A 402 7.46 -38.50 20.66
C SER A 402 8.49 -38.59 21.79
N ARG A 403 9.75 -38.33 21.49
CA ARG A 403 10.83 -38.49 22.47
C ARG A 403 11.29 -37.18 23.07
N TRP A 404 11.10 -36.09 22.35
CA TRP A 404 11.56 -34.75 22.81
C TRP A 404 10.40 -33.85 23.26
N ALA A 405 9.50 -33.54 22.34
CA ALA A 405 8.40 -32.64 22.66
C ALA A 405 7.41 -33.17 23.71
N ASN A 406 6.92 -34.38 23.53
CA ASN A 406 5.91 -34.91 24.44
C ASN A 406 6.36 -35.24 25.85
N PRO A 407 7.55 -35.89 26.02
CA PRO A 407 7.77 -36.43 27.36
C PRO A 407 8.07 -35.40 28.44
N GLN A 408 7.51 -35.64 29.63
CA GLN A 408 7.76 -34.70 30.75
C GLN A 408 9.22 -34.74 31.22
N ASN A 409 9.95 -35.84 30.98
CA ASN A 409 11.30 -35.99 31.50
C ASN A 409 12.39 -35.78 30.45
N PHE A 410 12.04 -35.12 29.34
CA PHE A 410 13.06 -34.69 28.40
C PHE A 410 13.20 -33.16 28.41
N VAL A 411 14.41 -32.60 28.39
CA VAL A 411 15.71 -33.31 28.47
C VAL A 411 16.06 -33.71 29.90
N GLN A 412 15.39 -33.13 30.89
CA GLN A 412 15.63 -33.56 32.27
C GLN A 412 14.29 -33.81 32.98
N VAL A 413 14.37 -34.56 34.07
CA VAL A 413 13.20 -34.95 34.83
C VAL A 413 12.41 -33.69 35.19
N ASN A 414 11.09 -33.80 35.07
CA ASN A 414 10.15 -32.71 35.38
C ASN A 414 10.28 -31.44 34.55
N THR A 415 10.83 -31.55 33.35
CA THR A 415 10.78 -30.46 32.38
C THR A 415 9.37 -30.15 31.94
N GLY A 416 8.58 -31.22 31.77
CA GLY A 416 7.21 -31.10 31.29
C GLY A 416 7.21 -31.14 29.78
N PRO A 417 6.02 -31.28 29.18
CA PRO A 417 5.93 -31.25 27.73
C PRO A 417 6.24 -29.88 27.14
N ASP A 418 6.66 -29.88 25.87
CA ASP A 418 6.72 -28.66 25.06
C ASP A 418 5.33 -27.96 25.17
N PRO A 419 5.27 -26.69 25.68
CA PRO A 419 3.96 -26.06 25.93
C PRO A 419 3.26 -25.62 24.65
N LEU A 420 4.01 -25.58 23.55
CA LEU A 420 3.42 -25.26 22.26
C LEU A 420 2.82 -26.48 21.57
N ILE A 421 3.57 -27.60 21.48
CA ILE A 421 3.13 -28.75 20.67
C ILE A 421 3.12 -30.09 21.41
N GLY A 422 3.51 -30.11 22.69
CA GLY A 422 3.57 -31.34 23.42
C GLY A 422 2.19 -31.93 23.72
N GLN A 423 2.03 -33.22 23.48
CA GLN A 423 0.78 -33.95 23.81
C GLN A 423 1.09 -35.15 24.67
N PRO A 424 0.39 -35.32 25.82
CA PRO A 424 -0.63 -34.41 26.35
C PRO A 424 -0.01 -33.19 27.01
N SER A 425 -0.83 -32.16 27.23
CA SER A 425 -0.39 -30.99 27.94
C SER A 425 -0.06 -31.35 29.38
N GLY A 426 0.74 -30.50 30.01
CA GLY A 426 1.16 -30.74 31.40
C GLY A 426 1.79 -29.53 32.05
N THR A 427 2.77 -29.78 32.92
CA THR A 427 3.25 -28.78 33.83
C THR A 427 4.65 -28.36 33.41
N GLN A 428 4.87 -27.05 33.28
CA GLN A 428 6.22 -26.49 33.10
C GLN A 428 6.63 -25.67 34.30
N LYS A 429 7.94 -25.54 34.48
CA LYS A 429 8.51 -24.66 35.51
C LYS A 429 9.11 -23.45 34.82
N TRP A 430 8.67 -22.27 35.21
CA TRP A 430 9.00 -21.02 34.54
C TRP A 430 9.86 -20.16 35.46
N PRO A 431 10.97 -19.60 34.94
CA PRO A 431 11.79 -18.75 35.78
C PRO A 431 11.06 -17.44 36.10
N LYS A 432 10.99 -17.09 37.38
CA LYS A 432 10.39 -15.83 37.76
C LYS A 432 11.18 -14.65 37.21
N LYS A 433 12.50 -14.74 37.28
CA LYS A 433 13.39 -13.66 36.83
C LYS A 433 14.38 -14.30 35.89
N TRP A 434 14.40 -13.81 34.67
CA TRP A 434 15.27 -14.27 33.64
C TRP A 434 16.70 -14.29 34.13
N GLY A 435 17.36 -15.43 33.94
CA GLY A 435 18.74 -15.60 34.33
C GLY A 435 18.94 -15.97 35.80
N GLU A 436 17.85 -16.23 36.54
CA GLU A 436 17.94 -16.60 37.97
C GLU A 436 17.17 -17.90 38.19
N PRO A 437 17.55 -18.70 39.20
CA PRO A 437 17.08 -20.09 39.24
C PRO A 437 15.65 -20.32 39.72
N GLU A 438 15.11 -19.41 40.54
CA GLU A 438 13.80 -19.69 41.13
C GLU A 438 12.72 -19.81 40.06
N THR A 439 11.92 -20.88 40.15
CA THR A 439 10.84 -21.11 39.21
C THR A 439 9.49 -21.15 39.89
N GLU A 440 8.47 -21.10 39.07
CA GLU A 440 7.11 -21.28 39.51
C GLU A 440 6.40 -22.19 38.50
N GLU A 441 5.58 -23.12 38.98
CA GLU A 441 4.86 -24.06 38.09
C GLU A 441 3.65 -23.38 37.44
N TYR A 442 3.41 -23.67 36.16
CA TYR A 442 2.20 -23.23 35.47
C TYR A 442 1.93 -24.24 34.38
N ASN A 443 0.69 -24.68 34.29
CA ASN A 443 0.28 -25.66 33.27
C ASN A 443 -0.16 -24.89 32.03
N PHE A 444 0.75 -24.69 31.07
CA PHE A 444 0.38 -23.99 29.88
C PHE A 444 -0.40 -24.98 29.01
N GLN A 445 -1.58 -24.57 28.55
CA GLN A 445 -2.44 -25.47 27.84
C GLN A 445 -2.01 -25.63 26.39
N LEU A 446 -2.35 -26.79 25.83
CA LEU A 446 -2.07 -27.10 24.42
C LEU A 446 -3.15 -26.47 23.57
N TRP A 447 -2.75 -25.53 22.71
CA TRP A 447 -3.67 -24.79 21.88
C TRP A 447 -3.53 -25.13 20.38
N ILE A 448 -2.91 -26.28 20.10
CA ILE A 448 -2.76 -26.83 18.75
C ILE A 448 -3.44 -28.18 18.68
N ASN A 449 -4.30 -28.39 17.68
CA ASN A 449 -5.05 -29.63 17.53
C ASN A 449 -4.69 -30.27 16.19
N MET A 450 -4.30 -31.53 16.23
CA MET A 450 -4.02 -32.31 15.02
C MET A 450 -5.34 -32.65 14.33
N LYS A 451 -5.50 -32.17 13.10
CA LYS A 451 -6.74 -32.35 12.34
C LYS A 451 -6.63 -33.37 11.21
N GLY A 452 -5.45 -33.92 11.00
CA GLY A 452 -5.25 -34.95 10.00
C GLY A 452 -3.94 -34.81 9.24
N GLY A 453 -3.55 -35.87 8.56
CA GLY A 453 -2.30 -35.84 7.80
C GLY A 453 -1.92 -37.22 7.28
N GLU A 454 -0.75 -37.31 6.68
CA GLU A 454 -0.24 -38.57 6.18
C GLU A 454 1.22 -38.45 5.93
N TYR A 455 1.86 -39.62 5.87
CA TYR A 455 3.26 -39.73 5.48
C TYR A 455 3.35 -40.07 4.00
N PHE A 456 4.25 -39.42 3.29
CA PHE A 456 4.47 -39.67 1.87
C PHE A 456 5.94 -39.83 1.54
N PHE A 457 6.21 -40.31 0.31
CA PHE A 457 7.54 -40.28 -0.28
C PHE A 457 7.45 -39.41 -1.53
N ALA A 458 8.42 -38.51 -1.69
CA ALA A 458 8.63 -37.75 -2.92
C ALA A 458 9.52 -38.60 -3.82
N PRO A 459 8.96 -39.26 -4.86
CA PRO A 459 9.80 -40.10 -5.68
C PRO A 459 10.70 -39.32 -6.62
N SER A 460 11.71 -39.97 -7.16
CA SER A 460 12.54 -39.39 -8.20
C SER A 460 11.66 -39.13 -9.41
N ILE A 461 12.04 -38.14 -10.20
CA ILE A 461 11.28 -37.74 -11.36
C ILE A 461 11.26 -38.84 -12.44
N SER A 462 12.40 -39.51 -12.64
CA SER A 462 12.49 -40.59 -13.63
C SER A 462 11.53 -41.72 -13.31
N PHE A 463 11.37 -42.07 -12.04
CA PHE A 463 10.40 -43.06 -11.66
C PHE A 463 9.01 -42.68 -12.17
N LEU A 464 8.62 -41.44 -11.91
CA LEU A 464 7.31 -40.96 -12.28
C LEU A 464 7.11 -40.86 -13.79
N LYS A 465 8.14 -40.44 -14.50
CA LYS A 465 8.05 -40.29 -15.93
C LYS A 465 7.95 -41.61 -16.72
N THR A 466 8.33 -42.73 -16.10
CA THR A 466 8.35 -44.02 -16.81
C THR A 466 7.39 -45.02 -16.16
N LEU A 467 6.46 -44.51 -15.38
CA LEU A 467 5.50 -45.35 -14.69
C LEU A 467 4.53 -46.05 -15.68
N ALA A 468 4.18 -45.40 -16.78
CA ALA A 468 3.41 -45.95 -17.89
C ALA A 468 4.32 -46.12 -19.10
N ALA B 1 -49.64 -7.64 -1.39
CA ALA B 1 -49.53 -8.82 -2.30
C ALA B 1 -48.97 -8.34 -3.63
N LEU B 2 -48.13 -9.13 -4.31
CA LEU B 2 -47.72 -8.78 -5.66
C LEU B 2 -48.74 -9.18 -6.73
N THR B 3 -49.19 -8.21 -7.50
CA THR B 3 -50.11 -8.43 -8.61
C THR B 3 -49.34 -8.52 -9.93
N GLU B 4 -50.09 -8.86 -10.99
CA GLU B 4 -49.56 -8.89 -12.35
C GLU B 4 -48.93 -7.55 -12.66
N LYS B 5 -49.67 -6.49 -12.33
CA LYS B 5 -49.21 -5.11 -12.51
C LYS B 5 -47.86 -4.88 -11.88
N ASP B 6 -47.68 -5.36 -10.65
CA ASP B 6 -46.44 -5.14 -9.93
C ASP B 6 -45.25 -5.87 -10.61
N LEU B 7 -45.53 -6.99 -11.25
CA LEU B 7 -44.47 -7.76 -11.90
C LEU B 7 -44.17 -7.26 -13.32
N LYS B 8 -45.18 -6.67 -13.96
CA LYS B 8 -45.02 -6.21 -15.34
C LYS B 8 -44.52 -4.77 -15.43
N ASN B 9 -44.48 -4.05 -14.31
CA ASN B 9 -44.08 -2.64 -14.31
C ASN B 9 -43.13 -2.31 -13.19
N LEU B 10 -41.92 -1.98 -13.52
CA LEU B 10 -40.97 -1.58 -12.49
C LEU B 10 -41.33 -0.18 -11.96
N PRO B 11 -41.20 0.03 -10.64
CA PRO B 11 -41.39 1.41 -10.18
C PRO B 11 -40.38 2.38 -10.84
N GLU B 12 -40.75 3.65 -10.87
CA GLU B 12 -40.00 4.68 -11.57
C GLU B 12 -38.51 4.74 -11.15
N ASP B 13 -38.24 4.52 -9.86
CA ASP B 13 -36.84 4.52 -9.36
C ASP B 13 -36.29 3.13 -9.10
N GLY B 14 -36.94 2.10 -9.62
CA GLY B 14 -36.55 0.73 -9.37
C GLY B 14 -37.04 0.28 -8.00
N ILE B 15 -36.71 -0.94 -7.64
CA ILE B 15 -37.09 -1.47 -6.32
C ILE B 15 -36.12 -0.94 -5.27
N ASP B 16 -36.67 -0.33 -4.22
CA ASP B 16 -35.85 0.24 -3.17
C ASP B 16 -35.61 -0.78 -2.08
N SER B 17 -34.41 -1.37 -2.06
CA SER B 17 -34.08 -2.37 -1.06
C SER B 17 -34.15 -1.86 0.38
N GLU B 18 -33.92 -0.57 0.60
CA GLU B 18 -33.94 -0.03 1.97
C GLU B 18 -35.42 0.34 2.35
N ASN B 19 -36.31 0.51 1.35
CA ASN B 19 -37.76 0.73 1.59
C ASN B 19 -38.62 -0.07 0.60
N PRO B 20 -38.63 -1.40 0.74
CA PRO B 20 -39.08 -2.23 -0.34
C PRO B 20 -40.59 -2.25 -0.58
N GLY B 21 -41.38 -1.76 0.38
CA GLY B 21 -42.85 -1.75 0.22
C GLY B 21 -43.38 -3.15 -0.05
N LYS B 22 -44.17 -3.27 -1.11
CA LYS B 22 -44.78 -4.56 -1.49
C LYS B 22 -43.81 -5.63 -1.96
N TYR B 23 -42.58 -5.25 -2.24
CA TYR B 23 -41.54 -6.17 -2.66
C TYR B 23 -40.74 -6.77 -1.50
N ARG B 24 -41.10 -6.42 -0.28
CA ARG B 24 -40.29 -6.87 0.86
C ARG B 24 -40.14 -8.40 0.92
N ASN B 25 -41.23 -9.13 0.80
CA ASN B 25 -41.19 -10.57 1.00
C ASN B 25 -40.43 -11.24 -0.15
N LEU B 26 -40.58 -10.64 -1.34
CA LEU B 26 -39.89 -11.15 -2.48
C LEU B 26 -38.39 -11.09 -2.28
N LEU B 27 -37.89 -9.95 -1.85
CA LEU B 27 -36.44 -9.77 -1.67
C LEU B 27 -35.84 -10.67 -0.60
N ASN B 28 -36.64 -11.01 0.42
CA ASN B 28 -36.23 -11.95 1.46
C ASN B 28 -36.00 -13.36 0.95
N ASP B 29 -36.80 -13.80 -0.02
CA ASP B 29 -36.74 -15.21 -0.47
C ASP B 29 -36.05 -15.44 -1.80
N LEU B 30 -35.66 -14.35 -2.45
CA LEU B 30 -34.98 -14.40 -3.72
C LEU B 30 -33.47 -14.38 -3.47
N GLN B 31 -32.73 -15.22 -4.20
CA GLN B 31 -31.29 -15.20 -4.15
C GLN B 31 -30.74 -13.91 -4.71
N GLY B 32 -29.61 -13.52 -4.17
CA GLY B 32 -28.85 -12.39 -4.68
C GLY B 32 -28.21 -12.69 -6.03
N ASN B 33 -27.53 -11.68 -6.57
CA ASN B 33 -26.81 -11.73 -7.85
C ASN B 33 -27.73 -11.75 -9.08
N ILE B 34 -29.04 -11.70 -8.87
CA ILE B 34 -29.99 -11.76 -9.97
C ILE B 34 -30.43 -10.34 -10.34
N LEU B 35 -31.15 -9.66 -9.43
CA LEU B 35 -31.55 -8.29 -9.68
C LEU B 35 -30.41 -7.29 -9.70
N LYS B 36 -29.35 -7.60 -8.95
CA LYS B 36 -28.13 -6.79 -8.94
C LYS B 36 -26.96 -7.74 -8.71
N GLY B 37 -25.89 -7.52 -9.47
CA GLY B 37 -24.70 -8.36 -9.38
C GLY B 37 -24.06 -8.35 -8.00
N HIS B 38 -23.49 -9.47 -7.59
CA HIS B 38 -22.89 -9.54 -6.26
C HIS B 38 -21.77 -8.54 -6.09
N GLY B 39 -21.15 -8.12 -7.19
CA GLY B 39 -20.10 -7.10 -7.13
C GLY B 39 -18.78 -7.49 -6.44
N ARG B 40 -18.55 -8.77 -6.18
CA ARG B 40 -17.32 -9.22 -5.56
C ARG B 40 -16.24 -9.51 -6.64
N ASP B 41 -15.00 -9.25 -6.28
CA ASP B 41 -13.88 -9.38 -7.24
C ASP B 41 -13.46 -10.79 -7.60
N HIS B 42 -13.80 -11.76 -6.78
CA HIS B 42 -13.40 -13.13 -7.01
C HIS B 42 -14.56 -14.06 -6.79
N SER B 43 -14.60 -15.12 -7.56
CA SER B 43 -15.61 -16.13 -7.35
C SER B 43 -15.09 -17.52 -7.62
N VAL B 44 -15.79 -18.50 -7.04
CA VAL B 44 -15.52 -19.89 -7.25
C VAL B 44 -16.81 -20.54 -7.67
N HIS B 45 -16.72 -21.30 -8.75
CA HIS B 45 -17.87 -22.02 -9.32
C HIS B 45 -17.60 -23.52 -9.18
N LEU B 46 -18.46 -24.22 -8.42
CA LEU B 46 -18.34 -25.65 -8.21
C LEU B 46 -19.51 -26.36 -8.85
N PHE B 47 -19.23 -27.16 -9.85
CA PHE B 47 -20.24 -27.94 -10.53
C PHE B 47 -20.31 -29.32 -9.91
N LEU B 48 -21.54 -29.75 -9.59
CA LEU B 48 -21.76 -30.91 -8.78
C LEU B 48 -22.58 -31.98 -9.50
N GLN B 49 -22.20 -33.22 -9.27
CA GLN B 49 -23.04 -34.37 -9.52
C GLN B 49 -23.21 -35.13 -8.21
N PHE B 50 -24.43 -35.19 -7.72
CA PHE B 50 -24.74 -35.86 -6.47
C PHE B 50 -24.53 -37.36 -6.59
N LYS B 51 -24.11 -37.98 -5.48
CA LYS B 51 -23.76 -39.39 -5.51
C LYS B 51 -25.01 -40.27 -5.50
N PRO B 52 -24.98 -41.38 -6.26
CA PRO B 52 -26.16 -42.25 -6.37
C PRO B 52 -26.66 -42.73 -5.00
N GLU B 53 -27.98 -42.79 -4.87
CA GLU B 53 -28.66 -43.40 -3.74
C GLU B 53 -28.44 -42.62 -2.44
N GLN B 54 -28.10 -41.33 -2.53
CA GLN B 54 -27.86 -40.52 -1.32
C GLN B 54 -28.78 -39.31 -1.25
N VAL B 55 -30.01 -39.49 -1.75
CA VAL B 55 -30.91 -38.35 -1.92
C VAL B 55 -31.17 -37.64 -0.61
N GLU B 56 -31.47 -38.39 0.44
CA GLU B 56 -31.84 -37.73 1.69
C GLU B 56 -30.67 -36.92 2.29
N VAL B 57 -29.48 -37.48 2.34
CA VAL B 57 -28.33 -36.73 2.89
C VAL B 57 -27.93 -35.58 1.99
N VAL B 58 -28.15 -35.73 0.68
CA VAL B 58 -27.96 -34.60 -0.22
C VAL B 58 -28.92 -33.47 0.13
N LYS B 59 -30.18 -33.81 0.35
CA LYS B 59 -31.14 -32.80 0.75
C LYS B 59 -30.78 -32.10 2.05
N GLN B 60 -30.29 -32.87 3.02
CA GLN B 60 -29.84 -32.30 4.29
C GLN B 60 -28.68 -31.34 4.07
N TRP B 61 -27.74 -31.73 3.19
CA TRP B 61 -26.61 -30.83 2.87
C TRP B 61 -27.08 -29.51 2.22
N ILE B 62 -27.95 -29.62 1.22
CA ILE B 62 -28.48 -28.45 0.53
C ILE B 62 -29.18 -27.53 1.52
N GLN B 63 -29.99 -28.14 2.40
CA GLN B 63 -30.66 -27.39 3.44
C GLN B 63 -29.68 -26.60 4.33
N SER B 64 -28.62 -27.27 4.78
CA SER B 64 -27.62 -26.62 5.65
C SER B 64 -26.92 -25.51 4.89
N PHE B 65 -26.61 -25.74 3.62
CA PHE B 65 -25.99 -24.70 2.79
C PHE B 65 -26.90 -23.47 2.62
N ALA B 66 -28.18 -23.72 2.38
CA ALA B 66 -29.15 -22.64 2.27
C ALA B 66 -29.30 -21.88 3.59
N GLN B 67 -29.26 -22.61 4.72
CA GLN B 67 -29.40 -21.95 6.03
C GLN B 67 -28.16 -21.14 6.38
N THR B 68 -26.99 -21.63 6.02
CA THR B 68 -25.73 -21.01 6.45
C THR B 68 -25.15 -19.97 5.52
N TYR B 69 -25.22 -20.22 4.21
CA TYR B 69 -24.44 -19.45 3.26
C TYR B 69 -25.23 -18.65 2.22
N ILE B 70 -26.38 -19.14 1.76
CA ILE B 70 -27.00 -18.52 0.60
C ILE B 70 -27.43 -17.10 0.92
N THR B 71 -27.08 -16.19 0.02
CA THR B 71 -27.33 -14.78 0.19
C THR B 71 -28.63 -14.41 -0.51
N SER B 72 -29.60 -13.85 0.23
CA SER B 72 -30.82 -13.31 -0.38
C SER B 72 -30.56 -11.92 -0.97
N ALA B 73 -31.46 -11.44 -1.81
CA ALA B 73 -31.35 -10.11 -2.32
C ALA B 73 -31.39 -9.06 -1.19
N LYS B 74 -32.22 -9.30 -0.17
CA LYS B 74 -32.27 -8.41 0.99
C LYS B 74 -30.92 -8.41 1.72
N LYS B 75 -30.36 -9.60 1.95
CA LYS B 75 -29.04 -9.69 2.65
C LYS B 75 -27.95 -9.01 1.84
N GLN B 76 -27.96 -9.22 0.53
CA GLN B 76 -26.98 -8.59 -0.34
C GLN B 76 -27.01 -7.07 -0.20
N ALA B 77 -28.23 -6.51 -0.23
CA ALA B 77 -28.40 -5.07 -0.11
C ALA B 77 -27.96 -4.57 1.28
N ASP B 78 -28.32 -5.32 2.32
CA ASP B 78 -27.93 -4.96 3.69
C ASP B 78 -26.40 -4.97 3.88
N GLU B 79 -25.72 -5.94 3.26
CA GLU B 79 -24.26 -6.07 3.34
C GLU B 79 -23.58 -4.89 2.63
N ALA B 80 -24.12 -4.47 1.49
CA ALA B 80 -23.62 -3.28 0.81
C ALA B 80 -23.87 -2.02 1.66
N PHE B 81 -25.04 -1.93 2.29
CA PHE B 81 -25.40 -0.77 3.08
C PHE B 81 -24.47 -0.66 4.31
N LYS B 82 -24.26 -1.77 5.01
CA LYS B 82 -23.38 -1.81 6.18
C LYS B 82 -21.93 -1.52 5.80
N TYR B 83 -21.48 -2.02 4.65
CA TYR B 83 -20.15 -1.70 4.15
C TYR B 83 -19.95 -0.19 3.91
N ARG B 84 -20.88 0.45 3.23
CA ARG B 84 -20.77 1.90 2.97
C ARG B 84 -20.83 2.72 4.24
N GLN B 85 -21.71 2.34 5.15
CA GLN B 85 -22.03 3.15 6.30
C GLN B 85 -20.99 2.99 7.42
N LYS B 86 -20.47 1.77 7.60
CA LYS B 86 -19.60 1.45 8.74
C LYS B 86 -18.28 0.76 8.37
N GLY B 87 -18.00 0.58 7.08
CA GLY B 87 -16.78 -0.11 6.64
C GLY B 87 -16.72 -1.62 6.89
N VAL B 88 -17.77 -2.17 7.51
CA VAL B 88 -17.87 -3.61 7.84
C VAL B 88 -18.11 -4.44 6.57
N SER B 89 -17.17 -5.36 6.25
CA SER B 89 -17.32 -6.25 5.09
C SER B 89 -18.42 -7.31 5.08
N GLY B 90 -18.63 -8.06 6.15
CA GLY B 90 -19.74 -9.07 6.08
C GLY B 90 -19.41 -10.28 5.21
N ASP B 91 -20.38 -11.18 5.14
CA ASP B 91 -20.12 -12.55 4.80
C ASP B 91 -19.73 -12.73 3.34
N VAL B 92 -19.15 -13.88 3.04
CA VAL B 92 -19.04 -14.33 1.68
C VAL B 92 -20.42 -14.32 1.00
N PHE B 93 -20.43 -14.08 -0.31
CA PHE B 93 -21.62 -14.20 -1.09
C PHE B 93 -21.80 -15.62 -1.61
N ALA B 94 -23.03 -16.14 -1.62
CA ALA B 94 -23.27 -17.48 -2.16
C ALA B 94 -24.62 -17.65 -2.87
N ASN B 95 -24.56 -18.32 -4.02
CA ASN B 95 -25.73 -18.74 -4.77
C ASN B 95 -25.71 -20.27 -4.86
N PHE B 96 -26.88 -20.84 -5.09
CA PHE B 96 -27.02 -22.26 -5.41
C PHE B 96 -28.00 -22.43 -6.56
N PHE B 97 -27.61 -23.20 -7.55
CA PHE B 97 -28.43 -23.44 -8.74
C PHE B 97 -28.62 -24.93 -9.01
N LEU B 98 -29.80 -25.31 -9.52
CA LEU B 98 -30.10 -26.69 -9.93
C LEU B 98 -30.37 -26.81 -11.41
N SER B 99 -29.83 -27.86 -12.03
CA SER B 99 -30.22 -28.21 -13.40
C SER B 99 -31.50 -29.04 -13.37
N ARG B 100 -32.10 -29.29 -14.54
CA ARG B 100 -33.23 -30.21 -14.59
C ARG B 100 -32.83 -31.60 -14.08
N HIS B 101 -31.64 -32.08 -14.48
CA HIS B 101 -31.15 -33.38 -14.01
C HIS B 101 -31.02 -33.37 -12.48
N GLY B 102 -30.63 -32.24 -11.90
CA GLY B 102 -30.55 -32.10 -10.47
C GLY B 102 -31.90 -32.23 -9.80
N TYR B 103 -32.92 -31.60 -10.38
CA TYR B 103 -34.26 -31.75 -9.90
C TYR B 103 -34.68 -33.21 -9.91
N GLU B 104 -34.35 -33.91 -11.00
CA GLU B 104 -34.73 -35.32 -11.11
C GLU B 104 -34.00 -36.17 -10.09
N TYR B 105 -32.70 -35.90 -9.88
CA TYR B 105 -31.93 -36.59 -8.82
C TYR B 105 -32.61 -36.44 -7.46
N LEU B 106 -33.11 -35.23 -7.20
CA LEU B 106 -33.79 -34.94 -5.94
C LEU B 106 -35.24 -35.50 -5.85
N GLU B 107 -35.66 -36.26 -6.87
CA GLU B 107 -36.98 -36.92 -6.90
C GLU B 107 -38.13 -35.92 -6.81
N ILE B 108 -37.92 -34.75 -7.39
CA ILE B 108 -38.96 -33.74 -7.47
C ILE B 108 -39.87 -34.14 -8.63
N GLU B 109 -41.16 -34.23 -8.34
CA GLU B 109 -42.19 -34.53 -9.32
C GLU B 109 -42.08 -33.68 -10.58
N PRO B 110 -42.24 -34.27 -11.78
CA PRO B 110 -42.17 -33.48 -13.01
C PRO B 110 -43.01 -32.19 -13.04
N PHE B 111 -44.27 -32.24 -12.56
CA PHE B 111 -45.13 -31.03 -12.56
C PHE B 111 -44.53 -29.92 -11.67
N GLN B 112 -43.64 -30.28 -10.76
CA GLN B 112 -43.00 -29.33 -9.87
C GLN B 112 -41.61 -28.84 -10.33
N ILE B 113 -41.11 -29.37 -11.44
CA ILE B 113 -39.85 -28.94 -11.99
C ILE B 113 -40.08 -27.65 -12.80
N PRO B 114 -39.18 -26.65 -12.69
CA PRO B 114 -39.36 -25.41 -13.42
C PRO B 114 -39.65 -25.70 -14.91
N GLY B 115 -40.62 -24.97 -15.47
CA GLY B 115 -41.21 -25.33 -16.76
C GLY B 115 -40.50 -24.93 -18.03
N ASP B 116 -39.48 -24.07 -17.94
CA ASP B 116 -38.83 -23.53 -19.13
C ASP B 116 -38.31 -24.64 -20.01
N LYS B 117 -38.62 -24.62 -21.31
CA LYS B 117 -38.30 -25.78 -22.16
C LYS B 117 -36.81 -25.98 -22.40
N PRO B 118 -36.07 -24.92 -22.80
CA PRO B 118 -34.60 -25.11 -22.88
C PRO B 118 -34.02 -25.66 -21.56
N PHE B 119 -34.45 -25.11 -20.43
CA PHE B 119 -33.95 -25.56 -19.12
C PHE B 119 -34.18 -27.06 -18.97
N ARG B 120 -35.38 -27.53 -19.30
CA ARG B 120 -35.68 -28.94 -19.19
C ARG B 120 -34.88 -29.78 -20.18
N MET B 121 -34.67 -29.26 -21.37
CA MET B 121 -33.95 -30.00 -22.39
C MET B 121 -32.46 -30.15 -22.06
N GLY B 122 -31.85 -29.09 -21.53
CA GLY B 122 -30.43 -29.11 -21.17
C GLY B 122 -29.61 -28.62 -22.33
N MET B 123 -28.44 -28.07 -22.04
CA MET B 123 -27.58 -27.47 -23.07
C MET B 123 -26.88 -28.52 -23.94
N LYS B 124 -26.88 -29.78 -23.49
CA LYS B 124 -26.37 -30.89 -24.32
C LYS B 124 -27.38 -31.36 -25.37
N ASN B 125 -28.65 -30.98 -25.23
CA ASN B 125 -29.71 -31.49 -26.10
C ASN B 125 -29.41 -31.13 -27.55
N GLU B 126 -29.57 -32.09 -28.44
CA GLU B 126 -29.16 -31.92 -29.85
C GLU B 126 -29.96 -30.79 -30.54
N GLU B 127 -31.23 -30.63 -30.19
CA GLU B 127 -32.04 -29.58 -30.80
C GLU B 127 -31.57 -28.22 -30.33
N ILE B 128 -31.28 -28.12 -29.04
CA ILE B 128 -30.70 -26.90 -28.49
C ILE B 128 -29.41 -26.57 -29.18
N ARG B 129 -28.52 -27.54 -29.27
CA ARG B 129 -27.20 -27.33 -29.88
C ARG B 129 -27.33 -26.81 -31.30
N SER B 130 -28.15 -27.51 -32.09
CA SER B 130 -28.44 -27.11 -33.46
C SER B 130 -28.96 -25.69 -33.53
N SER B 131 -29.95 -25.34 -32.69
CA SER B 131 -30.51 -24.00 -32.66
C SER B 131 -29.50 -22.92 -32.39
N LEU B 132 -28.57 -23.18 -31.48
CA LEU B 132 -27.59 -22.19 -31.10
C LEU B 132 -26.42 -22.12 -32.08
N GLY B 133 -26.31 -23.11 -32.97
CA GLY B 133 -25.12 -23.25 -33.81
C GLY B 133 -23.90 -23.75 -33.07
N ASP B 134 -24.14 -24.38 -31.93
CA ASP B 134 -23.08 -24.79 -31.01
C ASP B 134 -22.29 -26.00 -31.55
N PRO B 135 -21.05 -26.19 -31.06
CA PRO B 135 -20.22 -27.29 -31.53
C PRO B 135 -20.65 -28.61 -30.89
N LYS B 136 -20.09 -29.72 -31.36
CA LYS B 136 -20.43 -31.02 -30.78
C LYS B 136 -20.07 -31.10 -29.31
N ILE B 137 -20.89 -31.79 -28.53
CA ILE B 137 -20.66 -31.93 -27.11
C ILE B 137 -19.31 -32.63 -26.81
N ALA B 138 -18.86 -33.50 -27.71
CA ALA B 138 -17.55 -34.15 -27.54
C ALA B 138 -16.36 -33.17 -27.60
N THR B 139 -16.57 -31.95 -28.10
CA THR B 139 -15.51 -30.93 -28.09
C THR B 139 -15.46 -30.16 -26.80
N TRP B 140 -16.47 -30.29 -25.94
CA TRP B 140 -16.50 -29.57 -24.70
C TRP B 140 -15.34 -30.00 -23.80
N GLU B 141 -14.95 -29.13 -22.88
CA GLU B 141 -14.05 -29.52 -21.82
C GLU B 141 -14.67 -30.65 -20.99
N LEU B 142 -13.81 -31.53 -20.51
CA LEU B 142 -14.23 -32.76 -19.82
C LEU B 142 -15.21 -32.51 -18.68
N GLY B 143 -14.95 -31.51 -17.84
CA GLY B 143 -15.84 -31.22 -16.69
C GLY B 143 -17.29 -31.02 -17.07
N PHE B 144 -17.50 -30.35 -18.22
CA PHE B 144 -18.85 -30.08 -18.71
C PHE B 144 -19.52 -31.27 -19.41
N GLN B 145 -18.78 -32.32 -19.71
CA GLN B 145 -19.38 -33.50 -20.36
C GLN B 145 -20.11 -34.42 -19.39
N SER B 146 -19.84 -34.28 -18.09
CA SER B 146 -20.59 -35.03 -17.07
C SER B 146 -22.03 -34.55 -17.01
N GLU B 147 -22.92 -35.38 -16.45
CA GLU B 147 -24.25 -34.94 -16.12
C GLU B 147 -24.11 -34.01 -14.89
N ILE B 148 -24.49 -32.76 -15.05
CA ILE B 148 -24.36 -31.79 -14.00
C ILE B 148 -25.69 -31.61 -13.32
N HIS B 149 -25.69 -31.68 -11.99
CA HIS B 149 -26.88 -31.51 -11.19
C HIS B 149 -27.07 -30.11 -10.61
N ALA B 150 -25.96 -29.45 -10.27
CA ALA B 150 -26.03 -28.21 -9.52
C ALA B 150 -24.74 -27.40 -9.67
N LEU B 151 -24.86 -26.12 -9.37
CA LEU B 151 -23.75 -25.18 -9.35
C LEU B 151 -23.78 -24.41 -8.06
N VAL B 152 -22.65 -24.46 -7.33
CA VAL B 152 -22.44 -23.66 -6.17
C VAL B 152 -21.56 -22.49 -6.57
N LEU B 153 -22.00 -21.29 -6.24
CA LEU B 153 -21.23 -20.07 -6.57
C LEU B 153 -20.93 -19.36 -5.23
N ILE B 154 -19.66 -19.14 -4.96
CA ILE B 154 -19.22 -18.46 -3.77
C ILE B 154 -18.32 -17.32 -4.22
N ALA B 155 -18.52 -16.13 -3.64
CA ALA B 155 -17.78 -14.95 -4.06
C ALA B 155 -17.39 -14.04 -2.92
N ASP B 156 -16.26 -13.37 -3.09
CA ASP B 156 -15.72 -12.50 -2.07
C ASP B 156 -14.65 -11.63 -2.66
N ASP B 157 -14.43 -10.44 -2.10
CA ASP B 157 -13.32 -9.59 -2.54
C ASP B 157 -11.92 -10.05 -2.08
N ASP B 158 -11.85 -10.75 -0.95
CA ASP B 158 -10.60 -11.22 -0.38
C ASP B 158 -10.38 -12.65 -0.92
N ILE B 159 -9.50 -12.79 -1.89
CA ILE B 159 -9.31 -14.09 -2.55
C ILE B 159 -8.82 -15.18 -1.57
N VAL B 160 -7.84 -14.88 -0.73
CA VAL B 160 -7.31 -15.92 0.16
C VAL B 160 -8.41 -16.44 1.08
N ASP B 161 -9.15 -15.53 1.69
CA ASP B 161 -10.28 -15.92 2.54
C ASP B 161 -11.31 -16.75 1.77
N LEU B 162 -11.66 -16.30 0.57
CA LEU B 162 -12.60 -17.05 -0.28
C LEU B 162 -12.14 -18.51 -0.42
N LEU B 163 -10.86 -18.69 -0.72
CA LEU B 163 -10.32 -20.05 -0.90
C LEU B 163 -10.45 -20.90 0.38
N GLN B 164 -10.18 -20.30 1.54
CA GLN B 164 -10.31 -21.01 2.83
C GLN B 164 -11.75 -21.43 3.10
N ILE B 165 -12.67 -20.50 2.85
CA ILE B 165 -14.08 -20.76 3.08
C ILE B 165 -14.56 -21.85 2.13
N VAL B 166 -14.16 -21.78 0.87
CA VAL B 166 -14.50 -22.83 -0.08
C VAL B 166 -13.98 -24.19 0.41
N ASN B 167 -12.75 -24.25 0.88
CA ASN B 167 -12.20 -25.52 1.31
C ASN B 167 -12.94 -26.08 2.53
N GLN B 168 -13.46 -25.21 3.38
CA GLN B 168 -14.29 -25.63 4.51
C GLN B 168 -15.62 -26.19 3.98
N ILE B 169 -16.28 -25.43 3.13
CA ILE B 169 -17.56 -25.85 2.56
C ILE B 169 -17.45 -27.22 1.89
N THR B 170 -16.36 -27.45 1.17
CA THR B 170 -16.25 -28.66 0.37
C THR B 170 -16.02 -29.94 1.17
N GLN B 171 -15.65 -29.84 2.44
CA GLN B 171 -15.43 -31.04 3.24
C GLN B 171 -16.68 -31.88 3.42
N LYS B 172 -17.77 -31.26 3.84
CA LYS B 172 -19.04 -31.99 3.95
C LYS B 172 -19.64 -32.23 2.56
N LEU B 173 -19.41 -31.32 1.64
CA LEU B 173 -19.98 -31.44 0.29
C LEU B 173 -19.48 -32.68 -0.44
N ARG B 174 -18.18 -32.95 -0.33
CA ARG B 174 -17.58 -34.08 -1.00
C ARG B 174 -18.15 -35.41 -0.54
N GLN B 175 -18.72 -35.44 0.67
CA GLN B 175 -19.28 -36.70 1.19
C GLN B 175 -20.49 -37.12 0.34
N ILE B 176 -21.19 -36.13 -0.21
CA ILE B 176 -22.47 -36.38 -0.88
C ILE B 176 -22.50 -36.00 -2.35
N ALA B 177 -21.41 -35.46 -2.88
CA ALA B 177 -21.37 -35.03 -4.28
C ALA B 177 -19.97 -35.17 -4.86
N GLU B 178 -19.91 -35.42 -6.16
CA GLU B 178 -18.68 -35.27 -6.90
C GLU B 178 -18.61 -33.83 -7.35
N ILE B 179 -17.45 -33.19 -7.17
CA ILE B 179 -17.21 -31.91 -7.77
C ILE B 179 -16.61 -32.21 -9.14
N VAL B 180 -17.40 -32.04 -10.19
CA VAL B 180 -17.01 -32.51 -11.51
C VAL B 180 -16.24 -31.45 -12.26
N HIS B 181 -16.34 -30.21 -11.79
CA HIS B 181 -15.65 -29.10 -12.44
C HIS B 181 -15.58 -27.90 -11.53
N ARG B 182 -14.50 -27.13 -11.65
CA ARG B 182 -14.31 -25.91 -10.87
C ARG B 182 -13.77 -24.80 -11.77
N GLU B 183 -14.29 -23.59 -11.54
CA GLU B 183 -13.70 -22.37 -12.05
C GLU B 183 -13.43 -21.38 -10.91
N ASP B 184 -12.41 -20.53 -11.12
CA ASP B 184 -12.09 -19.43 -10.25
C ASP B 184 -12.14 -18.18 -11.09
N GLY B 185 -13.30 -17.51 -11.04
CA GLY B 185 -13.52 -16.30 -11.82
C GLY B 185 -12.90 -15.08 -11.21
N PHE B 186 -12.49 -14.16 -12.07
CA PHE B 186 -11.90 -12.90 -11.63
C PHE B 186 -12.26 -11.79 -12.61
N ILE B 187 -11.97 -10.57 -12.21
CA ILE B 187 -12.37 -9.38 -12.96
C ILE B 187 -11.11 -8.80 -13.60
N LEU B 188 -11.08 -8.79 -14.93
CA LEU B 188 -10.06 -8.10 -15.69
C LEU B 188 -10.34 -6.61 -15.75
N ARG B 189 -9.30 -5.78 -15.60
CA ARG B 189 -9.42 -4.32 -15.74
C ARG B 189 -8.38 -3.69 -16.67
N ASN B 190 -8.76 -2.57 -17.28
CA ASN B 190 -7.78 -1.74 -18.04
C ASN B 190 -7.10 -0.75 -17.11
N GLN B 191 -6.16 0.03 -17.65
CA GLN B 191 -5.38 0.93 -16.81
C GLN B 191 -6.24 2.02 -16.14
N ALA B 192 -7.34 2.40 -16.76
CA ALA B 192 -8.27 3.35 -16.16
C ALA B 192 -9.12 2.73 -15.06
N GLY B 193 -8.96 1.43 -14.79
CA GLY B 193 -9.73 0.74 -13.74
C GLY B 193 -11.13 0.26 -14.18
N GLN B 194 -11.43 0.33 -15.47
CA GLN B 194 -12.71 -0.16 -15.98
C GLN B 194 -12.63 -1.67 -16.20
N ILE B 195 -13.74 -2.33 -16.00
CA ILE B 195 -13.83 -3.76 -16.22
C ILE B 195 -13.81 -4.05 -17.73
N ILE B 196 -12.95 -4.98 -18.15
CA ILE B 196 -12.84 -5.32 -19.57
C ILE B 196 -12.96 -6.84 -19.74
N GLU B 197 -13.06 -7.27 -20.99
CA GLU B 197 -13.01 -8.72 -21.33
C GLU B 197 -11.68 -8.91 -22.04
N HIS B 198 -11.31 -10.16 -22.31
CA HIS B 198 -9.96 -10.47 -22.82
C HIS B 198 -9.54 -9.81 -24.13
N PHE B 199 -10.49 -9.49 -25.01
CA PHE B 199 -10.13 -8.75 -26.25
C PHE B 199 -9.79 -7.28 -25.98
N GLY B 200 -10.01 -6.80 -24.76
CA GLY B 200 -9.57 -5.46 -24.35
C GLY B 200 -10.70 -4.44 -24.25
N PHE B 201 -11.93 -4.86 -24.48
CA PHE B 201 -13.06 -3.92 -24.53
C PHE B 201 -13.75 -3.82 -23.17
N VAL B 202 -14.07 -2.61 -22.76
CA VAL B 202 -14.89 -2.41 -21.55
C VAL B 202 -16.16 -3.22 -21.69
N HIS B 203 -16.56 -3.85 -20.59
CA HIS B 203 -17.56 -4.92 -20.66
C HIS B 203 -18.53 -4.82 -19.46
N GLY B 204 -19.81 -5.11 -19.67
CA GLY B 204 -20.81 -5.04 -18.66
C GLY B 204 -21.49 -3.69 -18.57
N VAL B 205 -21.42 -2.91 -19.66
CA VAL B 205 -21.92 -1.57 -19.66
C VAL B 205 -23.45 -1.54 -19.68
N SER B 206 -24.06 -2.14 -20.69
CA SER B 206 -25.50 -2.01 -20.93
C SER B 206 -26.29 -3.18 -20.35
N GLN B 207 -27.11 -2.89 -19.33
CA GLN B 207 -27.83 -3.91 -18.57
C GLN B 207 -29.27 -3.51 -18.32
N PRO B 208 -30.20 -4.48 -18.33
CA PRO B 208 -31.46 -4.26 -17.62
C PRO B 208 -31.25 -3.92 -16.17
N LEU B 209 -31.93 -2.89 -15.69
CA LEU B 209 -31.78 -2.44 -14.32
C LEU B 209 -33.10 -2.60 -13.54
N PHE B 210 -32.96 -2.95 -12.26
CA PHE B 210 -34.11 -3.33 -11.41
C PHE B 210 -34.10 -2.63 -10.06
N MET B 211 -32.93 -2.53 -9.43
CA MET B 211 -32.83 -2.01 -8.09
C MET B 211 -32.53 -0.53 -8.13
N LYS B 212 -33.14 0.18 -7.18
CA LYS B 212 -32.99 1.63 -7.07
C LYS B 212 -31.52 2.08 -7.10
N ARG B 213 -30.65 1.40 -6.35
CA ARG B 213 -29.24 1.83 -6.28
C ARG B 213 -28.61 1.86 -7.70
N ASP B 214 -28.96 0.88 -8.54
CA ASP B 214 -28.54 0.87 -9.95
C ASP B 214 -29.24 1.90 -10.83
N VAL B 215 -30.55 1.96 -10.72
CA VAL B 215 -31.35 2.87 -11.50
C VAL B 215 -30.94 4.32 -11.28
N VAL B 216 -30.84 4.72 -10.03
CA VAL B 216 -30.51 6.10 -9.70
C VAL B 216 -29.07 6.43 -10.14
N ARG B 217 -28.13 5.53 -9.85
CA ARG B 217 -26.73 5.75 -10.24
C ARG B 217 -26.65 5.97 -11.72
N GLU B 218 -27.30 5.10 -12.49
CA GLU B 218 -27.30 5.19 -13.92
C GLU B 218 -27.94 6.49 -14.41
N ARG B 219 -29.07 6.85 -13.84
CA ARG B 219 -29.78 8.07 -14.23
C ARG B 219 -28.95 9.35 -13.94
N VAL B 220 -28.38 9.41 -12.74
CA VAL B 220 -27.60 10.55 -12.29
C VAL B 220 -26.26 10.70 -13.03
N ASN B 221 -25.56 9.57 -13.21
CA ASN B 221 -24.19 9.59 -13.71
C ASN B 221 -23.97 9.25 -15.19
N ASN B 222 -25.04 8.77 -15.83
CA ASN B 222 -24.99 8.38 -17.20
C ASN B 222 -26.06 9.07 -18.07
N CYS B 223 -26.32 10.34 -17.77
CA CYS B 223 -27.05 11.25 -18.64
C CYS B 223 -28.54 10.97 -18.84
N ASP B 224 -29.18 10.43 -17.80
CA ASP B 224 -30.65 10.20 -17.81
C ASP B 224 -31.07 9.16 -18.87
N PHE B 225 -32.37 9.08 -19.16
CA PHE B 225 -32.88 7.92 -19.84
C PHE B 225 -33.68 8.23 -21.11
N ASP B 226 -33.56 9.45 -21.60
CA ASP B 226 -34.44 9.91 -22.70
C ASP B 226 -34.12 9.26 -24.07
N LYS B 227 -32.95 8.66 -24.23
CA LYS B 227 -32.60 7.99 -25.49
C LYS B 227 -32.65 6.49 -25.37
N TRP B 228 -32.36 5.98 -24.18
CA TRP B 228 -32.45 4.58 -23.86
C TRP B 228 -32.80 4.44 -22.38
N ASP B 229 -33.95 3.82 -22.14
CA ASP B 229 -34.39 3.48 -20.79
C ASP B 229 -33.93 2.07 -20.39
N PRO B 230 -33.03 1.95 -19.41
CA PRO B 230 -32.44 0.65 -19.12
C PRO B 230 -33.26 -0.16 -18.14
N LYS B 231 -34.31 0.44 -17.58
CA LYS B 231 -35.16 -0.30 -16.66
C LYS B 231 -35.84 -1.46 -17.34
N ALA B 232 -36.14 -2.50 -16.59
CA ALA B 232 -36.87 -3.65 -17.10
C ALA B 232 -37.84 -4.14 -16.04
N PRO B 233 -38.95 -4.77 -16.47
CA PRO B 233 -39.92 -5.26 -15.49
C PRO B 233 -39.41 -6.52 -14.82
N LEU B 234 -39.86 -6.75 -13.58
CA LEU B 234 -39.45 -7.95 -12.87
C LEU B 234 -39.76 -9.25 -13.62
N ASP B 235 -40.85 -9.29 -14.38
CA ASP B 235 -41.19 -10.54 -15.10
C ASP B 235 -40.26 -10.85 -16.30
N SER B 236 -39.30 -9.95 -16.59
CA SER B 236 -38.26 -10.24 -17.60
C SER B 236 -37.08 -11.01 -17.00
N ILE B 237 -37.09 -11.23 -15.67
CA ILE B 237 -35.99 -11.91 -15.01
C ILE B 237 -36.46 -12.93 -13.96
N LEU B 238 -37.54 -12.62 -13.25
CA LEU B 238 -38.07 -13.50 -12.19
C LEU B 238 -39.20 -14.41 -12.63
N VAL B 239 -39.24 -15.57 -12.01
CA VAL B 239 -40.22 -16.63 -12.26
C VAL B 239 -40.69 -17.11 -10.88
N GLU B 240 -41.98 -17.33 -10.70
CA GLU B 240 -42.44 -17.94 -9.46
C GLU B 240 -41.78 -19.30 -9.24
N ASP B 241 -41.30 -19.57 -8.01
CA ASP B 241 -40.72 -20.87 -7.75
C ASP B 241 -41.85 -21.79 -7.38
N PRO B 242 -42.17 -22.77 -8.24
CA PRO B 242 -43.30 -23.61 -7.95
C PRO B 242 -43.22 -24.31 -6.58
N ASN B 243 -42.02 -24.39 -5.99
CA ASN B 243 -41.79 -25.12 -4.75
C ASN B 243 -41.38 -24.23 -3.59
N GLY B 244 -41.53 -22.93 -3.76
CA GLY B 244 -41.26 -21.99 -2.69
C GLY B 244 -42.30 -22.14 -1.58
N ASN B 245 -42.02 -21.60 -0.40
CA ASN B 245 -42.98 -21.66 0.72
C ASN B 245 -43.99 -20.56 0.84
N THR B 246 -43.90 -19.52 0.02
CA THR B 246 -44.99 -18.57 -0.09
C THR B 246 -45.23 -18.12 -1.52
N LYS B 247 -46.24 -17.32 -1.72
CA LYS B 247 -46.54 -16.80 -3.06
C LYS B 247 -45.55 -15.74 -3.45
N ASP B 248 -44.76 -15.25 -2.50
CA ASP B 248 -43.69 -14.29 -2.83
C ASP B 248 -42.32 -14.97 -3.12
N SER B 249 -42.33 -16.26 -3.41
CA SER B 249 -41.09 -17.04 -3.62
C SER B 249 -40.75 -17.08 -5.10
N TYR B 250 -39.63 -16.46 -5.46
CA TYR B 250 -39.21 -16.34 -6.86
C TYR B 250 -37.81 -16.85 -7.09
N GLY B 251 -37.57 -17.21 -8.35
CA GLY B 251 -36.25 -17.57 -8.85
C GLY B 251 -36.02 -16.98 -10.25
N SER B 252 -34.97 -17.47 -10.90
CA SER B 252 -34.59 -17.02 -12.24
C SER B 252 -33.82 -18.13 -12.93
N TYR B 253 -33.84 -18.12 -14.26
CA TYR B 253 -33.12 -19.09 -15.05
C TYR B 253 -31.74 -18.58 -15.40
N LEU B 254 -30.75 -19.43 -15.15
CA LEU B 254 -29.35 -19.10 -15.42
C LEU B 254 -28.87 -19.84 -16.68
N VAL B 255 -28.21 -19.09 -17.57
CA VAL B 255 -27.45 -19.67 -18.68
C VAL B 255 -25.99 -19.54 -18.28
N TYR B 256 -25.25 -20.65 -18.29
CA TYR B 256 -23.82 -20.66 -18.00
C TYR B 256 -23.14 -21.23 -19.23
N ARG B 257 -22.20 -20.49 -19.79
CA ARG B 257 -21.41 -20.95 -20.92
C ARG B 257 -19.97 -20.52 -20.73
N LYS B 258 -19.03 -21.46 -20.87
CA LYS B 258 -17.62 -21.17 -20.87
C LYS B 258 -17.20 -20.84 -22.30
N LEU B 259 -16.82 -19.59 -22.53
CA LEU B 259 -16.54 -19.08 -23.87
C LEU B 259 -15.06 -18.71 -23.98
N GLU B 260 -14.30 -19.55 -24.66
CA GLU B 260 -12.89 -19.36 -24.84
C GLU B 260 -12.64 -18.30 -25.90
N GLN B 261 -11.70 -17.39 -25.61
CA GLN B 261 -11.41 -16.30 -26.51
C GLN B 261 -9.97 -16.39 -27.05
N ASN B 262 -9.84 -16.49 -28.37
CA ASN B 262 -8.51 -16.55 -28.98
C ASN B 262 -8.06 -15.12 -29.25
N VAL B 263 -7.41 -14.54 -28.24
CA VAL B 263 -7.03 -13.14 -28.25
C VAL B 263 -5.99 -12.87 -29.33
N LYS B 264 -5.01 -13.73 -29.44
CA LYS B 264 -3.95 -13.55 -30.45
C LYS B 264 -4.55 -13.48 -31.86
N ALA B 265 -5.40 -14.45 -32.20
CA ALA B 265 -5.98 -14.52 -33.56
C ALA B 265 -6.99 -13.38 -33.80
N PHE B 266 -7.77 -13.05 -32.78
CA PHE B 266 -8.69 -11.92 -32.87
C PHE B 266 -7.96 -10.64 -33.23
N ARG B 267 -6.88 -10.34 -32.49
CA ARG B 267 -6.09 -9.12 -32.74
C ARG B 267 -5.52 -9.10 -34.16
N GLU B 268 -5.05 -10.26 -34.63
CA GLU B 268 -4.51 -10.36 -36.02
C GLU B 268 -5.59 -10.08 -37.04
N ASP B 269 -6.78 -10.62 -36.81
CA ASP B 269 -7.91 -10.48 -37.74
C ASP B 269 -8.39 -9.01 -37.75
N GLN B 270 -8.46 -8.42 -36.56
CA GLN B 270 -8.75 -6.98 -36.43
C GLN B 270 -7.74 -6.12 -37.20
N ARG B 271 -6.45 -6.44 -37.07
CA ARG B 271 -5.40 -5.68 -37.81
C ARG B 271 -5.51 -5.86 -39.32
N LYS B 272 -5.80 -7.07 -39.75
CA LYS B 272 -5.99 -7.35 -41.17
C LYS B 272 -7.23 -6.60 -41.71
N LEU B 273 -8.31 -6.58 -40.93
CA LEU B 273 -9.51 -5.80 -41.29
C LEU B 273 -9.19 -4.32 -41.44
N ALA B 274 -8.46 -3.79 -40.46
CA ALA B 274 -8.07 -2.37 -40.46
C ALA B 274 -7.22 -2.05 -41.69
N GLN B 275 -6.28 -2.93 -42.02
CA GLN B 275 -5.41 -2.71 -43.18
C GLN B 275 -6.22 -2.78 -44.46
N LYS B 276 -7.14 -3.74 -44.55
CA LYS B 276 -7.97 -3.85 -45.74
C LYS B 276 -8.85 -2.62 -45.98
N LEU B 277 -9.44 -2.09 -44.93
CA LEU B 277 -10.26 -0.88 -45.04
C LEU B 277 -9.45 0.41 -45.04
N ASN B 278 -8.14 0.29 -44.81
CA ASN B 278 -7.30 1.44 -44.57
C ASN B 278 -7.88 2.39 -43.49
N ILE B 279 -8.14 1.83 -42.30
CA ILE B 279 -8.56 2.60 -41.11
C ILE B 279 -7.70 2.27 -39.88
N GLN B 280 -7.87 3.06 -38.81
CA GLN B 280 -7.17 2.81 -37.57
C GLN B 280 -7.62 1.48 -36.96
N GLU B 281 -6.67 0.77 -36.36
CA GLU B 281 -6.94 -0.47 -35.66
C GLU B 281 -8.07 -0.29 -34.65
N ASN B 282 -8.03 0.80 -33.90
CA ASN B 282 -9.03 0.98 -32.85
C ASN B 282 -10.45 1.11 -33.44
N LEU B 283 -10.58 1.77 -34.60
CA LEU B 283 -11.89 1.89 -35.24
C LEU B 283 -12.36 0.54 -35.78
N ALA B 284 -11.44 -0.26 -36.34
CA ALA B 284 -11.80 -1.62 -36.75
C ALA B 284 -12.39 -2.41 -35.60
N GLY B 285 -11.75 -2.34 -34.43
CA GLY B 285 -12.28 -2.93 -33.21
C GLY B 285 -13.71 -2.46 -32.92
N ALA B 286 -13.93 -1.15 -33.02
CA ALA B 286 -15.22 -0.57 -32.72
C ALA B 286 -16.29 -1.02 -33.71
N LEU B 287 -15.91 -1.29 -34.95
CA LEU B 287 -16.83 -1.78 -35.94
C LEU B 287 -17.24 -3.24 -35.71
N ILE B 288 -16.34 -4.00 -35.09
CA ILE B 288 -16.63 -5.38 -34.73
C ILE B 288 -17.60 -5.39 -33.55
N VAL B 289 -17.24 -4.65 -32.51
CA VAL B 289 -17.96 -4.73 -31.24
C VAL B 289 -19.17 -3.80 -31.14
N GLY B 290 -19.07 -2.62 -31.76
CA GLY B 290 -20.06 -1.56 -31.63
C GLY B 290 -19.59 -0.46 -30.69
N ARG B 291 -18.52 -0.75 -29.93
CA ARG B 291 -17.85 0.24 -29.07
C ARG B 291 -16.34 0.14 -29.28
N PHE B 292 -15.65 1.26 -29.14
CA PHE B 292 -14.21 1.25 -28.94
C PHE B 292 -13.85 0.50 -27.68
N ALA B 293 -12.57 0.16 -27.59
CA ALA B 293 -12.06 -0.52 -26.37
C ALA B 293 -12.40 0.23 -25.06
N ASP B 294 -12.38 1.57 -25.09
CA ASP B 294 -12.75 2.39 -23.91
C ASP B 294 -14.23 2.52 -23.64
N GLY B 295 -15.08 1.88 -24.45
CA GLY B 295 -16.54 1.95 -24.27
C GLY B 295 -17.28 2.93 -25.15
N THR B 296 -16.55 3.80 -25.84
CA THR B 296 -17.16 4.82 -26.69
C THR B 296 -18.05 4.14 -27.76
N PRO B 297 -19.35 4.46 -27.81
CA PRO B 297 -20.17 3.89 -28.87
C PRO B 297 -19.79 4.38 -30.27
N VAL B 298 -19.59 3.44 -31.19
CA VAL B 298 -19.17 3.82 -32.54
C VAL B 298 -20.32 4.51 -33.30
N THR B 299 -21.58 4.33 -32.86
CA THR B 299 -22.67 5.10 -33.49
C THR B 299 -22.49 6.62 -33.24
N LEU B 300 -21.82 6.98 -32.13
CA LEU B 300 -21.66 8.36 -31.73
C LEU B 300 -20.35 8.99 -32.16
N SER B 301 -19.33 8.18 -32.42
CA SER B 301 -17.97 8.73 -32.65
C SER B 301 -17.11 7.79 -33.47
N ASP B 302 -16.24 8.35 -34.31
CA ASP B 302 -15.25 7.56 -35.04
C ASP B 302 -13.91 7.53 -34.34
N ILE B 303 -13.85 8.10 -33.13
CA ILE B 303 -12.67 8.06 -32.29
C ILE B 303 -13.05 7.74 -30.85
N PRO B 304 -12.12 7.15 -30.09
CA PRO B 304 -12.39 6.95 -28.65
C PRO B 304 -12.40 8.32 -27.94
N THR B 305 -13.25 8.51 -26.94
CA THR B 305 -13.31 9.78 -26.19
C THR B 305 -13.20 9.64 -24.67
N TYR B 306 -13.05 8.40 -24.19
CA TYR B 306 -12.59 8.15 -22.81
C TYR B 306 -13.53 8.59 -21.69
N ALA B 307 -14.83 8.59 -21.93
CA ALA B 307 -15.77 8.90 -20.87
C ALA B 307 -15.53 7.93 -19.70
N VAL B 308 -15.48 8.46 -18.47
CA VAL B 308 -15.23 7.65 -17.28
C VAL B 308 -16.34 6.61 -17.07
N THR B 309 -17.59 7.03 -17.20
CA THR B 309 -18.73 6.15 -17.15
C THR B 309 -19.10 5.98 -18.61
N PRO B 310 -18.94 4.77 -19.14
CA PRO B 310 -19.20 4.64 -20.57
C PRO B 310 -20.67 4.90 -20.91
N THR B 311 -20.87 5.55 -22.06
CA THR B 311 -22.15 6.06 -22.48
C THR B 311 -23.10 4.94 -22.69
N ASN B 312 -24.32 5.10 -22.17
CA ASN B 312 -25.35 4.20 -22.58
C ASN B 312 -26.70 4.83 -22.92
N ASN B 313 -26.90 6.13 -22.67
CA ASN B 313 -28.11 6.81 -23.04
C ASN B 313 -28.01 7.29 -24.50
N PHE B 314 -28.15 6.34 -25.43
CA PHE B 314 -28.12 6.59 -26.89
C PHE B 314 -29.01 5.52 -27.55
N ASN B 315 -29.37 5.82 -28.81
CA ASN B 315 -30.01 4.83 -29.65
C ASN B 315 -29.42 5.01 -31.05
N TYR B 316 -30.01 4.34 -32.05
CA TYR B 316 -29.45 4.38 -33.40
C TYR B 316 -30.28 5.28 -34.32
N ASP B 317 -31.10 6.17 -33.72
CA ASP B 317 -31.96 7.08 -34.49
C ASP B 317 -31.18 8.07 -35.36
N GLY B 318 -29.97 8.44 -34.97
CA GLY B 318 -29.07 9.25 -35.80
C GLY B 318 -28.22 8.44 -36.80
N ASP B 319 -28.54 7.16 -36.95
CA ASP B 319 -27.69 6.18 -37.65
C ASP B 319 -28.56 5.11 -38.28
N LEU B 320 -29.65 5.55 -38.91
CA LEU B 320 -30.67 4.62 -39.44
C LEU B 320 -30.11 3.77 -40.57
N ALA B 321 -29.19 4.32 -41.33
CA ALA B 321 -28.56 3.56 -42.42
C ALA B 321 -27.37 2.73 -41.96
N ALA B 322 -27.05 2.78 -40.65
CA ALA B 322 -25.97 2.00 -40.06
C ALA B 322 -24.60 2.18 -40.75
N THR B 323 -24.27 3.42 -41.08
CA THR B 323 -22.95 3.73 -41.65
C THR B 323 -21.97 4.19 -40.59
N LYS B 324 -22.42 4.34 -39.34
CA LYS B 324 -21.54 4.65 -38.22
C LYS B 324 -21.31 3.39 -37.39
N CYS B 325 -22.39 2.89 -36.79
CA CYS B 325 -22.40 1.53 -36.22
C CYS B 325 -23.12 0.58 -37.18
N PRO B 326 -22.37 -0.33 -37.81
CA PRO B 326 -22.98 -1.30 -38.73
C PRO B 326 -24.06 -2.13 -38.05
N PHE B 327 -25.01 -2.61 -38.85
CA PHE B 327 -26.02 -3.54 -38.33
C PHE B 327 -25.42 -4.83 -37.77
N HIS B 328 -24.24 -5.24 -38.26
CA HIS B 328 -23.62 -6.47 -37.75
C HIS B 328 -22.87 -6.34 -36.42
N SER B 329 -22.58 -5.11 -35.98
CA SER B 329 -21.75 -4.92 -34.80
C SER B 329 -22.40 -5.55 -33.60
N HIS B 330 -21.58 -6.16 -32.74
CA HIS B 330 -22.10 -6.93 -31.58
C HIS B 330 -23.19 -6.22 -30.78
N THR B 331 -22.96 -4.95 -30.44
CA THR B 331 -23.95 -4.19 -29.64
C THR B 331 -25.27 -3.98 -30.37
N ARG B 332 -25.20 -3.76 -31.68
CA ARG B 332 -26.39 -3.47 -32.46
C ARG B 332 -27.16 -4.75 -32.78
N LYS B 333 -26.44 -5.87 -32.94
CA LYS B 333 -27.10 -7.18 -33.07
C LYS B 333 -27.84 -7.60 -31.78
N THR B 334 -27.19 -7.45 -30.62
CA THR B 334 -27.71 -7.98 -29.37
C THR B 334 -28.68 -7.02 -28.73
N ASN B 335 -28.54 -5.73 -29.07
CA ASN B 335 -29.51 -4.70 -28.66
C ASN B 335 -29.79 -3.76 -29.80
N PRO B 336 -30.82 -4.05 -30.60
CA PRO B 336 -31.14 -3.21 -31.75
C PRO B 336 -31.64 -1.80 -31.42
N ARG B 337 -31.95 -1.53 -30.15
CA ARG B 337 -32.47 -0.22 -29.68
C ARG B 337 -33.54 0.40 -30.59
N GLY B 338 -34.44 -0.44 -31.07
CA GLY B 338 -35.53 0.01 -31.95
C GLY B 338 -35.44 -0.39 -33.41
N ASP B 339 -34.30 -0.92 -33.87
CA ASP B 339 -34.19 -1.32 -35.30
C ASP B 339 -35.33 -2.27 -35.71
N THR B 340 -35.71 -3.23 -34.85
CA THR B 340 -36.76 -4.20 -35.24
C THR B 340 -38.13 -3.55 -35.30
N ALA B 341 -38.33 -2.50 -34.52
CA ALA B 341 -39.62 -1.82 -34.41
C ALA B 341 -39.83 -0.90 -35.60
N ARG B 342 -38.75 -0.41 -36.19
CA ARG B 342 -38.81 0.23 -37.47
C ARG B 342 -39.05 -0.84 -38.52
N ASP B 351 -43.88 0.81 -31.01
CA ASP B 351 -44.31 0.91 -29.61
C ASP B 351 -44.51 -0.46 -28.97
N GLU B 352 -45.55 -1.18 -29.42
CA GLU B 352 -45.72 -2.59 -29.03
C GLU B 352 -44.51 -3.38 -29.51
N ALA B 353 -44.05 -3.12 -30.73
CA ALA B 353 -42.91 -3.83 -31.30
C ALA B 353 -41.62 -3.55 -30.51
N PHE B 354 -41.43 -2.32 -30.07
CA PHE B 354 -40.26 -1.97 -29.26
C PHE B 354 -40.31 -2.67 -27.90
N LYS B 355 -41.49 -2.73 -27.29
CA LYS B 355 -41.63 -3.42 -25.99
C LYS B 355 -41.28 -4.89 -26.16
N GLU B 356 -41.73 -5.48 -27.24
CA GLU B 356 -41.41 -6.87 -27.57
C GLU B 356 -39.90 -7.05 -27.79
N GLU B 357 -39.29 -6.14 -28.54
CA GLU B 357 -37.84 -6.15 -28.75
C GLU B 357 -37.05 -6.08 -27.43
N ARG B 358 -37.49 -5.20 -26.54
CA ARG B 358 -36.89 -5.06 -25.22
C ARG B 358 -37.11 -6.27 -24.29
N GLY B 359 -38.14 -7.07 -24.54
CA GLY B 359 -38.39 -8.28 -23.78
C GLY B 359 -37.36 -9.40 -23.98
N HIS B 360 -36.52 -9.27 -25.00
CA HIS B 360 -35.49 -10.27 -25.28
C HIS B 360 -34.19 -10.04 -24.52
N ARG B 361 -34.10 -8.95 -23.76
CA ARG B 361 -32.88 -8.58 -23.05
C ARG B 361 -32.49 -9.65 -22.04
N ILE B 362 -31.20 -9.73 -21.77
CA ILE B 362 -30.64 -10.63 -20.78
C ILE B 362 -29.89 -9.82 -19.72
N THR B 363 -29.82 -10.35 -18.51
CA THR B 363 -29.13 -9.69 -17.44
C THR B 363 -27.81 -10.44 -17.24
N ARG B 364 -26.69 -9.79 -17.56
CA ARG B 364 -25.40 -10.47 -17.62
C ARG B 364 -24.67 -10.39 -16.27
N ARG B 365 -24.09 -11.51 -15.88
CA ARG B 365 -23.35 -11.61 -14.62
C ARG B 365 -22.06 -12.40 -14.86
N ALA B 366 -21.37 -12.04 -15.93
CA ALA B 366 -20.18 -12.76 -16.38
C ALA B 366 -18.94 -12.39 -15.61
N VAL B 367 -17.94 -13.25 -15.69
CA VAL B 367 -16.64 -13.04 -15.05
C VAL B 367 -15.59 -13.69 -15.96
N SER B 368 -14.32 -13.35 -15.79
CA SER B 368 -13.27 -13.87 -16.66
C SER B 368 -12.60 -15.09 -16.09
N TYR B 369 -11.99 -15.89 -16.96
CA TYR B 369 -11.08 -16.96 -16.56
C TYR B 369 -9.79 -16.95 -17.34
N GLY B 370 -8.79 -17.66 -16.83
CA GLY B 370 -7.52 -17.82 -17.57
C GLY B 370 -6.54 -16.70 -17.28
N GLU B 371 -5.89 -16.21 -18.32
CA GLU B 371 -4.82 -15.22 -18.20
C GLU B 371 -5.30 -13.94 -17.54
N ASN B 372 -4.63 -13.52 -16.47
CA ASN B 372 -5.07 -12.32 -15.75
C ASN B 372 -4.30 -11.05 -16.11
N ASN B 373 -3.24 -11.19 -16.85
CA ASN B 373 -2.55 -10.02 -17.43
C ASN B 373 -3.16 -9.64 -18.80
N PRO B 374 -3.93 -8.53 -18.86
CA PRO B 374 -4.66 -8.17 -20.10
C PRO B 374 -3.74 -7.72 -21.27
N SER B 375 -2.44 -7.53 -21.04
CA SER B 375 -1.52 -7.24 -22.14
C SER B 375 -1.12 -8.49 -22.93
N LYS B 376 -1.33 -9.68 -22.37
CA LYS B 376 -0.93 -10.92 -23.03
C LYS B 376 -1.98 -11.37 -24.03
N GLU B 377 -1.63 -12.31 -24.90
CA GLU B 377 -2.49 -12.70 -26.01
C GLU B 377 -2.64 -14.21 -26.07
N PRO B 378 -3.43 -14.78 -25.13
CA PRO B 378 -3.61 -16.22 -25.12
C PRO B 378 -4.36 -16.71 -26.36
N VAL B 379 -3.98 -17.88 -26.84
CA VAL B 379 -4.67 -18.56 -27.93
C VAL B 379 -5.81 -19.41 -27.36
N SER B 380 -5.50 -20.19 -26.33
CA SER B 380 -6.49 -21.05 -25.70
C SER B 380 -6.35 -20.95 -24.17
N GLY B 381 -7.37 -21.41 -23.46
CA GLY B 381 -7.38 -21.49 -22.00
C GLY B 381 -7.78 -20.22 -21.28
N SER B 382 -8.14 -19.19 -22.04
CA SER B 382 -8.63 -17.94 -21.48
C SER B 382 -9.95 -17.51 -22.11
N GLY B 383 -10.78 -16.83 -21.33
CA GLY B 383 -12.03 -16.34 -21.87
C GLY B 383 -13.00 -15.77 -20.86
N LEU B 384 -14.28 -15.95 -21.16
CA LEU B 384 -15.35 -15.40 -20.41
C LEU B 384 -16.21 -16.55 -19.86
N LEU B 385 -16.44 -16.52 -18.56
CA LEU B 385 -17.47 -17.35 -17.95
C LEU B 385 -18.74 -16.54 -18.08
N PHE B 386 -19.48 -16.86 -19.14
CA PHE B 386 -20.70 -16.14 -19.45
C PHE B 386 -21.84 -16.66 -18.62
N LEU B 387 -22.39 -15.78 -17.78
CA LEU B 387 -23.59 -16.13 -17.00
C LEU B 387 -24.63 -15.07 -17.32
N CYS B 388 -25.87 -15.48 -17.52
CA CYS B 388 -26.95 -14.52 -17.60
C CYS B 388 -28.26 -15.08 -17.09
N PHE B 389 -29.11 -14.16 -16.64
CA PHE B 389 -30.39 -14.46 -16.03
C PHE B 389 -31.53 -13.93 -16.90
N GLN B 390 -32.67 -14.61 -16.78
CA GLN B 390 -33.87 -14.30 -17.54
C GLN B 390 -35.01 -15.11 -16.98
N SER B 391 -36.24 -14.72 -17.36
CA SER B 391 -37.39 -15.50 -17.00
C SER B 391 -37.78 -16.54 -18.03
N ASN B 392 -37.26 -16.41 -19.26
CA ASN B 392 -37.64 -17.28 -20.36
C ASN B 392 -36.41 -17.44 -21.27
N ILE B 393 -35.77 -18.59 -21.19
CA ILE B 393 -34.53 -18.83 -21.93
C ILE B 393 -34.81 -18.81 -23.43
N GLU B 394 -35.91 -19.43 -23.84
CA GLU B 394 -36.28 -19.46 -25.26
C GLU B 394 -36.39 -18.03 -25.85
N ASN B 395 -36.96 -17.11 -25.07
CA ASN B 395 -37.24 -15.77 -25.55
C ASN B 395 -36.11 -14.77 -25.29
N GLN B 396 -35.14 -15.15 -24.45
CA GLN B 396 -34.10 -14.23 -24.04
C GLN B 396 -32.73 -14.73 -24.55
N PHE B 397 -31.90 -15.37 -23.73
CA PHE B 397 -30.60 -15.81 -24.29
C PHE B 397 -30.71 -16.59 -25.62
N ASN B 398 -31.54 -17.64 -25.67
CA ASN B 398 -31.56 -18.48 -26.88
C ASN B 398 -32.00 -17.68 -28.09
N PHE B 399 -32.95 -16.78 -27.87
CA PHE B 399 -33.47 -15.89 -28.92
C PHE B 399 -32.35 -14.97 -29.42
N MET B 400 -31.66 -14.35 -28.49
CA MET B 400 -30.60 -13.37 -28.81
C MET B 400 -29.50 -14.02 -29.66
N GLN B 401 -29.09 -15.20 -29.27
CA GLN B 401 -28.06 -15.95 -30.02
C GLN B 401 -28.58 -16.45 -31.36
N SER B 402 -29.71 -17.14 -31.34
CA SER B 402 -30.19 -17.88 -32.50
C SER B 402 -30.94 -17.00 -33.55
N ARG B 403 -31.61 -15.95 -33.10
CA ARG B 403 -32.44 -15.11 -33.99
C ARG B 403 -31.81 -13.75 -34.32
N TRP B 404 -30.91 -13.27 -33.48
CA TRP B 404 -30.26 -11.98 -33.71
C TRP B 404 -28.79 -12.13 -34.11
N ALA B 405 -27.98 -12.70 -33.22
CA ALA B 405 -26.54 -12.83 -33.50
C ALA B 405 -26.22 -13.73 -34.70
N ASN B 406 -26.75 -14.94 -34.73
CA ASN B 406 -26.37 -15.90 -35.77
C ASN B 406 -26.85 -15.55 -37.20
N PRO B 407 -28.12 -15.12 -37.37
CA PRO B 407 -28.62 -15.08 -38.75
C PRO B 407 -28.02 -14.00 -39.64
N GLN B 408 -27.80 -14.36 -40.90
CA GLN B 408 -27.25 -13.45 -41.89
C GLN B 408 -28.21 -12.33 -42.25
N ASN B 409 -29.50 -12.56 -42.11
CA ASN B 409 -30.49 -11.55 -42.51
C ASN B 409 -31.11 -10.77 -41.36
N PHE B 410 -30.46 -10.80 -40.19
CA PHE B 410 -30.93 -9.95 -39.10
C PHE B 410 -29.93 -8.83 -38.82
N VAL B 411 -30.38 -7.58 -38.66
CA VAL B 411 -31.77 -7.11 -38.78
C VAL B 411 -32.22 -6.88 -40.24
N GLN B 412 -31.29 -6.76 -41.18
CA GLN B 412 -31.65 -6.66 -42.59
C GLN B 412 -30.87 -7.68 -43.41
N VAL B 413 -31.42 -7.96 -44.57
CA VAL B 413 -30.86 -8.95 -45.47
C VAL B 413 -29.37 -8.66 -45.68
N ASN B 414 -28.55 -9.71 -45.67
CA ASN B 414 -27.12 -9.64 -45.93
C ASN B 414 -26.31 -8.79 -44.93
N THR B 415 -26.84 -8.63 -43.72
CA THR B 415 -26.09 -8.08 -42.62
C THR B 415 -24.90 -9.01 -42.26
N GLY B 416 -25.15 -10.31 -42.30
CA GLY B 416 -24.15 -11.30 -41.91
C GLY B 416 -24.26 -11.58 -40.41
N PRO B 417 -23.59 -12.63 -39.94
CA PRO B 417 -23.60 -12.94 -38.52
C PRO B 417 -22.83 -11.89 -37.71
N ASP B 418 -23.19 -11.78 -36.44
CA ASP B 418 -22.39 -11.03 -35.47
C ASP B 418 -20.95 -11.54 -35.59
N PRO B 419 -19.98 -10.66 -35.93
CA PRO B 419 -18.61 -11.13 -36.11
C PRO B 419 -17.90 -11.54 -34.83
N LEU B 420 -18.41 -11.11 -33.68
CA LEU B 420 -17.86 -11.50 -32.41
C LEU B 420 -18.35 -12.89 -31.98
N ILE B 421 -19.68 -13.11 -31.96
CA ILE B 421 -20.25 -14.33 -31.37
C ILE B 421 -21.09 -15.15 -32.33
N GLY B 422 -21.31 -14.69 -33.56
CA GLY B 422 -22.23 -15.37 -34.44
C GLY B 422 -21.69 -16.71 -34.92
N GLN B 423 -22.53 -17.75 -34.86
CA GLN B 423 -22.14 -19.08 -35.31
C GLN B 423 -23.17 -19.61 -36.28
N PRO B 424 -22.73 -20.08 -37.45
CA PRO B 424 -21.36 -20.04 -37.95
C PRO B 424 -20.94 -18.63 -38.37
N SER B 425 -19.64 -18.45 -38.55
CA SER B 425 -19.11 -17.20 -39.07
C SER B 425 -19.58 -16.99 -40.51
N GLY B 426 -19.47 -15.74 -40.99
CA GLY B 426 -19.78 -15.42 -42.39
C GLY B 426 -19.23 -14.06 -42.84
N THR B 427 -20.01 -13.37 -43.65
CA THR B 427 -19.55 -12.19 -44.34
C THR B 427 -20.25 -10.97 -43.82
N GLN B 428 -19.47 -9.96 -43.44
CA GLN B 428 -20.03 -8.65 -43.10
C GLN B 428 -19.64 -7.58 -44.14
N LYS B 429 -20.44 -6.53 -44.19
CA LYS B 429 -20.16 -5.35 -45.01
C LYS B 429 -19.72 -4.21 -44.09
N TRP B 430 -18.55 -3.66 -44.34
CA TRP B 430 -17.92 -2.69 -43.45
C TRP B 430 -17.82 -1.33 -44.16
N PRO B 431 -18.21 -0.23 -43.46
CA PRO B 431 -18.11 1.09 -44.10
C PRO B 431 -16.65 1.52 -44.26
N LYS B 432 -16.27 1.93 -45.47
CA LYS B 432 -14.89 2.39 -45.73
C LYS B 432 -14.61 3.69 -44.96
N LYS B 433 -15.62 4.56 -44.88
CA LYS B 433 -15.52 5.81 -44.16
C LYS B 433 -16.72 5.93 -43.26
N TRP B 434 -16.45 6.14 -41.99
CA TRP B 434 -17.48 6.29 -40.96
C TRP B 434 -18.49 7.36 -41.35
N GLY B 435 -19.76 7.03 -41.30
CA GLY B 435 -20.81 7.97 -41.63
C GLY B 435 -21.12 8.10 -43.11
N GLU B 436 -20.52 7.26 -43.94
CA GLU B 436 -20.74 7.30 -45.42
C GLU B 436 -21.14 5.91 -45.88
N PRO B 437 -21.92 5.83 -46.97
CA PRO B 437 -22.58 4.55 -47.30
C PRO B 437 -21.71 3.45 -47.91
N GLU B 438 -20.63 3.80 -48.60
CA GLU B 438 -19.89 2.77 -49.34
C GLU B 438 -19.26 1.73 -48.39
N THR B 439 -19.49 0.45 -48.70
CA THR B 439 -18.99 -0.65 -47.87
C THR B 439 -18.07 -1.56 -48.67
N GLU B 440 -17.38 -2.40 -47.93
CA GLU B 440 -16.52 -3.43 -48.51
C GLU B 440 -16.73 -4.72 -47.73
N GLU B 441 -16.78 -5.86 -48.41
CA GLU B 441 -17.01 -7.14 -47.73
C GLU B 441 -15.74 -7.66 -47.06
N TYR B 442 -15.87 -8.24 -45.86
CA TYR B 442 -14.76 -8.94 -45.19
C TYR B 442 -15.37 -9.99 -44.28
N ASN B 443 -14.81 -11.18 -44.32
CA ASN B 443 -15.27 -12.28 -43.51
C ASN B 443 -14.51 -12.29 -42.21
N PHE B 444 -15.07 -11.67 -41.17
CA PHE B 444 -14.40 -11.70 -39.88
C PHE B 444 -14.62 -13.08 -39.29
N GLN B 445 -13.54 -13.69 -38.79
CA GLN B 445 -13.62 -15.06 -38.28
C GLN B 445 -14.10 -15.11 -36.83
N LEU B 446 -14.68 -16.26 -36.46
CA LEU B 446 -15.18 -16.46 -35.11
C LEU B 446 -14.06 -16.94 -34.20
N TRP B 447 -13.74 -16.11 -33.21
CA TRP B 447 -12.60 -16.35 -32.31
C TRP B 447 -13.04 -16.66 -30.90
N ILE B 448 -14.31 -17.05 -30.77
CA ILE B 448 -14.89 -17.49 -29.50
C ILE B 448 -15.36 -18.92 -29.67
N ASN B 449 -14.92 -19.80 -28.77
CA ASN B 449 -15.32 -21.19 -28.81
C ASN B 449 -16.10 -21.55 -27.59
N MET B 450 -17.24 -22.21 -27.81
CA MET B 450 -18.06 -22.72 -26.72
C MET B 450 -17.44 -24.00 -26.16
N LYS B 451 -17.03 -23.97 -24.89
CA LYS B 451 -16.34 -25.08 -24.26
C LYS B 451 -17.19 -25.89 -23.31
N GLY B 452 -18.42 -25.45 -23.09
CA GLY B 452 -19.35 -26.18 -22.26
C GLY B 452 -20.21 -25.27 -21.41
N GLY B 453 -21.26 -25.84 -20.87
CA GLY B 453 -22.17 -25.08 -20.03
C GLY B 453 -23.41 -25.86 -19.71
N GLU B 454 -24.35 -25.18 -19.06
CA GLU B 454 -25.62 -25.78 -18.74
C GLU B 454 -26.61 -24.68 -18.37
N TYR B 455 -27.88 -25.04 -18.47
CA TYR B 455 -28.98 -24.20 -18.00
C TYR B 455 -29.37 -24.63 -16.60
N PHE B 456 -29.59 -23.65 -15.72
CA PHE B 456 -30.00 -23.91 -14.35
C PHE B 456 -31.18 -23.03 -13.94
N PHE B 457 -31.75 -23.36 -12.79
CA PHE B 457 -32.70 -22.49 -12.11
C PHE B 457 -32.09 -22.13 -10.77
N ALA B 458 -32.16 -20.85 -10.42
CA ALA B 458 -31.87 -20.39 -9.07
C ALA B 458 -33.17 -20.47 -8.26
N PRO B 459 -33.30 -21.49 -7.41
CA PRO B 459 -34.57 -21.60 -6.66
C PRO B 459 -34.72 -20.56 -5.55
N SER B 460 -35.94 -20.39 -5.06
CA SER B 460 -36.19 -19.59 -3.87
C SER B 460 -35.45 -20.21 -2.68
N ILE B 461 -35.11 -19.38 -1.73
CA ILE B 461 -34.33 -19.82 -0.56
C ILE B 461 -35.15 -20.75 0.34
N SER B 462 -36.42 -20.44 0.53
CA SER B 462 -37.32 -21.27 1.36
C SER B 462 -37.42 -22.69 0.81
N PHE B 463 -37.48 -22.84 -0.51
CA PHE B 463 -37.46 -24.20 -1.09
C PHE B 463 -36.24 -24.97 -0.60
N LEU B 464 -35.07 -24.35 -0.71
CA LEU B 464 -33.83 -25.00 -0.40
C LEU B 464 -33.71 -25.27 1.12
N LYS B 465 -34.18 -24.32 1.93
CA LYS B 465 -34.14 -24.48 3.40
C LYS B 465 -35.07 -25.56 3.96
N THR B 466 -36.09 -25.98 3.23
CA THR B 466 -37.05 -26.97 3.70
C THR B 466 -37.06 -28.24 2.83
N LEU B 467 -36.00 -28.44 2.06
CA LEU B 467 -35.91 -29.58 1.17
C LEU B 467 -35.83 -30.94 1.92
N ALA B 468 -35.13 -30.96 3.05
CA ALA B 468 -34.90 -32.26 3.71
C ALA B 468 -36.15 -32.78 4.39
N ALA C 1 21.81 11.64 42.85
CA ALA C 1 22.85 10.93 43.66
C ALA C 1 23.87 10.11 42.82
N LEU C 2 23.85 10.27 41.50
CA LEU C 2 24.83 9.61 40.60
C LEU C 2 26.25 10.05 40.93
N THR C 3 27.13 9.07 41.15
CA THR C 3 28.50 9.32 41.55
C THR C 3 29.40 9.35 40.32
N GLU C 4 30.66 9.71 40.57
CA GLU C 4 31.75 9.65 39.58
C GLU C 4 31.80 8.28 38.94
N LYS C 5 31.81 7.26 39.80
CA LYS C 5 31.75 5.87 39.38
C LYS C 5 30.59 5.57 38.41
N ASP C 6 29.39 6.04 38.73
CA ASP C 6 28.20 5.74 37.92
C ASP C 6 28.33 6.38 36.53
N LEU C 7 29.06 7.49 36.46
CA LEU C 7 29.19 8.21 35.21
C LEU C 7 30.35 7.71 34.38
N LYS C 8 31.34 7.13 35.04
CA LYS C 8 32.53 6.63 34.34
C LYS C 8 32.38 5.18 33.90
N ASN C 9 31.35 4.47 34.36
CA ASN C 9 31.18 3.05 34.07
C ASN C 9 29.76 2.69 33.68
N LEU C 10 29.55 2.33 32.43
CA LEU C 10 28.21 1.92 31.99
C LEU C 10 27.87 0.53 32.54
N PRO C 11 26.63 0.30 32.96
CA PRO C 11 26.27 -1.07 33.29
C PRO C 11 26.45 -2.02 32.10
N GLU C 12 26.63 -3.30 32.43
CA GLU C 12 26.97 -4.33 31.46
C GLU C 12 25.96 -4.35 30.28
N ASP C 13 24.67 -4.16 30.55
CA ASP C 13 23.63 -4.15 29.50
C ASP C 13 23.16 -2.76 29.11
N GLY C 14 23.91 -1.74 29.51
CA GLY C 14 23.52 -0.36 29.24
C GLY C 14 22.47 0.09 30.23
N ILE C 15 22.00 1.31 30.07
CA ILE C 15 20.94 1.83 30.94
C ILE C 15 19.58 1.28 30.51
N ASP C 16 18.87 0.68 31.47
CA ASP C 16 17.57 0.10 31.16
C ASP C 16 16.45 1.12 31.36
N SER C 17 15.96 1.69 30.27
CA SER C 17 14.92 2.70 30.32
C SER C 17 13.61 2.22 30.92
N GLU C 18 13.30 0.93 30.80
CA GLU C 18 12.06 0.41 31.35
C GLU C 18 12.28 0.05 32.86
N ASN C 19 13.54 -0.12 33.32
CA ASN C 19 13.86 -0.33 34.77
C ASN C 19 15.09 0.46 35.18
N PRO C 20 14.97 1.78 35.21
CA PRO C 20 16.18 2.62 35.19
C PRO C 20 16.97 2.65 36.51
N GLY C 21 16.37 2.20 37.60
CA GLY C 21 17.08 2.15 38.89
C GLY C 21 17.57 3.53 39.29
N LYS C 22 18.86 3.63 39.58
CA LYS C 22 19.44 4.91 39.98
C LYS C 22 19.51 5.96 38.86
N TYR C 23 19.25 5.56 37.61
CA TYR C 23 19.29 6.48 36.48
C TYR C 23 17.92 7.07 36.17
N ARG C 24 16.93 6.75 36.98
CA ARG C 24 15.57 7.25 36.76
C ARG C 24 15.50 8.78 36.62
N ASN C 25 16.08 9.51 37.57
CA ASN C 25 15.92 10.97 37.57
C ASN C 25 16.69 11.59 36.42
N LEU C 26 17.83 11.01 36.12
CA LEU C 26 18.61 11.46 35.00
C LEU C 26 17.79 11.39 33.72
N LEU C 27 17.13 10.26 33.48
CA LEU C 27 16.40 10.08 32.22
C LEU C 27 15.17 10.99 32.13
N ASN C 28 14.58 11.36 33.26
CA ASN C 28 13.46 12.31 33.29
C ASN C 28 13.86 13.73 32.92
N ASP C 29 15.09 14.16 33.23
CA ASP C 29 15.50 15.55 33.03
C ASP C 29 16.47 15.76 31.86
N LEU C 30 16.90 14.65 31.24
CA LEU C 30 17.78 14.68 30.09
C LEU C 30 16.93 14.67 28.80
N GLN C 31 17.29 15.51 27.83
CA GLN C 31 16.60 15.50 26.55
C GLN C 31 16.84 14.18 25.82
N GLY C 32 15.87 13.77 25.01
CA GLY C 32 16.05 12.67 24.08
C GLY C 32 17.01 12.97 22.95
N ASN C 33 17.24 11.96 22.14
CA ASN C 33 18.10 12.01 20.94
C ASN C 33 19.60 12.01 21.27
N ILE C 34 19.94 11.96 22.57
CA ILE C 34 21.33 12.05 22.97
C ILE C 34 21.85 10.63 23.19
N LEU C 35 21.34 9.96 24.22
CA LEU C 35 21.75 8.58 24.51
C LEU C 35 21.24 7.59 23.46
N LYS C 36 20.12 7.90 22.80
CA LYS C 36 19.58 7.09 21.73
C LYS C 36 18.89 8.02 20.73
N GLY C 37 19.15 7.81 19.45
CA GLY C 37 18.60 8.66 18.41
C GLY C 37 17.07 8.64 18.38
N HIS C 38 16.45 9.75 18.02
CA HIS C 38 15.01 9.83 17.98
C HIS C 38 14.39 8.86 17.00
N GLY C 39 15.14 8.46 15.97
CA GLY C 39 14.66 7.43 15.03
C GLY C 39 13.50 7.81 14.11
N ARG C 40 13.15 9.09 14.04
CA ARG C 40 12.04 9.55 13.19
C ARG C 40 12.55 9.83 11.79
N ASP C 41 11.69 9.62 10.81
CA ASP C 41 12.09 9.76 9.39
C ASP C 41 12.24 11.15 8.86
N HIS C 42 11.64 12.12 9.54
CA HIS C 42 11.68 13.51 9.07
C HIS C 42 11.95 14.43 10.21
N SER C 43 12.67 15.50 9.92
CA SER C 43 12.90 16.49 10.93
C SER C 43 12.94 17.90 10.35
N VAL C 44 12.70 18.86 11.24
CA VAL C 44 12.81 20.26 10.93
C VAL C 44 13.75 20.87 11.93
N HIS C 45 14.71 21.62 11.39
CA HIS C 45 15.69 22.34 12.18
C HIS C 45 15.46 23.84 11.98
N LEU C 46 15.14 24.55 13.07
CA LEU C 46 14.90 26.00 13.04
C LEU C 46 15.97 26.70 13.85
N PHE C 47 16.77 27.52 13.15
CA PHE C 47 17.82 28.29 13.79
C PHE C 47 17.31 29.66 14.12
N LEU C 48 17.52 30.07 15.35
CA LEU C 48 16.89 31.26 15.90
C LEU C 48 17.89 32.31 16.31
N GLN C 49 17.51 33.57 16.09
CA GLN C 49 18.10 34.71 16.76
C GLN C 49 16.97 35.48 17.46
N PHE C 50 17.05 35.53 18.78
CA PHE C 50 16.03 36.20 19.60
C PHE C 50 16.07 37.70 19.38
N LYS C 51 14.90 38.33 19.47
CA LYS C 51 14.78 39.74 19.11
C LYS C 51 15.26 40.64 20.25
N PRO C 52 15.92 41.77 19.90
CA PRO C 52 16.56 42.59 20.94
C PRO C 52 15.55 43.05 21.95
N GLU C 53 15.99 43.10 23.22
CA GLU C 53 15.21 43.71 24.32
C GLU C 53 13.96 42.93 24.66
N GLN C 54 13.89 41.64 24.35
CA GLN C 54 12.67 40.86 24.61
C GLN C 54 12.96 39.65 25.48
N VAL C 55 13.92 39.82 26.39
CA VAL C 55 14.46 38.67 27.12
C VAL C 55 13.35 37.95 27.89
N GLU C 56 12.51 38.72 28.57
CA GLU C 56 11.52 38.08 29.44
C GLU C 56 10.48 37.28 28.64
N VAL C 57 9.97 37.84 27.55
CA VAL C 57 8.99 37.08 26.73
C VAL C 57 9.65 35.91 25.99
N VAL C 58 10.93 36.05 25.66
CA VAL C 58 11.67 34.93 25.11
C VAL C 58 11.75 33.79 26.14
N LYS C 59 12.07 34.13 27.38
CA LYS C 59 12.12 33.13 28.42
C LYS C 59 10.77 32.43 28.63
N GLN C 60 9.68 33.19 28.57
CA GLN C 60 8.33 32.63 28.70
C GLN C 60 8.02 31.68 27.55
N TRP C 61 8.43 32.07 26.34
CA TRP C 61 8.26 31.18 25.19
C TRP C 61 9.06 29.87 25.36
N ILE C 62 10.33 29.99 25.73
CA ILE C 62 11.17 28.79 25.91
C ILE C 62 10.57 27.87 26.96
N GLN C 63 10.11 28.46 28.05
CA GLN C 63 9.45 27.72 29.10
C GLN C 63 8.22 26.95 28.60
N SER C 64 7.37 27.61 27.82
CA SER C 64 6.17 26.97 27.28
C SER C 64 6.57 25.86 26.30
N PHE C 65 7.60 26.09 25.50
CA PHE C 65 8.07 25.05 24.57
C PHE C 65 8.62 23.83 25.31
N ALA C 66 9.36 24.07 26.38
CA ALA C 66 9.86 22.97 27.21
C ALA C 66 8.72 22.22 27.88
N GLN C 67 7.68 22.94 28.31
CA GLN C 67 6.56 22.28 29.00
C GLN C 67 5.72 21.46 28.04
N THR C 68 5.57 21.95 26.82
CA THR C 68 4.63 21.36 25.88
C THR C 68 5.24 20.31 24.96
N TYR C 69 6.46 20.56 24.48
CA TYR C 69 7.01 19.81 23.37
C TYR C 69 8.28 18.99 23.65
N ILE C 70 9.19 19.48 24.49
CA ILE C 70 10.52 18.86 24.57
C ILE C 70 10.39 17.42 25.09
N THR C 71 11.10 16.51 24.42
CA THR C 71 11.02 15.07 24.71
C THR C 71 12.19 14.68 25.58
N SER C 72 11.92 14.13 26.76
CA SER C 72 12.97 13.61 27.63
C SER C 72 13.41 12.23 27.13
N ALA C 73 14.54 11.74 27.62
CA ALA C 73 14.98 10.41 27.29
C ALA C 73 13.97 9.36 27.77
N LYS C 74 13.37 9.60 28.92
CA LYS C 74 12.34 8.69 29.45
C LYS C 74 11.11 8.69 28.56
N LYS C 75 10.63 9.87 28.19
CA LYS C 75 9.45 9.97 27.32
C LYS C 75 9.74 9.28 26.00
N GLN C 76 10.94 9.50 25.45
CA GLN C 76 11.33 8.88 24.17
C GLN C 76 11.23 7.35 24.25
N ALA C 77 11.77 6.79 25.33
CA ALA C 77 11.74 5.35 25.54
C ALA C 77 10.29 4.85 25.73
N ASP C 78 9.48 5.61 26.47
CA ASP C 78 8.07 5.24 26.68
C ASP C 78 7.24 5.26 25.38
N GLU C 79 7.50 6.24 24.52
CA GLU C 79 6.83 6.36 23.22
C GLU C 79 7.20 5.17 22.32
N ALA C 80 8.46 4.78 22.32
CA ALA C 80 8.87 3.60 21.57
C ALA C 80 8.20 2.34 22.14
N PHE C 81 8.13 2.24 23.46
CA PHE C 81 7.56 1.06 24.12
C PHE C 81 6.05 0.92 23.79
N LYS C 82 5.32 2.03 23.90
CA LYS C 82 3.87 2.07 23.58
C LYS C 82 3.63 1.77 22.11
N TYR C 83 4.50 2.28 21.23
CA TYR C 83 4.39 1.98 19.80
C TYR C 83 4.53 0.47 19.52
N ARG C 84 5.55 -0.17 20.08
CA ARG C 84 5.75 -1.61 19.85
C ARG C 84 4.64 -2.44 20.43
N GLN C 85 4.18 -2.07 21.62
CA GLN C 85 3.25 -2.90 22.38
C GLN C 85 1.81 -2.74 21.92
N LYS C 86 1.42 -1.53 21.53
CA LYS C 86 0.01 -1.22 21.21
C LYS C 86 -0.21 -0.52 19.86
N GLY C 87 0.84 -0.32 19.06
CA GLY C 87 0.72 0.35 17.76
C GLY C 87 0.43 1.85 17.81
N VAL C 88 0.29 2.39 19.02
CA VAL C 88 0.04 3.82 19.24
C VAL C 88 1.31 4.66 18.92
N SER C 89 1.22 5.53 17.92
CA SER C 89 2.31 6.46 17.61
C SER C 89 2.30 7.62 18.63
N GLY C 90 3.46 8.14 18.95
CA GLY C 90 3.54 9.16 20.00
C GLY C 90 3.39 10.57 19.50
N ASP C 91 3.61 11.51 20.41
CA ASP C 91 3.75 12.90 20.05
C ASP C 91 4.93 13.09 19.09
N VAL C 92 4.96 14.24 18.44
CA VAL C 92 6.15 14.70 17.79
C VAL C 92 7.35 14.70 18.74
N PHE C 93 8.54 14.45 18.21
CA PHE C 93 9.77 14.52 18.98
C PHE C 93 10.32 15.96 18.95
N ALA C 94 10.83 16.49 20.06
CA ALA C 94 11.44 17.80 20.05
C ALA C 94 12.66 17.95 20.95
N ASN C 95 13.68 18.66 20.44
CA ASN C 95 14.85 19.07 21.19
C ASN C 95 14.93 20.60 21.13
N PHE C 96 15.63 21.18 22.11
CA PHE C 96 15.94 22.60 22.10
C PHE C 96 17.39 22.76 22.54
N PHE C 97 18.15 23.55 21.76
CA PHE C 97 19.58 23.77 22.01
C PHE C 97 19.93 25.26 22.05
N LEU C 98 20.89 25.62 22.91
CA LEU C 98 21.36 26.99 23.02
C LEU C 98 22.82 27.10 22.65
N SER C 99 23.17 28.15 21.93
CA SER C 99 24.56 28.52 21.70
C SER C 99 25.07 29.37 22.84
N ARG C 100 26.39 29.61 22.89
CA ARG C 100 26.92 30.52 23.91
C ARG C 100 26.30 31.91 23.78
N HIS C 101 26.18 32.39 22.55
CA HIS C 101 25.55 33.68 22.30
C HIS C 101 24.10 33.68 22.82
N GLY C 102 23.42 32.55 22.73
CA GLY C 102 22.08 32.41 23.25
C GLY C 102 22.01 32.52 24.75
N TYR C 103 22.96 31.91 25.44
CA TYR C 103 23.07 32.04 26.87
C TYR C 103 23.27 33.51 27.26
N GLU C 104 24.12 34.21 26.51
CA GLU C 104 24.39 35.62 26.79
C GLU C 104 23.16 36.48 26.56
N TYR C 105 22.43 36.22 25.48
CA TYR C 105 21.16 36.89 25.21
C TYR C 105 20.22 36.74 26.41
N LEU C 106 20.19 35.54 26.97
CA LEU C 106 19.31 35.24 28.10
C LEU C 106 19.83 35.77 29.45
N GLU C 107 20.95 36.51 29.43
CA GLU C 107 21.50 37.17 30.61
C GLU C 107 21.92 36.18 31.70
N ILE C 108 22.37 35.00 31.27
CA ILE C 108 22.91 34.01 32.19
C ILE C 108 24.34 34.41 32.53
N GLU C 109 24.67 34.45 33.82
CA GLU C 109 26.02 34.85 34.29
C GLU C 109 27.12 33.98 33.70
N PRO C 110 28.30 34.57 33.39
CA PRO C 110 29.36 33.81 32.68
C PRO C 110 29.76 32.52 33.37
N PHE C 111 29.85 32.55 34.71
CA PHE C 111 30.21 31.36 35.47
C PHE C 111 29.15 30.26 35.34
N GLN C 112 27.92 30.61 34.94
CA GLN C 112 26.84 29.63 34.76
C GLN C 112 26.65 29.15 33.32
N ILE C 113 27.43 29.67 32.39
CA ILE C 113 27.37 29.26 30.99
C ILE C 113 28.21 27.99 30.85
N PRO C 114 27.70 26.99 30.14
CA PRO C 114 28.47 25.75 29.99
C PRO C 114 29.93 26.04 29.63
N GLY C 115 30.85 25.30 30.25
CA GLY C 115 32.27 25.64 30.25
C GLY C 115 33.09 25.23 29.04
N ASP C 116 32.56 24.41 28.15
CA ASP C 116 33.36 23.86 27.06
C ASP C 116 33.94 25.01 26.22
N LYS C 117 35.26 25.02 26.01
CA LYS C 117 35.88 26.13 25.31
C LYS C 117 35.44 26.30 23.84
N PRO C 118 35.49 25.24 23.02
CA PRO C 118 34.97 25.41 21.65
C PRO C 118 33.53 25.91 21.61
N PHE C 119 32.68 25.36 22.45
CA PHE C 119 31.28 25.84 22.57
C PHE C 119 31.22 27.33 22.84
N ARG C 120 32.04 27.81 23.78
CA ARG C 120 32.06 29.24 24.09
C ARG C 120 32.60 30.05 22.95
N MET C 121 33.64 29.55 22.30
CA MET C 121 34.28 30.30 21.21
C MET C 121 33.34 30.42 20.01
N GLY C 122 32.59 29.37 19.73
CA GLY C 122 31.68 29.34 18.57
C GLY C 122 32.40 28.84 17.33
N MET C 123 31.64 28.27 16.39
CA MET C 123 32.21 27.71 15.17
C MET C 123 32.70 28.74 14.15
N LYS C 124 32.28 29.99 14.31
CA LYS C 124 32.85 31.08 13.51
C LYS C 124 34.20 31.58 14.00
N ASN C 125 34.59 31.23 15.21
CA ASN C 125 35.79 31.75 15.79
C ASN C 125 36.99 31.40 14.89
N GLU C 126 37.87 32.36 14.68
CA GLU C 126 38.98 32.16 13.73
C GLU C 126 39.91 31.02 14.19
N GLU C 127 40.15 30.87 15.49
CA GLU C 127 41.04 29.81 15.94
C GLU C 127 40.42 28.46 15.68
N ILE C 128 39.13 28.35 15.96
CA ILE C 128 38.38 27.15 15.68
C ILE C 128 38.43 26.80 14.19
N ARG C 129 38.13 27.79 13.34
CA ARG C 129 38.19 27.60 11.89
C ARG C 129 39.57 27.11 11.43
N SER C 130 40.62 27.76 11.89
CA SER C 130 41.98 27.41 11.54
C SER C 130 42.31 25.99 11.97
N SER C 131 41.95 25.66 13.21
CA SER C 131 42.18 24.30 13.75
C SER C 131 41.47 23.22 12.96
N LEU C 132 40.25 23.49 12.52
CA LEU C 132 39.48 22.49 11.78
C LEU C 132 39.85 22.45 10.29
N GLY C 133 40.60 23.42 9.79
CA GLY C 133 40.90 23.51 8.35
C GLY C 133 39.70 24.00 7.55
N ASP C 134 38.76 24.63 8.26
CA ASP C 134 37.52 25.05 7.71
C ASP C 134 37.67 26.24 6.73
N PRO C 135 36.70 26.41 5.82
CA PRO C 135 36.77 27.52 4.87
C PRO C 135 36.43 28.85 5.55
N LYS C 136 36.63 29.95 4.85
CA LYS C 136 36.29 31.26 5.41
C LYS C 136 34.80 31.35 5.71
N ILE C 137 34.46 32.03 6.81
CA ILE C 137 33.06 32.16 7.21
C ILE C 137 32.24 32.85 6.11
N ALA C 138 32.86 33.75 5.34
CA ALA C 138 32.18 34.43 4.24
C ALA C 138 31.71 33.48 3.11
N THR C 139 32.21 32.25 3.05
CA THR C 139 31.74 31.25 2.10
C THR C 139 30.54 30.43 2.63
N TRP C 140 30.21 30.55 3.92
CA TRP C 140 29.07 29.83 4.47
C TRP C 140 27.77 30.31 3.84
N GLU C 141 26.77 29.44 3.84
CA GLU C 141 25.43 29.83 3.47
C GLU C 141 24.96 30.96 4.38
N LEU C 142 24.18 31.88 3.80
CA LEU C 142 23.76 33.10 4.49
C LEU C 142 23.14 32.86 5.86
N GLY C 143 22.26 31.87 5.97
CA GLY C 143 21.61 31.56 7.26
C GLY C 143 22.57 31.35 8.41
N PHE C 144 23.69 30.69 8.11
CA PHE C 144 24.67 30.41 9.13
C PHE C 144 25.62 31.55 9.45
N GLN C 145 25.60 32.60 8.64
CA GLN C 145 26.43 33.78 8.93
C GLN C 145 25.86 34.67 10.02
N SER C 146 24.57 34.55 10.33
CA SER C 146 23.95 35.31 11.42
C SER C 146 24.46 34.80 12.75
N GLU C 147 24.33 35.63 13.78
CA GLU C 147 24.60 35.21 15.14
C GLU C 147 23.43 34.31 15.53
N ILE C 148 23.72 33.06 15.80
CA ILE C 148 22.69 32.10 16.10
C ILE C 148 22.62 31.89 17.60
N HIS C 149 21.41 31.98 18.17
CA HIS C 149 21.18 31.84 19.60
C HIS C 149 20.72 30.46 20.01
N ALA C 150 19.97 29.81 19.14
CA ALA C 150 19.32 28.55 19.50
C ALA C 150 18.92 27.76 18.28
N LEU C 151 18.67 26.47 18.51
CA LEU C 151 18.18 25.55 17.51
C LEU C 151 17.00 24.77 18.07
N VAL C 152 15.90 24.78 17.32
CA VAL C 152 14.73 23.98 17.64
C VAL C 152 14.71 22.82 16.67
N LEU C 153 14.61 21.61 17.20
CA LEU C 153 14.57 20.39 16.38
C LEU C 153 13.24 19.72 16.66
N ILE C 154 12.46 19.52 15.62
CA ILE C 154 11.18 18.78 15.70
C ILE C 154 11.22 17.65 14.68
N ALA C 155 10.79 16.47 15.10
CA ALA C 155 10.86 15.29 14.26
C ALA C 155 9.64 14.39 14.40
N ASP C 156 9.33 13.73 13.32
CA ASP C 156 8.17 12.86 13.26
C ASP C 156 8.27 11.99 12.02
N ASP C 157 7.66 10.80 12.06
CA ASP C 157 7.59 9.94 10.84
C ASP C 157 6.59 10.42 9.79
N ASP C 158 5.55 11.15 10.21
CA ASP C 158 4.48 11.61 9.30
C ASP C 158 4.90 13.04 8.86
N ILE C 159 5.42 13.16 7.65
CA ILE C 159 5.96 14.46 7.18
C ILE C 159 4.85 15.56 7.13
N VAL C 160 3.68 15.26 6.61
CA VAL C 160 2.67 16.30 6.50
C VAL C 160 2.27 16.85 7.89
N ASP C 161 2.04 15.95 8.83
CA ASP C 161 1.72 16.36 10.20
C ASP C 161 2.86 17.16 10.83
N LEU C 162 4.09 16.71 10.64
CA LEU C 162 5.24 17.45 11.13
C LEU C 162 5.21 18.91 10.65
N LEU C 163 4.93 19.10 9.37
CA LEU C 163 4.90 20.44 8.81
C LEU C 163 3.81 21.31 9.43
N GLN C 164 2.64 20.72 9.67
CA GLN C 164 1.54 21.46 10.30
C GLN C 164 1.90 21.89 11.72
N ILE C 165 2.50 20.97 12.46
CA ILE C 165 2.86 21.23 13.84
C ILE C 165 3.92 22.30 13.90
N VAL C 166 4.89 22.22 13.02
CA VAL C 166 5.91 23.26 12.92
C VAL C 166 5.28 24.63 12.62
N ASN C 167 4.34 24.68 11.67
CA ASN C 167 3.71 25.96 11.33
C ASN C 167 2.91 26.53 12.49
N GLN C 168 2.34 25.66 13.30
CA GLN C 168 1.66 26.10 14.52
C GLN C 168 2.67 26.66 15.52
N ILE C 169 3.71 25.91 15.81
CA ILE C 169 4.74 26.34 16.76
C ILE C 169 5.34 27.67 16.36
N THR C 170 5.59 27.89 15.08
CA THR C 170 6.28 29.09 14.64
C THR C 170 5.45 30.38 14.73
N GLN C 171 4.14 30.29 14.91
CA GLN C 171 3.34 31.50 15.04
C GLN C 171 3.74 32.32 16.25
N LYS C 172 3.80 31.70 17.42
CA LYS C 172 4.20 32.43 18.63
C LYS C 172 5.70 32.67 18.63
N LEU C 173 6.44 31.74 18.04
CA LEU C 173 7.89 31.86 18.01
C LEU C 173 8.35 33.09 17.26
N ARG C 174 7.71 33.37 16.13
CA ARG C 174 8.10 34.52 15.29
C ARG C 174 7.91 35.85 16.00
N GLN C 175 7.05 35.89 17.01
CA GLN C 175 6.83 37.12 17.78
C GLN C 175 8.10 37.53 18.52
N ILE C 176 8.90 36.55 18.93
CA ILE C 176 10.04 36.77 19.83
C ILE C 176 11.39 36.38 19.25
N ALA C 177 11.40 35.82 18.04
CA ALA C 177 12.64 35.37 17.42
C ALA C 177 12.59 35.49 15.90
N GLU C 178 13.75 35.75 15.30
CA GLU C 178 13.93 35.62 13.86
C GLU C 178 14.32 34.19 13.61
N ILE C 179 13.65 33.54 12.66
CA ILE C 179 14.11 32.25 12.19
C ILE C 179 15.11 32.55 11.08
N VAL C 180 16.40 32.40 11.36
CA VAL C 180 17.44 32.86 10.44
C VAL C 180 17.77 31.79 9.42
N HIS C 181 17.40 30.54 9.70
CA HIS C 181 17.71 29.42 8.83
C HIS C 181 16.83 28.21 9.17
N ARG C 182 16.46 27.46 8.15
CA ARG C 182 15.68 26.22 8.30
C ARG C 182 16.26 25.11 7.45
N GLU C 183 16.22 23.92 7.99
CA GLU C 183 16.46 22.69 7.23
C GLU C 183 15.33 21.71 7.49
N ASP C 184 15.09 20.89 6.49
CA ASP C 184 14.12 19.79 6.56
C ASP C 184 14.90 18.53 6.28
N GLY C 185 15.34 17.87 7.35
CA GLY C 185 16.09 16.63 7.24
C GLY C 185 15.26 15.42 6.92
N PHE C 186 15.86 14.47 6.23
CA PHE C 186 15.23 13.21 5.93
C PHE C 186 16.27 12.06 5.92
N ILE C 187 15.77 10.83 5.88
CA ILE C 187 16.63 9.66 5.88
C ILE C 187 16.67 9.08 4.48
N LEU C 188 17.86 9.03 3.90
CA LEU C 188 18.08 8.34 2.64
C LEU C 188 18.23 6.87 2.85
N ARG C 189 17.66 6.05 1.97
CA ARG C 189 17.81 4.59 2.03
C ARG C 189 18.17 3.91 0.71
N ASN C 190 18.89 2.79 0.80
CA ASN C 190 19.19 1.95 -0.38
C ASN C 190 18.01 0.97 -0.61
N GLN C 191 18.07 0.21 -1.71
CA GLN C 191 16.96 -0.66 -2.04
C GLN C 191 16.74 -1.77 -1.01
N ALA C 192 17.77 -2.19 -0.27
CA ALA C 192 17.60 -3.11 0.83
C ALA C 192 16.94 -2.48 2.07
N GLY C 193 16.66 -1.18 2.04
CA GLY C 193 16.06 -0.46 3.18
C GLY C 193 17.05 0.03 4.22
N GLN C 194 18.36 -0.05 3.96
CA GLN C 194 19.36 0.38 4.92
C GLN C 194 19.56 1.92 4.75
N ILE C 195 19.83 2.58 5.86
CA ILE C 195 20.09 4.01 5.85
C ILE C 195 21.44 4.26 5.18
N ILE C 196 21.49 5.19 4.24
CA ILE C 196 22.73 5.54 3.55
C ILE C 196 22.95 7.05 3.58
N GLU C 197 24.13 7.45 3.14
CA GLU C 197 24.42 8.88 2.92
C GLU C 197 24.53 9.05 1.42
N HIS C 198 24.59 10.29 0.95
CA HIS C 198 24.44 10.58 -0.48
C HIS C 198 25.44 9.90 -1.41
N PHE C 199 26.64 9.59 -0.95
CA PHE C 199 27.60 8.85 -1.80
C PHE C 199 27.23 7.38 -1.96
N GLY C 200 26.18 6.92 -1.26
CA GLY C 200 25.61 5.59 -1.46
C GLY C 200 26.01 4.57 -0.39
N PHE C 201 26.79 4.99 0.60
CA PHE C 201 27.30 4.05 1.62
C PHE C 201 26.32 3.95 2.79
N VAL C 202 26.11 2.73 3.27
CA VAL C 202 25.37 2.57 4.55
C VAL C 202 26.03 3.38 5.66
N HIS C 203 25.22 4.03 6.50
CA HIS C 203 25.71 5.13 7.37
C HIS C 203 25.04 5.09 8.72
N GLY C 204 25.78 5.40 9.77
CA GLY C 204 25.32 5.29 11.14
C GLY C 204 25.56 3.93 11.74
N VAL C 205 26.51 3.16 11.20
CA VAL C 205 26.77 1.78 11.66
C VAL C 205 27.44 1.79 13.04
N SER C 206 28.61 2.39 13.14
CA SER C 206 29.43 2.28 14.34
C SER C 206 29.23 3.44 15.28
N GLN C 207 28.61 3.13 16.44
CA GLN C 207 28.25 4.16 17.42
C GLN C 207 28.59 3.77 18.84
N PRO C 208 28.96 4.78 19.67
CA PRO C 208 28.91 4.55 21.11
C PRO C 208 27.49 4.21 21.54
N LEU C 209 27.35 3.19 22.36
CA LEU C 209 26.04 2.74 22.81
C LEU C 209 25.91 2.93 24.32
N PHE C 210 24.69 3.31 24.71
CA PHE C 210 24.40 3.67 26.10
C PHE C 210 23.16 2.96 26.66
N MET C 211 22.10 2.88 25.86
CA MET C 211 20.86 2.34 26.32
C MET C 211 20.75 0.86 26.07
N LYS C 212 20.12 0.16 27.02
CA LYS C 212 19.93 -1.29 26.95
C LYS C 212 19.37 -1.78 25.62
N ARG C 213 18.36 -1.09 25.10
CA ARG C 213 17.73 -1.52 23.84
C ARG C 213 18.74 -1.57 22.71
N ASP C 214 19.64 -0.60 22.65
CA ASP C 214 20.72 -0.59 21.68
C ASP C 214 21.83 -1.62 21.97
N VAL C 215 22.29 -1.67 23.22
CA VAL C 215 23.36 -2.58 23.62
C VAL C 215 22.97 -4.05 23.34
N VAL C 216 21.79 -4.45 23.78
CA VAL C 216 21.35 -5.81 23.63
C VAL C 216 21.11 -6.17 22.14
N ARG C 217 20.47 -5.27 21.40
CA ARG C 217 20.27 -5.49 19.94
C ARG C 217 21.60 -5.72 19.26
N GLU C 218 22.58 -4.87 19.57
CA GLU C 218 23.88 -5.01 18.96
C GLU C 218 24.56 -6.32 19.35
N ARG C 219 24.54 -6.65 20.64
CA ARG C 219 25.18 -7.86 21.12
C ARG C 219 24.55 -9.13 20.46
N VAL C 220 23.23 -9.17 20.44
CA VAL C 220 22.46 -10.33 19.94
C VAL C 220 22.58 -10.48 18.41
N ASN C 221 22.48 -9.37 17.69
CA ASN C 221 22.37 -9.40 16.22
C ASN C 221 23.60 -9.05 15.45
N ASN C 222 24.62 -8.54 16.15
CA ASN C 222 25.88 -8.19 15.49
C ASN C 222 27.11 -8.87 16.14
N CYS C 223 26.94 -10.12 16.51
CA CYS C 223 28.06 -11.06 16.83
C CYS C 223 28.88 -10.73 18.11
N ASP C 224 28.21 -10.16 19.11
CA ASP C 224 28.79 -9.93 20.44
C ASP C 224 29.94 -8.88 20.34
N PHE C 225 30.74 -8.78 21.41
CA PHE C 225 31.58 -7.61 21.60
C PHE C 225 33.08 -7.92 21.81
N ASP C 226 33.50 -9.14 21.48
CA ASP C 226 34.85 -9.59 21.82
C ASP C 226 35.97 -8.93 20.95
N LYS C 227 35.62 -8.35 19.81
CA LYS C 227 36.61 -7.65 18.97
C LYS C 227 36.50 -6.15 19.07
N TRP C 228 35.27 -5.67 19.25
CA TRP C 228 35.01 -4.25 19.46
C TRP C 228 33.83 -4.12 20.39
N ASP C 229 34.09 -3.50 21.54
CA ASP C 229 33.05 -3.17 22.53
C ASP C 229 32.49 -1.77 22.24
N PRO C 230 31.23 -1.68 21.83
CA PRO C 230 30.69 -0.36 21.42
C PRO C 230 30.10 0.44 22.56
N LYS C 231 30.05 -0.16 23.76
CA LYS C 231 29.58 0.59 24.90
C LYS C 231 30.52 1.79 25.20
N ALA C 232 29.95 2.83 25.81
CA ALA C 232 30.74 3.97 26.25
C ALA C 232 30.17 4.45 27.59
N PRO C 233 31.04 5.06 28.41
CA PRO C 233 30.55 5.59 29.66
C PRO C 233 29.74 6.85 29.47
N LEU C 234 28.83 7.09 30.39
CA LEU C 234 27.99 8.28 30.31
C LEU C 234 28.80 9.58 30.27
N ASP C 235 29.95 9.62 30.92
CA ASP C 235 30.73 10.88 30.90
C ASP C 235 31.42 11.17 29.57
N SER C 236 31.27 10.29 28.60
CA SER C 236 31.73 10.58 27.23
C SER C 236 30.68 11.35 26.45
N ILE C 237 29.50 11.56 27.03
CA ILE C 237 28.43 12.24 26.29
C ILE C 237 27.66 13.25 27.16
N LEU C 238 27.48 12.95 28.45
CA LEU C 238 26.74 13.82 29.36
C LEU C 238 27.63 14.76 30.18
N VAL C 239 27.08 15.93 30.47
CA VAL C 239 27.71 16.97 31.22
C VAL C 239 26.66 17.49 32.20
N GLU C 240 27.02 17.68 33.46
CA GLU C 240 26.08 18.24 34.41
C GLU C 240 25.64 19.63 33.94
N ASP C 241 24.32 19.88 33.97
CA ASP C 241 23.85 21.18 33.57
C ASP C 241 24.04 22.09 34.77
N PRO C 242 24.96 23.08 34.66
CA PRO C 242 25.19 23.93 35.82
C PRO C 242 23.90 24.66 36.31
N ASN C 243 22.85 24.73 35.51
CA ASN C 243 21.63 25.46 35.86
C ASN C 243 20.40 24.57 35.97
N GLY C 244 20.62 23.26 36.03
CA GLY C 244 19.51 22.32 36.21
C GLY C 244 18.90 22.47 37.61
N ASN C 245 17.71 21.96 37.83
CA ASN C 245 17.06 22.01 39.16
C ASN C 245 17.15 20.79 40.03
N THR C 246 17.63 19.68 39.48
CA THR C 246 17.43 18.37 40.11
C THR C 246 18.80 17.95 40.50
N LYS C 247 18.89 16.86 41.24
CA LYS C 247 20.20 16.33 41.62
C LYS C 247 20.87 15.65 40.45
N ASP C 248 20.10 15.37 39.40
CA ASP C 248 20.62 14.62 38.28
C ASP C 248 20.22 15.29 36.98
N SER C 249 20.53 16.57 36.83
CA SER C 249 20.21 17.35 35.62
C SER C 249 21.41 17.43 34.67
N TYR C 250 21.28 16.81 33.51
CA TYR C 250 22.36 16.66 32.57
C TYR C 250 21.97 17.15 31.19
N GLY C 251 23.01 17.47 30.43
CA GLY C 251 22.93 17.90 29.05
C GLY C 251 24.08 17.31 28.26
N SER C 252 24.26 17.80 27.04
CA SER C 252 25.33 17.34 26.17
C SER C 252 25.64 18.44 25.16
N TYR C 253 26.85 18.40 24.61
CA TYR C 253 27.27 19.39 23.62
C TYR C 253 27.00 18.88 22.22
N LEU C 254 26.34 19.71 21.43
CA LEU C 254 26.03 19.41 20.04
C LEU C 254 26.98 20.14 19.07
N VAL C 255 27.53 19.40 18.09
CA VAL C 255 28.21 19.97 16.94
C VAL C 255 27.24 19.84 15.79
N TYR C 256 26.93 20.95 15.11
CA TYR C 256 26.07 20.94 13.92
C TYR C 256 26.86 21.53 12.76
N ARG C 257 26.96 20.78 11.66
CA ARG C 257 27.70 21.21 10.47
C ARG C 257 26.94 20.77 9.25
N LYS C 258 26.67 21.72 8.36
CA LYS C 258 26.06 21.41 7.08
C LYS C 258 27.16 21.09 6.08
N LEU C 259 27.19 19.83 5.63
CA LEU C 259 28.28 19.31 4.82
C LEU C 259 27.74 18.93 3.44
N GLU C 260 28.02 19.77 2.48
CA GLU C 260 27.57 19.55 1.09
C GLU C 260 28.40 18.49 0.44
N GLN C 261 27.73 17.57 -0.26
CA GLN C 261 28.39 16.44 -0.89
C GLN C 261 28.25 16.50 -2.41
N ASN C 262 29.37 16.58 -3.11
CA ASN C 262 29.34 16.58 -4.58
C ASN C 262 29.37 15.14 -5.10
N VAL C 263 28.19 14.57 -5.23
CA VAL C 263 28.02 13.16 -5.55
C VAL C 263 28.53 12.85 -6.95
N LYS C 264 28.21 13.71 -7.92
CA LYS C 264 28.68 13.47 -9.28
C LYS C 264 30.21 13.37 -9.35
N ALA C 265 30.90 14.35 -8.74
CA ALA C 265 32.36 14.44 -8.84
C ALA C 265 33.02 13.33 -8.02
N PHE C 266 32.43 13.01 -6.85
CA PHE C 266 32.92 11.93 -6.02
C PHE C 266 32.92 10.63 -6.81
N ARG C 267 31.80 10.31 -7.47
CA ARG C 267 31.68 9.07 -8.25
C ARG C 267 32.70 9.02 -9.39
N GLU C 268 32.90 10.15 -10.08
CA GLU C 268 33.91 10.25 -11.13
C GLU C 268 35.31 9.97 -10.58
N ASP C 269 35.62 10.55 -9.43
CA ASP C 269 36.94 10.42 -8.82
C ASP C 269 37.14 8.95 -8.36
N GLN C 270 36.11 8.38 -7.77
CA GLN C 270 36.14 6.96 -7.39
C GLN C 270 36.40 6.07 -8.62
N ARG C 271 35.72 6.34 -9.74
CA ARG C 271 35.95 5.56 -10.99
C ARG C 271 37.37 5.76 -11.50
N LYS C 272 37.88 6.99 -11.43
CA LYS C 272 39.23 7.27 -11.89
C LYS C 272 40.27 6.54 -11.04
N LEU C 273 40.03 6.54 -9.73
CA LEU C 273 40.89 5.79 -8.80
C LEU C 273 40.89 4.30 -9.12
N ALA C 274 39.70 3.76 -9.34
CA ALA C 274 39.54 2.34 -9.67
C ALA C 274 40.24 1.97 -10.94
N GLN C 275 40.08 2.83 -11.92
CA GLN C 275 40.72 2.53 -13.18
C GLN C 275 42.27 2.68 -13.09
N LYS C 276 42.75 3.66 -12.33
CA LYS C 276 44.20 3.80 -12.13
C LYS C 276 44.82 2.59 -11.42
N LEU C 277 44.14 2.07 -10.41
CA LEU C 277 44.63 0.89 -9.68
C LEU C 277 44.25 -0.43 -10.38
N ASN C 278 43.45 -0.34 -11.42
CA ASN C 278 42.86 -1.50 -12.08
C ASN C 278 42.16 -2.44 -11.08
N ILE C 279 41.22 -1.87 -10.33
CA ILE C 279 40.38 -2.62 -9.42
C ILE C 279 38.90 -2.33 -9.69
N GLN C 280 38.03 -3.10 -9.05
CA GLN C 280 36.59 -2.87 -9.16
C GLN C 280 36.22 -1.54 -8.52
N GLU C 281 35.28 -0.84 -9.14
CA GLU C 281 34.81 0.43 -8.63
C GLU C 281 34.28 0.33 -7.17
N ASN C 282 33.59 -0.76 -6.87
CA ASN C 282 33.12 -0.93 -5.50
C ASN C 282 34.27 -1.04 -4.48
N LEU C 283 35.35 -1.72 -4.84
CA LEU C 283 36.51 -1.81 -3.94
C LEU C 283 37.20 -0.44 -3.78
N ALA C 284 37.30 0.35 -4.85
CA ALA C 284 37.85 1.70 -4.73
C ALA C 284 37.05 2.52 -3.73
N GLY C 285 35.72 2.44 -3.80
CA GLY C 285 34.85 3.03 -2.78
C GLY C 285 35.21 2.57 -1.38
N ALA C 286 35.37 1.27 -1.21
CA ALA C 286 35.67 0.70 0.10
C ALA C 286 37.03 1.18 0.64
N LEU C 287 37.98 1.45 -0.24
CA LEU C 287 39.29 1.95 0.21
C LEU C 287 39.22 3.41 0.65
N ILE C 288 38.26 4.16 0.08
CA ILE C 288 38.06 5.58 0.46
C ILE C 288 37.41 5.61 1.83
N VAL C 289 36.32 4.86 1.97
CA VAL C 289 35.47 4.93 3.17
C VAL C 289 35.94 4.02 4.31
N GLY C 290 36.45 2.85 3.97
CA GLY C 290 36.77 1.79 4.92
C GLY C 290 35.72 0.68 4.94
N ARG C 291 34.58 0.96 4.28
CA ARG C 291 33.55 -0.06 4.03
C ARG C 291 33.07 0.01 2.60
N PHE C 292 32.64 -1.13 2.07
CA PHE C 292 31.84 -1.15 0.86
C PHE C 292 30.54 -0.37 1.05
N ALA C 293 29.90 -0.02 -0.07
CA ALA C 293 28.58 0.62 -0.02
C ALA C 293 27.55 -0.15 0.85
N ASP C 294 27.61 -1.48 0.85
CA ASP C 294 26.67 -2.32 1.65
C ASP C 294 27.05 -2.43 3.11
N GLY C 295 28.14 -1.77 3.54
CA GLY C 295 28.62 -1.82 4.91
C GLY C 295 29.74 -2.82 5.22
N THR C 296 30.07 -3.69 4.27
CA THR C 296 31.11 -4.71 4.48
C THR C 296 32.45 -4.02 4.81
N PRO C 297 33.05 -4.30 5.96
CA PRO C 297 34.37 -3.71 6.26
C PRO C 297 35.49 -4.18 5.33
N VAL C 298 36.24 -3.22 4.76
CA VAL C 298 37.28 -3.59 3.80
C VAL C 298 38.46 -4.28 4.49
N THR C 299 38.61 -4.11 5.80
CA THR C 299 39.64 -4.84 6.55
C THR C 299 39.36 -6.35 6.51
N LEU C 300 38.10 -6.72 6.38
CA LEU C 300 37.69 -8.13 6.41
C LEU C 300 37.49 -8.76 5.04
N SER C 301 37.27 -7.96 3.99
CA SER C 301 36.93 -8.53 2.68
C SER C 301 37.30 -7.60 1.56
N ASP C 302 37.72 -8.18 0.42
CA ASP C 302 37.95 -7.41 -0.78
C ASP C 302 36.72 -7.40 -1.71
N ILE C 303 35.61 -7.94 -1.24
CA ILE C 303 34.34 -7.92 -1.94
C ILE C 303 33.18 -7.63 -0.98
N PRO C 304 32.10 -7.05 -1.49
CA PRO C 304 30.92 -6.86 -0.65
C PRO C 304 30.31 -8.25 -0.35
N THR C 305 29.78 -8.43 0.84
CA THR C 305 29.16 -9.69 1.23
C THR C 305 27.73 -9.56 1.79
N TYR C 306 27.21 -8.36 1.82
CA TYR C 306 25.74 -8.14 1.96
C TYR C 306 25.14 -8.58 3.29
N ALA C 307 25.91 -8.55 4.37
CA ALA C 307 25.33 -8.79 5.68
C ALA C 307 24.18 -7.81 5.92
N VAL C 308 23.06 -8.34 6.39
CA VAL C 308 21.87 -7.51 6.66
C VAL C 308 22.14 -6.47 7.72
N THR C 309 22.78 -6.87 8.82
CA THR C 309 23.20 -5.96 9.88
C THR C 309 24.67 -5.80 9.58
N PRO C 310 25.09 -4.61 9.15
CA PRO C 310 26.50 -4.45 8.81
C PRO C 310 27.42 -4.72 10.02
N THR C 311 28.53 -5.39 9.72
CA THR C 311 29.47 -5.88 10.70
C THR C 311 30.10 -4.75 11.49
N ASN C 312 30.11 -4.91 12.82
CA ASN C 312 30.88 -3.98 13.61
C ASN C 312 31.77 -4.61 14.66
N ASN C 313 31.65 -5.92 14.93
CA ASN C 313 32.49 -6.58 15.89
C ASN C 313 33.76 -7.04 15.22
N PHE C 314 34.66 -6.09 14.95
CA PHE C 314 35.96 -6.32 14.31
C PHE C 314 36.94 -5.27 14.82
N ASN C 315 38.21 -5.56 14.65
CA ASN C 315 39.24 -4.55 14.84
C ASN C 315 40.28 -4.73 13.71
N TYR C 316 41.41 -4.03 13.79
CA TYR C 316 42.39 -4.07 12.73
C TYR C 316 43.59 -4.99 13.09
N ASP C 317 43.41 -5.86 14.09
CA ASP C 317 44.47 -6.76 14.58
C ASP C 317 44.93 -7.75 13.51
N GLY C 318 44.06 -8.12 12.57
CA GLY C 318 44.46 -8.93 11.40
C GLY C 318 44.99 -8.11 10.20
N ASP C 319 45.22 -6.81 10.42
CA ASP C 319 45.51 -5.83 9.35
C ASP C 319 46.43 -4.75 9.92
N LEU C 320 47.45 -5.19 10.66
CA LEU C 320 48.38 -4.25 11.30
C LEU C 320 49.14 -3.39 10.30
N ALA C 321 49.47 -3.93 9.14
CA ALA C 321 50.19 -3.18 8.13
C ALA C 321 49.25 -2.36 7.22
N ALA C 322 47.94 -2.42 7.47
CA ALA C 322 46.93 -1.63 6.73
C ALA C 322 47.03 -1.81 5.23
N THR C 323 47.22 -3.05 4.79
CA THR C 323 47.17 -3.38 3.35
C THR C 323 45.79 -3.89 2.90
N LYS C 324 44.86 -4.06 3.84
CA LYS C 324 43.45 -4.37 3.50
C LYS C 324 42.59 -3.11 3.66
N CYS C 325 42.49 -2.60 4.89
CA CYS C 325 41.97 -1.26 5.14
C CYS C 325 43.12 -0.27 5.36
N PRO C 326 43.38 0.62 4.40
CA PRO C 326 44.45 1.60 4.57
C PRO C 326 44.30 2.47 5.82
N PHE C 327 45.43 2.95 6.34
CA PHE C 327 45.39 3.89 7.45
C PHE C 327 44.60 5.14 7.12
N HIS C 328 44.50 5.53 5.83
CA HIS C 328 43.78 6.72 5.47
C HIS C 328 42.27 6.58 5.33
N SER C 329 41.75 5.37 5.30
CA SER C 329 40.33 5.16 5.08
C SER C 329 39.53 5.82 6.18
N HIS C 330 38.40 6.42 5.80
CA HIS C 330 37.57 7.18 6.75
C HIS C 330 37.32 6.47 8.07
N THR C 331 36.94 5.18 8.02
CA THR C 331 36.63 4.47 9.26
C THR C 331 37.86 4.26 10.14
N ARG C 332 39.02 4.08 9.51
CA ARG C 332 40.23 3.79 10.26
C ARG C 332 40.88 5.07 10.80
N LYS C 333 40.69 6.18 10.10
CA LYS C 333 41.05 7.49 10.60
C LYS C 333 40.21 7.91 11.83
N THR C 334 38.88 7.74 11.72
CA THR C 334 37.97 8.29 12.72
C THR C 334 37.81 7.33 13.90
N ASN C 335 38.06 6.05 13.65
CA ASN C 335 38.10 5.04 14.71
C ASN C 335 39.26 4.07 14.50
N PRO C 336 40.41 4.39 15.07
CA PRO C 336 41.58 3.58 14.85
C PRO C 336 41.52 2.16 15.46
N ARG C 337 40.52 1.91 16.30
CA ARG C 337 40.31 0.62 16.98
C ARG C 337 41.60 0.02 17.56
N GLY C 338 42.43 0.87 18.14
CA GLY C 338 43.67 0.45 18.77
C GLY C 338 44.96 0.85 18.06
N ASP C 339 44.87 1.40 16.84
CA ASP C 339 46.14 1.82 16.14
C ASP C 339 46.98 2.79 16.98
N THR C 340 46.35 3.74 17.67
CA THR C 340 47.11 4.73 18.45
C THR C 340 47.77 4.12 19.70
N ALA C 341 47.16 3.07 20.22
CA ALA C 341 47.63 2.38 21.41
C ALA C 341 48.82 1.49 21.05
N ARG C 342 48.89 1.00 19.82
CA ARG C 342 50.07 0.34 19.32
C ARG C 342 51.10 1.38 18.93
N PHE C 350 49.26 -0.29 26.69
CA PHE C 350 48.24 -0.45 25.67
C PHE C 350 46.85 -0.16 26.23
N ASP C 351 46.50 -0.82 27.33
CA ASP C 351 45.12 -0.74 27.86
C ASP C 351 44.70 0.69 28.19
N GLU C 352 45.58 1.44 28.87
CA GLU C 352 45.31 2.83 29.19
C GLU C 352 45.20 3.66 27.92
N ALA C 353 46.13 3.46 26.99
CA ALA C 353 46.16 4.21 25.75
C ALA C 353 44.90 3.93 24.91
N PHE C 354 44.43 2.68 24.90
CA PHE C 354 43.21 2.34 24.13
C PHE C 354 41.97 3.02 24.77
N LYS C 355 41.93 3.06 26.10
CA LYS C 355 40.83 3.75 26.80
C LYS C 355 40.82 5.24 26.43
N GLU C 356 41.99 5.85 26.37
CA GLU C 356 42.12 7.23 25.95
C GLU C 356 41.67 7.38 24.50
N GLU C 357 42.13 6.50 23.62
CA GLU C 357 41.72 6.53 22.21
C GLU C 357 40.18 6.49 22.09
N ARG C 358 39.56 5.60 22.85
CA ARG C 358 38.11 5.44 22.79
C ARG C 358 37.36 6.64 23.36
N GLY C 359 38.03 7.44 24.19
CA GLY C 359 37.43 8.65 24.77
C GLY C 359 37.18 9.76 23.76
N HIS C 360 37.76 9.64 22.56
CA HIS C 360 37.55 10.61 21.49
C HIS C 360 36.33 10.35 20.62
N ARG C 361 35.62 9.22 20.85
CA ARG C 361 34.45 8.87 20.06
C ARG C 361 33.37 9.95 20.14
N ILE C 362 32.59 10.03 19.08
CA ILE C 362 31.45 10.91 19.01
C ILE C 362 30.18 10.11 18.76
N THR C 363 29.04 10.66 19.21
CA THR C 363 27.77 9.97 19.05
C THR C 363 27.02 10.71 17.95
N ARG C 364 26.87 10.05 16.80
CA ARG C 364 26.38 10.74 15.60
C ARG C 364 24.84 10.66 15.52
N ARG C 365 24.24 11.77 15.13
CA ARG C 365 22.78 11.87 14.97
C ARG C 365 22.47 12.63 13.71
N ALA C 366 23.15 12.28 12.62
CA ALA C 366 23.05 13.01 11.37
C ALA C 366 21.80 12.64 10.56
N VAL C 367 21.40 13.54 9.68
CA VAL C 367 20.30 13.32 8.77
C VAL C 367 20.71 13.95 7.41
N SER C 368 20.01 13.63 6.34
CA SER C 368 20.37 14.11 5.02
C SER C 368 19.54 15.34 4.63
N TYR C 369 20.09 16.13 3.71
CA TYR C 369 19.35 17.21 3.04
C TYR C 369 19.52 17.18 1.54
N GLY C 370 18.64 17.89 0.85
CA GLY C 370 18.71 18.03 -0.61
C GLY C 370 18.02 16.91 -1.36
N GLU C 371 18.69 16.39 -2.38
CA GLU C 371 18.07 15.38 -3.28
C GLU C 371 17.68 14.12 -2.53
N ASN C 372 16.43 13.70 -2.65
CA ASN C 372 15.98 12.49 -1.95
C ASN C 372 15.95 11.20 -2.75
N ASN C 373 16.14 11.32 -4.06
CA ASN C 373 16.33 10.15 -4.89
C ASN C 373 17.82 9.73 -4.92
N PRO C 374 18.19 8.59 -4.27
CA PRO C 374 19.63 8.23 -4.15
C PRO C 374 20.26 7.75 -5.45
N SER C 375 19.48 7.58 -6.52
CA SER C 375 20.07 7.28 -7.83
C SER C 375 20.63 8.51 -8.52
N LYS C 376 20.24 9.71 -8.09
CA LYS C 376 20.68 10.94 -8.77
C LYS C 376 22.04 11.35 -8.26
N GLU C 377 22.68 12.27 -8.97
CA GLU C 377 24.05 12.66 -8.66
C GLU C 377 24.15 14.17 -8.58
N PRO C 378 23.64 14.75 -7.50
CA PRO C 378 23.75 16.21 -7.35
C PRO C 378 25.18 16.70 -7.22
N VAL C 379 25.46 17.88 -7.78
CA VAL C 379 26.73 18.53 -7.64
C VAL C 379 26.73 19.44 -6.42
N SER C 380 25.68 20.24 -6.26
CA SER C 380 25.58 21.13 -5.11
C SER C 380 24.16 21.07 -4.59
N GLY C 381 23.96 21.56 -3.37
CA GLY C 381 22.65 21.65 -2.73
C GLY C 381 22.18 20.38 -2.02
N SER C 382 23.05 19.34 -1.99
CA SER C 382 22.72 18.10 -1.29
C SER C 382 23.85 17.65 -0.37
N GLY C 383 23.50 17.01 0.72
CA GLY C 383 24.51 16.52 1.64
C GLY C 383 24.04 16.00 2.96
N LEU C 384 24.88 16.18 3.97
CA LEU C 384 24.65 15.66 5.29
C LEU C 384 24.52 16.81 6.30
N LEU C 385 23.45 16.78 7.06
CA LEU C 385 23.33 17.60 8.25
C LEU C 385 23.96 16.82 9.36
N PHE C 386 25.25 17.12 9.59
CA PHE C 386 26.07 16.40 10.53
C PHE C 386 25.78 16.92 11.93
N LEU C 387 25.26 16.06 12.77
CA LEU C 387 25.05 16.39 14.18
C LEU C 387 25.75 15.34 15.00
N CYS C 388 26.47 15.76 16.00
CA CYS C 388 27.01 14.81 16.97
C CYS C 388 27.05 15.38 18.34
N PHE C 389 27.00 14.47 19.32
CA PHE C 389 27.03 14.77 20.75
C PHE C 389 28.30 14.24 21.43
N GLN C 390 28.70 14.95 22.48
CA GLN C 390 29.88 14.62 23.26
C GLN C 390 29.84 15.43 24.55
N SER C 391 30.70 15.06 25.50
CA SER C 391 30.86 15.84 26.71
C SER C 391 31.95 16.89 26.61
N ASN C 392 32.81 16.78 25.61
CA ASN C 392 33.99 17.63 25.50
C ASN C 392 34.32 17.78 24.00
N ILE C 393 33.98 18.93 23.44
CA ILE C 393 34.13 19.13 21.99
C ILE C 393 35.61 19.14 21.63
N GLU C 394 36.44 19.77 22.46
CA GLU C 394 37.89 19.79 22.23
C GLU C 394 38.47 18.35 22.08
N ASN C 395 37.99 17.44 22.93
CA ASN C 395 38.53 16.07 22.99
C ASN C 395 37.81 15.07 22.06
N GLN C 396 36.65 15.45 21.51
CA GLN C 396 35.84 14.55 20.73
C GLN C 396 35.74 15.03 19.28
N PHE C 397 34.67 15.71 18.87
CA PHE C 397 34.63 16.12 17.45
C PHE C 397 35.86 16.92 16.99
N ASN C 398 36.26 17.98 17.71
CA ASN C 398 37.36 18.77 17.24
C ASN C 398 38.67 17.96 17.13
N PHE C 399 38.89 17.08 18.09
CA PHE C 399 40.05 16.21 18.14
C PHE C 399 40.04 15.30 16.93
N MET C 400 38.90 14.68 16.67
CA MET C 400 38.75 13.75 15.58
C MET C 400 39.04 14.39 14.22
N GLN C 401 38.48 15.58 14.00
CA GLN C 401 38.70 16.29 12.71
C GLN C 401 40.11 16.83 12.60
N SER C 402 40.58 17.52 13.64
CA SER C 402 41.85 18.24 13.57
C SER C 402 43.07 17.35 13.72
N ARG C 403 42.97 16.31 14.56
CA ARG C 403 44.15 15.50 14.93
C ARG C 403 44.17 14.13 14.25
N TRP C 404 43.02 13.64 13.83
CA TRP C 404 42.96 12.35 13.14
C TRP C 404 42.69 12.48 11.64
N ALA C 405 41.55 13.04 11.27
CA ALA C 405 41.17 13.13 9.85
C ALA C 405 42.10 14.04 9.03
N ASN C 406 42.35 15.25 9.48
CA ASN C 406 43.13 16.21 8.69
C ASN C 406 44.62 15.89 8.50
N PRO C 407 45.32 15.50 9.58
CA PRO C 407 46.80 15.46 9.44
C PRO C 407 47.33 14.38 8.51
N GLN C 408 48.36 14.74 7.73
CA GLN C 408 48.98 13.77 6.84
C GLN C 408 49.78 12.70 7.57
N ASN C 409 50.18 12.96 8.81
CA ASN C 409 51.00 12.00 9.55
C ASN C 409 50.26 11.26 10.65
N PHE C 410 48.93 11.24 10.57
CA PHE C 410 48.14 10.39 11.46
C PHE C 410 47.51 9.24 10.68
N VAL C 411 47.57 8.00 11.17
CA VAL C 411 48.24 7.56 12.40
C VAL C 411 49.75 7.37 12.19
N GLN C 412 50.20 7.28 10.94
CA GLN C 412 51.62 7.18 10.68
C GLN C 412 52.05 8.19 9.61
N VAL C 413 53.34 8.47 9.57
CA VAL C 413 53.90 9.44 8.65
C VAL C 413 53.47 9.11 7.22
N ASN C 414 53.05 10.13 6.48
CA ASN C 414 52.63 10.01 5.06
C ASN C 414 51.41 9.16 4.79
N THR C 415 50.55 9.01 5.80
CA THR C 415 49.24 8.44 5.59
C THR C 415 48.41 9.33 4.64
N GLY C 416 48.54 10.62 4.83
CA GLY C 416 47.73 11.59 4.10
C GLY C 416 46.43 11.86 4.83
N PRO C 417 45.72 12.89 4.42
CA PRO C 417 44.44 13.20 5.02
C PRO C 417 43.38 12.15 4.69
N ASP C 418 42.37 12.05 5.55
CA ASP C 418 41.13 11.28 5.28
C ASP C 418 40.63 11.77 3.92
N PRO C 419 40.52 10.88 2.93
CA PRO C 419 40.12 11.35 1.58
C PRO C 419 38.65 11.75 1.50
N LEU C 420 37.87 11.33 2.50
CA LEU C 420 36.46 11.69 2.52
C LEU C 420 36.22 13.08 3.14
N ILE C 421 36.77 13.32 4.34
CA ILE C 421 36.51 14.56 5.10
C ILE C 421 37.77 15.38 5.45
N GLY C 422 38.97 14.92 5.12
CA GLY C 422 40.17 15.61 5.53
C GLY C 422 40.35 16.95 4.82
N GLN C 423 40.67 18.00 5.60
CA GLN C 423 40.95 19.35 5.03
C GLN C 423 42.29 19.84 5.51
N PRO C 424 43.17 20.25 4.59
CA PRO C 424 43.03 20.26 3.16
C PRO C 424 43.24 18.87 2.57
N SER C 425 42.79 18.69 1.34
CA SER C 425 42.99 17.44 0.62
C SER C 425 44.48 17.22 0.37
N GLY C 426 44.83 15.98 0.07
CA GLY C 426 46.21 15.62 -0.16
C GLY C 426 46.40 14.26 -0.82
N THR C 427 47.48 13.59 -0.42
CA THR C 427 47.94 12.41 -1.09
C THR C 427 47.74 11.22 -0.21
N GLN C 428 47.08 10.19 -0.74
CA GLN C 428 47.02 8.91 -0.08
C GLN C 428 47.79 7.84 -0.85
N LYS C 429 48.18 6.78 -0.13
CA LYS C 429 48.85 5.63 -0.74
C LYS C 429 47.88 4.47 -0.72
N TRP C 430 47.60 3.90 -1.89
CA TRP C 430 46.53 2.93 -2.06
C TRP C 430 47.16 1.60 -2.41
N PRO C 431 46.72 0.51 -1.74
CA PRO C 431 47.29 -0.80 -2.08
C PRO C 431 46.83 -1.24 -3.49
N LYS C 432 47.76 -1.65 -4.34
CA LYS C 432 47.41 -2.17 -5.67
C LYS C 432 46.62 -3.48 -5.60
N LYS C 433 47.00 -4.34 -4.67
CA LYS C 433 46.35 -5.63 -4.47
C LYS C 433 46.03 -5.72 -2.98
N TRP C 434 44.74 -5.89 -2.69
CA TRP C 434 44.24 -6.02 -1.33
C TRP C 434 45.05 -7.07 -0.59
N GLY C 435 45.56 -6.71 0.58
CA GLY C 435 46.28 -7.64 1.43
C GLY C 435 47.75 -7.77 1.11
N GLU C 436 48.26 -6.93 0.19
CA GLU C 436 49.67 -6.96 -0.20
C GLU C 436 50.24 -5.55 -0.06
N PRO C 437 51.57 -5.43 0.17
CA PRO C 437 52.12 -4.15 0.63
C PRO C 437 52.32 -3.06 -0.42
N GLU C 438 52.48 -3.40 -1.68
CA GLU C 438 52.83 -2.39 -2.68
C GLU C 438 51.67 -1.38 -2.85
N THR C 439 52.01 -0.10 -2.81
CA THR C 439 51.04 0.97 -2.94
C THR C 439 51.34 1.87 -4.12
N GLU C 440 50.34 2.67 -4.46
CA GLU C 440 50.49 3.69 -5.47
C GLU C 440 49.87 4.97 -4.93
N GLU C 441 50.53 6.10 -5.15
CA GLU C 441 50.01 7.40 -4.71
C GLU C 441 48.85 7.90 -5.61
N TYR C 442 47.80 8.45 -5.01
CA TYR C 442 46.71 9.09 -5.75
C TYR C 442 46.11 10.13 -4.83
N ASN C 443 45.91 11.32 -5.37
CA ASN C 443 45.31 12.40 -4.63
C ASN C 443 43.82 12.40 -4.78
N PHE C 444 43.13 11.76 -3.84
CA PHE C 444 41.68 11.78 -3.88
C PHE C 444 41.22 13.16 -3.44
N GLN C 445 40.34 13.76 -4.24
CA GLN C 445 39.89 15.13 -3.97
C GLN C 445 38.84 15.19 -2.90
N LEU C 446 38.77 16.35 -2.25
CA LEU C 446 37.76 16.57 -1.19
C LEU C 446 36.45 17.03 -1.84
N TRP C 447 35.42 16.21 -1.68
CA TRP C 447 34.14 16.43 -2.31
C TRP C 447 33.04 16.75 -1.30
N ILE C 448 33.46 17.15 -0.10
CA ILE C 448 32.59 17.62 0.95
C ILE C 448 32.98 19.06 1.31
N ASN C 449 31.99 19.96 1.29
CA ASN C 449 32.21 21.38 1.59
C ASN C 449 31.43 21.79 2.82
N MET C 450 32.11 22.41 3.76
CA MET C 450 31.49 22.93 4.97
C MET C 450 30.74 24.21 4.62
N LYS C 451 29.42 24.20 4.82
CA LYS C 451 28.56 25.32 4.44
C LYS C 451 28.05 26.12 5.62
N GLY C 452 28.40 25.71 6.83
CA GLY C 452 28.02 26.44 8.03
C GLY C 452 27.58 25.54 9.16
N GLY C 453 27.57 26.09 10.36
CA GLY C 453 27.21 25.34 11.54
C GLY C 453 27.45 26.12 12.81
N GLU C 454 27.26 25.45 13.94
CA GLU C 454 27.48 26.03 15.23
C GLU C 454 27.56 24.95 16.26
N TYR C 455 28.20 25.29 17.38
CA TYR C 455 28.20 24.48 18.57
C TYR C 455 27.09 24.92 19.52
N PHE C 456 26.38 23.95 20.10
CA PHE C 456 25.33 24.21 21.08
C PHE C 456 25.44 23.32 22.31
N PHE C 457 24.65 23.66 23.31
CA PHE C 457 24.44 22.79 24.48
C PHE C 457 22.97 22.45 24.52
N ALA C 458 22.67 21.17 24.72
CA ALA C 458 21.31 20.70 25.01
C ALA C 458 21.12 20.79 26.49
N PRO C 459 20.40 21.82 26.97
CA PRO C 459 20.26 21.92 28.44
C PRO C 459 19.31 20.90 29.05
N SER C 460 19.38 20.71 30.37
CA SER C 460 18.41 19.92 31.10
C SER C 460 17.02 20.54 30.90
N ILE C 461 15.99 19.70 30.98
CA ILE C 461 14.64 20.14 30.78
C ILE C 461 14.19 21.11 31.88
N SER C 462 14.56 20.80 33.13
CA SER C 462 14.16 21.63 34.28
C SER C 462 14.68 23.05 34.14
N PHE C 463 15.92 23.21 33.65
CA PHE C 463 16.45 24.54 33.39
C PHE C 463 15.52 25.31 32.47
N LEU C 464 15.11 24.68 31.37
CA LEU C 464 14.27 25.32 30.38
C LEU C 464 12.84 25.59 30.90
N LYS C 465 12.29 24.65 31.66
CA LYS C 465 10.95 24.81 32.24
C LYS C 465 10.82 25.87 33.33
N THR C 466 11.91 26.30 33.95
CA THR C 466 11.86 27.32 35.01
C THR C 466 12.64 28.58 34.66
N LEU C 467 12.91 28.78 33.38
CA LEU C 467 13.68 29.92 32.92
C LEU C 467 12.96 31.26 33.15
N ALA C 468 11.64 31.29 32.98
CA ALA C 468 10.94 32.59 33.05
C ALA C 468 10.82 33.11 34.48
N ALA D 1 -4.10 39.48 -32.80
CA ALA D 1 -4.30 40.41 -31.64
C ALA D 1 -5.51 39.97 -30.85
N LEU D 2 -5.52 40.18 -29.52
CA LEU D 2 -6.74 39.99 -28.77
C LEU D 2 -7.69 41.19 -28.81
N THR D 3 -8.92 40.93 -29.19
CA THR D 3 -9.97 41.91 -29.19
C THR D 3 -10.88 41.74 -27.96
N GLU D 4 -11.78 42.70 -27.79
CA GLU D 4 -12.85 42.65 -26.79
C GLU D 4 -13.62 41.34 -26.90
N LYS D 5 -14.01 41.03 -28.14
CA LYS D 5 -14.67 39.78 -28.48
C LYS D 5 -13.90 38.58 -27.95
N ASP D 6 -12.59 38.55 -28.14
CA ASP D 6 -11.80 37.41 -27.70
C ASP D 6 -11.81 37.21 -26.17
N LEU D 7 -11.92 38.31 -25.44
CA LEU D 7 -11.88 38.25 -23.99
C LEU D 7 -13.26 37.97 -23.40
N LYS D 8 -14.31 38.38 -24.11
CA LYS D 8 -15.67 38.20 -23.64
C LYS D 8 -16.30 36.87 -24.05
N ASN D 9 -15.66 36.13 -24.95
CA ASN D 9 -16.21 34.87 -25.49
C ASN D 9 -15.18 33.77 -25.58
N LEU D 10 -15.33 32.75 -24.77
CA LEU D 10 -14.38 31.66 -24.80
C LEU D 10 -14.61 30.83 -26.06
N PRO D 11 -13.50 30.35 -26.69
CA PRO D 11 -13.78 29.46 -27.82
C PRO D 11 -14.58 28.24 -27.37
N GLU D 12 -15.27 27.63 -28.32
CA GLU D 12 -16.14 26.49 -28.04
C GLU D 12 -15.46 25.37 -27.25
N ASP D 13 -14.19 25.08 -27.56
CA ASP D 13 -13.43 24.04 -26.86
C ASP D 13 -12.45 24.58 -25.85
N GLY D 14 -12.57 25.85 -25.50
CA GLY D 14 -11.64 26.47 -24.56
C GLY D 14 -10.35 26.86 -25.26
N ILE D 15 -9.41 27.37 -24.49
CA ILE D 15 -8.11 27.76 -25.02
C ILE D 15 -7.22 26.53 -25.12
N ASP D 16 -6.68 26.27 -26.28
CA ASP D 16 -5.83 25.11 -26.49
C ASP D 16 -4.36 25.44 -26.20
N SER D 17 -3.87 25.01 -25.04
CA SER D 17 -2.50 25.35 -24.65
C SER D 17 -1.44 24.82 -25.60
N GLU D 18 -1.75 23.75 -26.32
CA GLU D 18 -0.79 23.20 -27.25
C GLU D 18 -0.84 23.93 -28.58
N ASN D 19 -1.99 24.55 -28.88
CA ASN D 19 -2.21 25.33 -30.10
C ASN D 19 -2.95 26.63 -29.79
N PRO D 20 -2.25 27.56 -29.15
CA PRO D 20 -2.94 28.68 -28.51
C PRO D 20 -3.49 29.74 -29.44
N GLY D 21 -3.05 29.77 -30.69
CA GLY D 21 -3.59 30.71 -31.65
C GLY D 21 -3.41 32.12 -31.13
N LYS D 22 -4.50 32.89 -31.12
CA LYS D 22 -4.44 34.29 -30.74
C LYS D 22 -4.05 34.51 -29.29
N TYR D 23 -4.11 33.45 -28.49
CA TYR D 23 -3.81 33.48 -27.09
C TYR D 23 -2.35 33.21 -26.76
N ARG D 24 -1.52 33.03 -27.80
CA ARG D 24 -0.12 32.64 -27.58
C ARG D 24 0.69 33.58 -26.69
N ASN D 25 0.64 34.87 -26.96
CA ASN D 25 1.40 35.81 -26.14
C ASN D 25 0.81 35.86 -24.70
N LEU D 26 -0.51 35.77 -24.61
CA LEU D 26 -1.17 35.84 -23.31
C LEU D 26 -0.64 34.74 -22.42
N LEU D 27 -0.59 33.51 -22.94
CA LEU D 27 -0.25 32.38 -22.09
C LEU D 27 1.22 32.42 -21.66
N ASN D 28 2.07 33.03 -22.48
CA ASN D 28 3.48 33.23 -22.10
C ASN D 28 3.67 34.17 -20.92
N ASP D 29 2.82 35.18 -20.76
CA ASP D 29 3.04 36.23 -19.78
C ASP D 29 2.11 36.15 -18.57
N LEU D 30 1.16 35.23 -18.64
CA LEU D 30 0.21 34.97 -17.56
C LEU D 30 0.76 33.89 -16.64
N GLN D 31 0.65 34.11 -15.34
CA GLN D 31 1.06 33.07 -14.39
C GLN D 31 0.13 31.85 -14.47
N GLY D 32 0.66 30.68 -14.17
CA GLY D 32 -0.11 29.46 -14.02
C GLY D 32 -0.99 29.47 -12.79
N ASN D 33 -1.77 28.39 -12.64
CA ASN D 33 -2.68 28.13 -11.52
C ASN D 33 -3.93 28.99 -11.57
N ILE D 34 -4.07 29.83 -12.60
CA ILE D 34 -5.21 30.71 -12.70
C ILE D 34 -6.25 30.07 -13.62
N LEU D 35 -5.93 29.92 -14.89
CA LEU D 35 -6.85 29.32 -15.85
C LEU D 35 -7.03 27.82 -15.60
N LYS D 36 -6.00 27.18 -15.06
CA LYS D 36 -6.04 25.75 -14.72
C LYS D 36 -5.16 25.56 -13.48
N GLY D 37 -5.66 24.81 -12.52
CA GLY D 37 -4.95 24.58 -11.27
C GLY D 37 -3.63 23.87 -11.47
N HIS D 38 -2.64 24.21 -10.64
CA HIS D 38 -1.32 23.58 -10.79
C HIS D 38 -1.37 22.05 -10.61
N GLY D 39 -2.35 21.56 -9.90
CA GLY D 39 -2.57 20.11 -9.72
C GLY D 39 -1.51 19.35 -8.90
N ARG D 40 -0.64 20.05 -8.17
CA ARG D 40 0.43 19.40 -7.41
C ARG D 40 -0.11 19.03 -6.04
N ASP D 41 0.39 17.93 -5.50
CA ASP D 41 -0.11 17.41 -4.23
C ASP D 41 0.31 18.18 -3.00
N HIS D 42 1.36 18.98 -3.09
CA HIS D 42 1.85 19.71 -1.92
C HIS D 42 2.15 21.11 -2.32
N SER D 43 1.96 22.02 -1.38
CA SER D 43 2.38 23.37 -1.61
C SER D 43 2.89 24.03 -0.35
N VAL D 44 3.63 25.10 -0.56
CA VAL D 44 4.12 25.95 0.51
C VAL D 44 3.69 27.38 0.17
N HIS D 45 3.11 28.02 1.17
CA HIS D 45 2.69 29.41 1.07
C HIS D 45 3.52 30.23 2.04
N LEU D 46 4.27 31.19 1.50
CA LEU D 46 5.10 32.09 2.30
C LEU D 46 4.56 33.51 2.17
N PHE D 47 4.06 34.03 3.30
CA PHE D 47 3.60 35.40 3.35
C PHE D 47 4.74 36.30 3.77
N LEU D 48 4.94 37.37 3.00
CA LEU D 48 6.08 38.24 3.16
C LEU D 48 5.72 39.66 3.53
N GLN D 49 6.55 40.25 4.38
CA GLN D 49 6.65 41.68 4.57
C GLN D 49 8.09 42.09 4.26
N PHE D 50 8.25 42.89 3.21
CA PHE D 50 9.54 43.38 2.82
C PHE D 50 10.14 44.34 3.86
N LYS D 51 11.45 44.34 3.98
CA LYS D 51 12.10 45.07 5.04
C LYS D 51 12.20 46.56 4.66
N PRO D 52 11.97 47.45 5.64
CA PRO D 52 11.98 48.89 5.37
C PRO D 52 13.27 49.34 4.67
N GLU D 53 13.11 50.27 3.73
CA GLU D 53 14.21 50.97 3.07
C GLU D 53 15.05 50.07 2.18
N GLN D 54 14.50 48.94 1.73
CA GLN D 54 15.27 48.00 0.91
C GLN D 54 14.60 47.76 -0.42
N VAL D 55 13.97 48.81 -0.93
CA VAL D 55 13.14 48.66 -2.12
C VAL D 55 13.94 48.10 -3.30
N GLU D 56 15.13 48.66 -3.55
CA GLU D 56 15.86 48.26 -4.75
C GLU D 56 16.31 46.79 -4.70
N VAL D 57 16.84 46.34 -3.55
CA VAL D 57 17.25 44.94 -3.46
C VAL D 57 16.05 44.00 -3.42
N VAL D 58 14.92 44.46 -2.89
CA VAL D 58 13.67 43.70 -2.99
C VAL D 58 13.25 43.53 -4.44
N LYS D 59 13.32 44.61 -5.22
CA LYS D 59 13.01 44.51 -6.62
C LYS D 59 13.93 43.53 -7.38
N GLN D 60 15.22 43.56 -7.05
CA GLN D 60 16.18 42.64 -7.66
C GLN D 60 15.83 41.19 -7.29
N TRP D 61 15.47 40.97 -6.04
CA TRP D 61 15.07 39.63 -5.62
C TRP D 61 13.84 39.13 -6.38
N ILE D 62 12.81 39.98 -6.46
CA ILE D 62 11.59 39.63 -7.15
C ILE D 62 11.89 39.29 -8.62
N GLN D 63 12.72 40.11 -9.23
CA GLN D 63 13.15 39.88 -10.61
C GLN D 63 13.83 38.52 -10.79
N SER D 64 14.74 38.16 -9.88
CA SER D 64 15.44 36.87 -9.96
C SER D 64 14.44 35.75 -9.75
N PHE D 65 13.51 35.91 -8.81
CA PHE D 65 12.48 34.88 -8.60
C PHE D 65 11.59 34.68 -9.82
N ALA D 66 11.17 35.77 -10.45
CA ALA D 66 10.39 35.70 -11.68
C ALA D 66 11.19 35.05 -12.80
N GLN D 67 12.49 35.34 -12.89
CA GLN D 67 13.31 34.75 -13.97
C GLN D 67 13.54 33.28 -13.75
N THR D 68 13.72 32.87 -12.49
CA THR D 68 14.15 31.51 -12.18
C THR D 68 13.02 30.52 -11.90
N TYR D 69 11.95 30.98 -11.23
CA TYR D 69 10.96 30.07 -10.71
C TYR D 69 9.54 30.22 -11.23
N ILE D 70 9.06 31.46 -11.46
CA ILE D 70 7.62 31.63 -11.73
C ILE D 70 7.19 30.85 -12.96
N THR D 71 6.08 30.11 -12.81
CA THR D 71 5.55 29.26 -13.85
C THR D 71 4.47 30.01 -14.62
N SER D 72 4.67 30.19 -15.92
CA SER D 72 3.63 30.75 -16.77
C SER D 72 2.56 29.70 -17.09
N ALA D 73 1.39 30.13 -17.59
CA ALA D 73 0.40 29.20 -18.05
C ALA D 73 0.93 28.28 -19.14
N LYS D 74 1.73 28.83 -20.03
CA LYS D 74 2.33 28.03 -21.10
C LYS D 74 3.27 26.98 -20.52
N LYS D 75 4.15 27.39 -19.61
CA LYS D 75 5.11 26.46 -18.99
C LYS D 75 4.37 25.37 -18.24
N GLN D 76 3.33 25.76 -17.50
CA GLN D 76 2.51 24.77 -16.77
C GLN D 76 1.96 23.70 -17.71
N ALA D 77 1.37 24.15 -18.83
CA ALA D 77 0.80 23.22 -19.81
C ALA D 77 1.90 22.34 -20.46
N ASP D 78 3.05 22.93 -20.75
CA ASP D 78 4.17 22.17 -21.36
C ASP D 78 4.71 21.10 -20.40
N GLU D 79 4.76 21.42 -19.12
CA GLU D 79 5.23 20.47 -18.09
C GLU D 79 4.26 19.30 -17.96
N ALA D 80 2.96 19.58 -17.98
CA ALA D 80 1.95 18.54 -17.94
C ALA D 80 2.02 17.66 -19.21
N PHE D 81 2.22 18.29 -20.36
CA PHE D 81 2.31 17.58 -21.63
C PHE D 81 3.52 16.63 -21.64
N LYS D 82 4.69 17.14 -21.24
CA LYS D 82 5.91 16.32 -21.19
C LYS D 82 5.77 15.18 -20.21
N TYR D 83 5.15 15.46 -19.06
CA TYR D 83 4.92 14.42 -18.07
C TYR D 83 4.04 13.27 -18.64
N ARG D 84 2.91 13.60 -19.26
CA ARG D 84 2.01 12.58 -19.84
C ARG D 84 2.70 11.80 -20.96
N GLN D 85 3.43 12.50 -21.80
CA GLN D 85 3.98 11.92 -23.03
C GLN D 85 5.25 11.10 -22.78
N LYS D 86 6.11 11.55 -21.87
CA LYS D 86 7.43 10.94 -21.65
C LYS D 86 7.77 10.59 -20.19
N GLY D 87 6.83 10.78 -19.26
CA GLY D 87 7.09 10.52 -17.83
C GLY D 87 8.05 11.47 -17.13
N VAL D 88 8.60 12.46 -17.87
CA VAL D 88 9.52 13.46 -17.34
C VAL D 88 8.78 14.46 -16.42
N SER D 89 9.17 14.50 -15.13
CA SER D 89 8.60 15.48 -14.18
C SER D 89 9.22 16.84 -14.45
N GLY D 90 8.46 17.88 -14.20
CA GLY D 90 8.97 19.22 -14.47
C GLY D 90 9.62 19.84 -13.25
N ASP D 91 9.92 21.12 -13.38
CA ASP D 91 10.34 21.94 -12.27
C ASP D 91 9.22 22.06 -11.22
N VAL D 92 9.59 22.56 -10.04
CA VAL D 92 8.57 23.01 -9.10
C VAL D 92 7.67 24.04 -9.77
N PHE D 93 6.43 24.11 -9.30
CA PHE D 93 5.51 25.12 -9.72
C PHE D 93 5.66 26.35 -8.81
N ALA D 94 5.59 27.56 -9.36
CA ALA D 94 5.62 28.74 -8.51
C ALA D 94 4.74 29.90 -9.00
N ASN D 95 4.09 30.56 -8.04
CA ASN D 95 3.36 31.81 -8.27
C ASN D 95 3.93 32.89 -7.36
N PHE D 96 3.71 34.13 -7.73
CA PHE D 96 4.04 35.26 -6.89
C PHE D 96 2.90 36.27 -6.95
N PHE D 97 2.44 36.69 -5.78
CA PHE D 97 1.32 37.62 -5.66
C PHE D 97 1.70 38.84 -4.82
N LEU D 98 1.14 39.99 -5.17
CA LEU D 98 1.32 41.23 -4.40
C LEU D 98 0.00 41.72 -3.84
N SER D 99 0.05 42.19 -2.59
CA SER D 99 -1.08 42.96 -2.03
C SER D 99 -0.97 44.42 -2.42
N ARG D 100 -2.02 45.20 -2.13
CA ARG D 100 -1.95 46.65 -2.40
C ARG D 100 -0.82 47.25 -1.57
N HIS D 101 -0.69 46.83 -0.31
CA HIS D 101 0.39 47.31 0.54
C HIS D 101 1.76 46.99 -0.09
N GLY D 102 1.84 45.84 -0.74
CA GLY D 102 3.07 45.44 -1.44
C GLY D 102 3.41 46.36 -2.61
N TYR D 103 2.41 46.73 -3.39
CA TYR D 103 2.58 47.70 -4.44
C TYR D 103 3.08 49.03 -3.87
N GLU D 104 2.50 49.45 -2.75
CA GLU D 104 2.92 50.72 -2.14
C GLU D 104 4.35 50.65 -1.63
N TYR D 105 4.72 49.53 -1.02
CA TYR D 105 6.11 49.30 -0.62
C TYR D 105 7.07 49.46 -1.82
N LEU D 106 6.68 48.92 -2.97
CA LEU D 106 7.49 48.96 -4.17
C LEU D 106 7.46 50.32 -4.88
N GLU D 107 6.79 51.30 -4.26
CA GLU D 107 6.74 52.68 -4.77
C GLU D 107 6.09 52.79 -6.16
N ILE D 108 5.10 51.95 -6.40
CA ILE D 108 4.37 51.97 -7.65
C ILE D 108 3.30 53.05 -7.50
N GLU D 109 3.24 53.94 -8.48
CA GLU D 109 2.28 55.08 -8.44
C GLU D 109 0.85 54.60 -8.36
N PRO D 110 -0.01 55.35 -7.66
CA PRO D 110 -1.39 54.90 -7.44
C PRO D 110 -2.13 54.56 -8.74
N PHE D 111 -1.96 55.36 -9.80
CA PHE D 111 -2.64 55.11 -11.09
C PHE D 111 -2.18 53.80 -11.73
N GLN D 112 -1.01 53.30 -11.32
CA GLN D 112 -0.52 52.03 -11.81
C GLN D 112 -0.84 50.82 -10.91
N ILE D 113 -1.46 51.04 -9.76
CA ILE D 113 -1.82 49.94 -8.88
C ILE D 113 -3.12 49.33 -9.39
N PRO D 114 -3.22 47.99 -9.39
CA PRO D 114 -4.46 47.39 -9.85
C PRO D 114 -5.71 48.03 -9.19
N GLY D 115 -6.76 48.26 -9.99
CA GLY D 115 -7.87 49.13 -9.62
C GLY D 115 -8.99 48.57 -8.78
N ASP D 116 -9.01 47.26 -8.58
CA ASP D 116 -10.12 46.64 -7.85
C ASP D 116 -10.29 47.21 -6.44
N LYS D 117 -11.49 47.63 -6.07
CA LYS D 117 -11.66 48.36 -4.80
C LYS D 117 -11.40 47.49 -3.54
N PRO D 118 -12.01 46.29 -3.45
CA PRO D 118 -11.66 45.43 -2.32
C PRO D 118 -10.15 45.13 -2.22
N PHE D 119 -9.52 44.86 -3.36
CA PHE D 119 -8.07 44.64 -3.39
C PHE D 119 -7.35 45.84 -2.76
N ARG D 120 -7.74 47.05 -3.14
CA ARG D 120 -7.07 48.24 -2.62
C ARG D 120 -7.37 48.45 -1.15
N MET D 121 -8.60 48.17 -0.74
CA MET D 121 -8.98 48.33 0.65
C MET D 121 -8.26 47.34 1.57
N GLY D 122 -8.08 46.11 1.11
CA GLY D 122 -7.44 45.05 1.94
C GLY D 122 -8.47 44.34 2.78
N MET D 123 -8.19 43.09 3.13
CA MET D 123 -9.14 42.27 3.86
C MET D 123 -9.26 42.67 5.33
N LYS D 124 -8.29 43.45 5.84
CA LYS D 124 -8.41 44.01 7.20
C LYS D 124 -9.31 45.23 7.28
N ASN D 125 -9.65 45.82 6.13
CA ASN D 125 -10.47 47.05 6.12
C ASN D 125 -11.81 46.82 6.81
N GLU D 126 -12.20 47.77 7.66
CA GLU D 126 -13.37 47.60 8.50
C GLU D 126 -14.65 47.46 7.66
N GLU D 127 -14.75 48.21 6.57
CA GLU D 127 -15.96 48.14 5.77
C GLU D 127 -16.04 46.81 5.02
N ILE D 128 -14.91 46.31 4.54
CA ILE D 128 -14.82 44.96 3.99
C ILE D 128 -15.24 43.91 5.03
N ARG D 129 -14.64 43.96 6.21
CA ARG D 129 -14.95 43.01 7.26
C ARG D 129 -16.45 42.99 7.58
N SER D 130 -17.00 44.18 7.79
CA SER D 130 -18.43 44.31 8.07
C SER D 130 -19.26 43.68 6.93
N SER D 131 -18.93 44.00 5.69
CA SER D 131 -19.70 43.52 4.55
C SER D 131 -19.65 41.99 4.42
N LEU D 132 -18.53 41.38 4.77
CA LEU D 132 -18.42 39.92 4.71
C LEU D 132 -18.99 39.20 5.93
N GLY D 133 -19.27 39.95 6.99
CA GLY D 133 -19.68 39.35 8.27
C GLY D 133 -18.54 38.73 9.02
N ASP D 134 -17.33 39.17 8.68
CA ASP D 134 -16.10 38.58 9.19
C ASP D 134 -15.83 38.95 10.64
N PRO D 135 -15.02 38.16 11.34
CA PRO D 135 -14.75 38.42 12.78
C PRO D 135 -13.72 39.52 12.93
N LYS D 136 -13.52 40.00 14.15
CA LYS D 136 -12.56 41.07 14.37
C LYS D 136 -11.16 40.62 13.98
N ILE D 137 -10.38 41.55 13.45
CA ILE D 137 -9.03 41.24 12.99
C ILE D 137 -8.16 40.75 14.16
N ALA D 138 -8.46 41.20 15.38
CA ALA D 138 -7.73 40.74 16.58
C ALA D 138 -7.92 39.25 16.89
N THR D 139 -8.94 38.61 16.30
CA THR D 139 -9.11 37.17 16.44
C THR D 139 -8.32 36.36 15.42
N TRP D 140 -7.74 37.01 14.41
CA TRP D 140 -6.99 36.29 13.39
C TRP D 140 -5.74 35.67 13.99
N GLU D 141 -5.26 34.60 13.35
CA GLU D 141 -3.94 34.08 13.69
C GLU D 141 -2.88 35.17 13.52
N LEU D 142 -1.89 35.15 14.41
CA LEU D 142 -0.88 36.19 14.49
C LEU D 142 -0.22 36.50 13.13
N GLY D 143 0.13 35.47 12.37
CA GLY D 143 0.78 35.67 11.05
C GLY D 143 0.00 36.60 10.11
N PHE D 144 -1.32 36.48 10.13
CA PHE D 144 -2.15 37.32 9.29
C PHE D 144 -2.40 38.74 9.81
N GLN D 145 -2.05 39.02 11.07
CA GLN D 145 -2.24 40.35 11.63
C GLN D 145 -1.17 41.33 11.19
N SER D 146 -0.05 40.82 10.67
CA SER D 146 0.99 41.67 10.12
C SER D 146 0.51 42.31 8.84
N GLU D 147 1.16 43.40 8.45
CA GLU D 147 0.94 43.95 7.13
C GLU D 147 1.63 42.98 6.15
N ILE D 148 0.85 42.43 5.24
CA ILE D 148 1.36 41.48 4.28
C ILE D 148 1.56 42.18 2.93
N HIS D 149 2.76 42.04 2.38
CA HIS D 149 3.08 42.61 1.08
C HIS D 149 2.92 41.68 -0.09
N ALA D 150 3.18 40.39 0.15
CA ALA D 150 3.27 39.45 -0.95
C ALA D 150 3.08 38.04 -0.47
N LEU D 151 2.75 37.16 -1.42
CA LEU D 151 2.64 35.73 -1.16
C LEU D 151 3.43 34.98 -2.21
N VAL D 152 4.31 34.11 -1.74
CA VAL D 152 5.02 33.19 -2.62
C VAL D 152 4.38 31.80 -2.47
N LEU D 153 4.03 31.19 -3.58
CA LEU D 153 3.41 29.89 -3.64
C LEU D 153 4.30 28.97 -4.44
N ILE D 154 4.75 27.89 -3.80
CA ILE D 154 5.61 26.89 -4.45
C ILE D 154 4.96 25.54 -4.24
N ALA D 155 4.89 24.75 -5.29
CA ALA D 155 4.17 23.50 -5.26
C ALA D 155 4.88 22.39 -6.06
N ASP D 156 4.71 21.17 -5.59
CA ASP D 156 5.33 20.00 -6.18
C ASP D 156 4.65 18.75 -5.65
N ASP D 157 4.64 17.66 -6.42
CA ASP D 157 4.17 16.37 -5.90
C ASP D 157 5.15 15.69 -4.91
N ASP D 158 6.44 15.95 -5.04
CA ASP D 158 7.47 15.32 -4.20
C ASP D 158 7.67 16.24 -2.98
N ILE D 159 7.08 15.88 -1.84
CA ILE D 159 7.12 16.78 -0.67
C ILE D 159 8.55 17.05 -0.19
N VAL D 160 9.39 16.02 -0.09
CA VAL D 160 10.72 16.24 0.47
C VAL D 160 11.50 17.21 -0.43
N ASP D 161 11.43 17.01 -1.75
CA ASP D 161 12.13 17.90 -2.69
C ASP D 161 11.57 19.33 -2.63
N LEU D 162 10.25 19.46 -2.51
CA LEU D 162 9.63 20.75 -2.32
C LEU D 162 10.22 21.50 -1.13
N LEU D 163 10.35 20.79 -0.01
CA LEU D 163 10.88 21.41 1.22
C LEU D 163 12.30 21.90 0.99
N GLN D 164 13.11 21.10 0.31
CA GLN D 164 14.50 21.48 0.09
C GLN D 164 14.59 22.74 -0.79
N ILE D 165 13.78 22.76 -1.82
CA ILE D 165 13.81 23.88 -2.75
C ILE D 165 13.34 25.16 -2.05
N VAL D 166 12.29 25.05 -1.26
CA VAL D 166 11.85 26.17 -0.46
C VAL D 166 12.96 26.67 0.45
N ASN D 167 13.66 25.77 1.14
CA ASN D 167 14.71 26.20 2.05
C ASN D 167 15.82 26.92 1.31
N GLN D 168 16.08 26.50 0.07
CA GLN D 168 17.06 27.19 -0.76
C GLN D 168 16.58 28.57 -1.12
N ILE D 169 15.37 28.67 -1.62
CA ILE D 169 14.76 29.96 -2.00
C ILE D 169 14.74 30.96 -0.84
N THR D 170 14.45 30.48 0.36
CA THR D 170 14.32 31.36 1.49
C THR D 170 15.64 31.96 2.01
N GLN D 171 16.78 31.42 1.62
CA GLN D 171 18.04 31.97 2.09
C GLN D 171 18.24 33.39 1.62
N LYS D 172 18.08 33.64 0.32
CA LYS D 172 18.23 35.00 -0.18
C LYS D 172 17.02 35.83 0.17
N LEU D 173 15.86 35.18 0.24
CA LEU D 173 14.63 35.90 0.52
C LEU D 173 14.66 36.56 1.90
N ARG D 174 15.18 35.83 2.89
CA ARG D 174 15.23 36.35 4.26
C ARG D 174 16.08 37.61 4.41
N GLN D 175 17.01 37.83 3.48
CA GLN D 175 17.84 39.02 3.53
C GLN D 175 17.02 40.28 3.31
N ILE D 176 15.96 40.17 2.52
CA ILE D 176 15.17 41.33 2.09
C ILE D 176 13.71 41.32 2.56
N ALA D 177 13.28 40.27 3.25
CA ALA D 177 11.89 40.14 3.68
C ALA D 177 11.78 39.36 4.98
N GLU D 178 10.78 39.70 5.78
CA GLU D 178 10.36 38.88 6.88
C GLU D 178 9.33 37.89 6.33
N ILE D 179 9.49 36.62 6.66
CA ILE D 179 8.45 35.65 6.39
C ILE D 179 7.55 35.68 7.60
N VAL D 180 6.38 36.30 7.47
CA VAL D 180 5.51 36.54 8.61
C VAL D 180 4.58 35.38 8.88
N HIS D 181 4.42 34.50 7.88
CA HIS D 181 3.55 33.35 8.03
C HIS D 181 3.83 32.31 6.96
N ARG D 182 3.66 31.04 7.33
CA ARG D 182 3.83 29.92 6.41
C ARG D 182 2.71 28.91 6.56
N GLU D 183 2.26 28.38 5.41
CA GLU D 183 1.42 27.19 5.38
C GLU D 183 2.05 26.13 4.48
N ASP D 184 1.75 24.89 4.78
CA ASP D 184 2.14 23.73 3.98
C ASP D 184 0.85 23.03 3.61
N GLY D 185 0.33 23.36 2.44
CA GLY D 185 -0.95 22.81 1.94
C GLY D 185 -0.79 21.42 1.40
N PHE D 186 -1.86 20.64 1.48
CA PHE D 186 -1.88 19.32 0.93
C PHE D 186 -3.29 18.98 0.45
N ILE D 187 -3.39 17.84 -0.26
CA ILE D 187 -4.65 17.38 -0.82
C ILE D 187 -5.12 16.24 0.04
N LEU D 188 -6.26 16.45 0.67
CA LEU D 188 -6.96 15.42 1.40
C LEU D 188 -7.78 14.56 0.48
N ARG D 189 -7.72 13.26 0.69
CA ARG D 189 -8.49 12.28 -0.08
C ARG D 189 -9.25 11.32 0.80
N ASN D 190 -10.40 10.87 0.32
CA ASN D 190 -11.15 9.83 0.99
C ASN D 190 -10.67 8.44 0.54
N GLN D 191 -11.27 7.39 1.11
CA GLN D 191 -10.84 6.04 0.81
C GLN D 191 -11.03 5.65 -0.66
N ALA D 192 -11.98 6.27 -1.34
CA ALA D 192 -12.14 6.08 -2.79
C ALA D 192 -11.14 6.84 -3.65
N GLY D 193 -10.27 7.63 -3.04
CA GLY D 193 -9.24 8.41 -3.78
C GLY D 193 -9.74 9.75 -4.30
N GLN D 194 -10.95 10.16 -3.88
CA GLN D 194 -11.51 11.45 -4.31
C GLN D 194 -10.92 12.55 -3.45
N ILE D 195 -10.72 13.73 -4.05
CA ILE D 195 -10.26 14.88 -3.33
C ILE D 195 -11.42 15.43 -2.46
N ILE D 196 -11.18 15.61 -1.16
CA ILE D 196 -12.25 16.03 -0.25
C ILE D 196 -11.77 17.22 0.58
N GLU D 197 -12.71 17.79 1.32
CA GLU D 197 -12.42 18.76 2.31
C GLU D 197 -12.66 18.08 3.64
N HIS D 198 -12.27 18.72 4.73
CA HIS D 198 -12.23 18.05 6.04
C HIS D 198 -13.56 17.51 6.57
N PHE D 199 -14.68 18.11 6.18
CA PHE D 199 -15.98 17.56 6.57
C PHE D 199 -16.34 16.28 5.81
N GLY D 200 -15.54 15.88 4.84
CA GLY D 200 -15.67 14.58 4.17
C GLY D 200 -16.31 14.64 2.78
N PHE D 201 -16.59 15.86 2.26
CA PHE D 201 -17.27 15.98 1.00
C PHE D 201 -16.28 16.20 -0.14
N VAL D 202 -16.51 15.52 -1.26
CA VAL D 202 -15.70 15.73 -2.47
C VAL D 202 -15.75 17.19 -2.83
N HIS D 203 -14.58 17.72 -3.21
CA HIS D 203 -14.39 19.16 -3.28
C HIS D 203 -13.64 19.55 -4.54
N GLY D 204 -14.07 20.64 -5.16
CA GLY D 204 -13.52 21.12 -6.41
C GLY D 204 -14.25 20.62 -7.65
N VAL D 205 -15.48 20.16 -7.49
CA VAL D 205 -16.21 19.54 -8.58
C VAL D 205 -16.64 20.57 -9.64
N SER D 206 -17.33 21.60 -9.23
CA SER D 206 -17.89 22.59 -10.16
C SER D 206 -16.98 23.82 -10.26
N GLN D 207 -16.44 24.02 -11.44
CA GLN D 207 -15.55 25.15 -11.71
C GLN D 207 -15.85 25.85 -13.05
N PRO D 208 -15.64 27.17 -13.11
CA PRO D 208 -15.52 27.81 -14.41
C PRO D 208 -14.36 27.20 -15.15
N LEU D 209 -14.54 26.91 -16.45
CA LEU D 209 -13.51 26.23 -17.24
C LEU D 209 -13.04 27.14 -18.39
N PHE D 210 -11.74 27.06 -18.67
CA PHE D 210 -11.09 27.95 -19.63
C PHE D 210 -10.22 27.21 -20.61
N MET D 211 -9.46 26.23 -20.14
CA MET D 211 -8.51 25.51 -20.99
C MET D 211 -9.12 24.27 -21.63
N LYS D 212 -8.74 24.02 -22.86
CA LYS D 212 -9.27 22.90 -23.66
C LYS D 212 -9.22 21.54 -22.94
N ARG D 213 -8.11 21.25 -22.27
CA ARG D 213 -7.99 19.96 -21.61
C ARG D 213 -9.11 19.78 -20.61
N ASP D 214 -9.43 20.86 -19.87
CA ASP D 214 -10.50 20.81 -18.89
C ASP D 214 -11.88 20.76 -19.55
N VAL D 215 -12.07 21.60 -20.56
CA VAL D 215 -13.36 21.70 -21.26
C VAL D 215 -13.75 20.38 -21.90
N VAL D 216 -12.83 19.80 -22.62
CA VAL D 216 -13.13 18.54 -23.32
C VAL D 216 -13.37 17.38 -22.33
N ARG D 217 -12.53 17.26 -21.29
CA ARG D 217 -12.69 16.23 -20.28
C ARG D 217 -14.06 16.38 -19.64
N GLU D 218 -14.40 17.58 -19.22
CA GLU D 218 -15.66 17.81 -18.54
C GLU D 218 -16.86 17.57 -19.45
N ARG D 219 -16.76 17.94 -20.72
CA ARG D 219 -17.84 17.76 -21.67
C ARG D 219 -18.19 16.31 -21.86
N VAL D 220 -17.18 15.49 -22.05
CA VAL D 220 -17.45 14.08 -22.30
C VAL D 220 -18.07 13.45 -21.06
N ASN D 221 -17.69 13.91 -19.87
CA ASN D 221 -18.19 13.30 -18.63
C ASN D 221 -19.44 13.98 -18.10
N ASN D 222 -19.90 15.02 -18.77
CA ASN D 222 -21.12 15.73 -18.40
C ASN D 222 -22.15 15.92 -19.51
N CYS D 223 -22.31 14.89 -20.35
CA CYS D 223 -23.43 14.77 -21.25
C CYS D 223 -23.48 15.93 -22.23
N ASP D 224 -22.32 16.32 -22.73
CA ASP D 224 -22.19 17.46 -23.65
C ASP D 224 -22.70 18.80 -23.06
N PHE D 225 -22.64 18.94 -21.73
CA PHE D 225 -23.05 20.18 -21.02
C PHE D 225 -24.54 20.48 -21.25
N ASP D 226 -25.38 19.47 -21.43
CA ASP D 226 -26.77 19.75 -21.80
C ASP D 226 -27.65 20.33 -20.68
N LYS D 227 -27.19 20.33 -19.44
CA LYS D 227 -27.92 21.00 -18.34
C LYS D 227 -27.21 22.23 -17.77
N TRP D 228 -25.90 22.29 -17.93
CA TRP D 228 -25.07 23.37 -17.34
C TRP D 228 -23.83 23.53 -18.20
N ASP D 229 -23.57 24.77 -18.62
CA ASP D 229 -22.35 25.12 -19.33
C ASP D 229 -21.32 25.69 -18.36
N PRO D 230 -20.26 24.92 -18.03
CA PRO D 230 -19.25 25.40 -17.10
C PRO D 230 -18.20 26.36 -17.67
N LYS D 231 -18.18 26.54 -18.98
CA LYS D 231 -17.23 27.48 -19.57
C LYS D 231 -17.48 28.90 -19.05
N ALA D 232 -16.43 29.71 -19.04
CA ALA D 232 -16.52 31.11 -18.67
C ALA D 232 -15.63 31.91 -19.59
N PRO D 233 -16.01 33.19 -19.83
CA PRO D 233 -15.12 34.02 -20.64
C PRO D 233 -13.88 34.41 -19.87
N LEU D 234 -12.80 34.66 -20.61
CA LEU D 234 -11.56 35.09 -19.97
C LEU D 234 -11.70 36.34 -19.11
N ASP D 235 -12.57 37.26 -19.49
CA ASP D 235 -12.71 38.48 -18.69
C ASP D 235 -13.41 38.30 -17.33
N SER D 236 -13.86 37.07 -17.03
CA SER D 236 -14.39 36.75 -15.70
C SER D 236 -13.26 36.36 -14.72
N ILE D 237 -12.03 36.29 -15.23
CA ILE D 237 -10.90 35.88 -14.39
C ILE D 237 -9.64 36.71 -14.63
N LEU D 238 -9.40 37.13 -15.88
CA LEU D 238 -8.22 37.92 -16.20
C LEU D 238 -8.48 39.42 -16.26
N VAL D 239 -7.43 40.17 -15.91
CA VAL D 239 -7.42 41.62 -15.89
C VAL D 239 -6.12 42.02 -16.60
N GLU D 240 -6.17 43.03 -17.46
CA GLU D 240 -4.93 43.58 -18.00
C GLU D 240 -4.02 44.04 -16.89
N ASP D 241 -2.73 43.73 -17.00
CA ASP D 241 -1.81 44.18 -15.98
C ASP D 241 -1.42 45.57 -16.44
N PRO D 242 -1.83 46.60 -15.70
CA PRO D 242 -1.45 47.93 -16.12
C PRO D 242 0.08 48.13 -16.31
N ASN D 243 0.92 47.27 -15.73
CA ASN D 243 2.39 47.42 -15.75
C ASN D 243 3.10 46.34 -16.51
N GLY D 244 2.33 45.55 -17.24
CA GLY D 244 2.92 44.50 -18.06
C GLY D 244 3.68 45.14 -19.21
N ASN D 245 4.57 44.38 -19.85
CA ASN D 245 5.36 44.92 -20.94
C ASN D 245 4.75 44.84 -22.32
N THR D 246 3.61 44.17 -22.46
CA THR D 246 2.86 44.27 -23.72
C THR D 246 1.35 44.36 -23.49
N LYS D 247 0.60 44.54 -24.58
CA LYS D 247 -0.85 44.56 -24.49
C LYS D 247 -1.41 43.19 -24.21
N ASP D 248 -0.60 42.13 -24.36
CA ASP D 248 -1.06 40.78 -24.02
C ASP D 248 -0.70 40.36 -22.56
N SER D 249 -0.39 41.32 -21.71
CA SER D 249 0.05 41.03 -20.33
C SER D 249 -1.14 41.09 -19.38
N TYR D 250 -1.44 39.94 -18.77
CA TYR D 250 -2.64 39.80 -17.91
C TYR D 250 -2.30 39.20 -16.54
N GLY D 251 -3.19 39.46 -15.59
CA GLY D 251 -3.13 38.91 -14.24
C GLY D 251 -4.53 38.56 -13.76
N SER D 252 -4.65 38.30 -12.47
CA SER D 252 -5.92 37.98 -11.86
C SER D 252 -5.87 38.33 -10.37
N TYR D 253 -7.05 38.57 -9.79
CA TYR D 253 -7.14 38.87 -8.38
C TYR D 253 -7.32 37.58 -7.59
N LEU D 254 -6.55 37.47 -6.52
CA LEU D 254 -6.61 36.33 -5.59
C LEU D 254 -7.26 36.71 -4.26
N VAL D 255 -8.24 35.91 -3.84
CA VAL D 255 -8.75 35.98 -2.48
C VAL D 255 -8.11 34.80 -1.74
N TYR D 256 -7.43 35.07 -0.61
CA TYR D 256 -6.85 34.04 0.23
C TYR D 256 -7.47 34.15 1.61
N ARG D 257 -8.04 33.07 2.12
CA ARG D 257 -8.70 33.04 3.43
C ARG D 257 -8.39 31.71 4.09
N LYS D 258 -7.89 31.76 5.31
CA LYS D 258 -7.66 30.55 6.09
C LYS D 258 -8.96 30.27 6.87
N LEU D 259 -9.60 29.16 6.53
CA LEU D 259 -10.91 28.82 7.06
C LEU D 259 -10.86 27.55 7.91
N GLU D 260 -10.90 27.73 9.23
CA GLU D 260 -10.79 26.63 10.16
C GLU D 260 -12.12 25.89 10.21
N GLN D 261 -12.04 24.57 10.24
CA GLN D 261 -13.23 23.72 10.21
C GLN D 261 -13.32 22.87 11.44
N ASN D 262 -14.40 23.05 12.20
CA ASN D 262 -14.60 22.24 13.40
C ASN D 262 -15.34 20.98 13.00
N VAL D 263 -14.57 19.95 12.67
CA VAL D 263 -15.10 18.71 12.12
C VAL D 263 -15.92 17.97 13.15
N LYS D 264 -15.43 17.91 14.39
CA LYS D 264 -16.15 17.21 15.46
C LYS D 264 -17.57 17.78 15.67
N ALA D 265 -17.65 19.09 15.78
CA ALA D 265 -18.92 19.75 16.05
C ALA D 265 -19.84 19.70 14.83
N PHE D 266 -19.27 19.87 13.64
CA PHE D 266 -20.05 19.79 12.41
C PHE D 266 -20.72 18.42 12.32
N ARG D 267 -19.97 17.35 12.54
CA ARG D 267 -20.52 15.98 12.48
C ARG D 267 -21.64 15.78 13.50
N GLU D 268 -21.45 16.32 14.71
CA GLU D 268 -22.50 16.24 15.76
C GLU D 268 -23.75 16.96 15.30
N ASP D 269 -23.58 18.14 14.71
CA ASP D 269 -24.69 18.97 14.31
C ASP D 269 -25.46 18.29 13.16
N GLN D 270 -24.70 17.72 12.24
CA GLN D 270 -25.28 16.93 11.15
C GLN D 270 -26.10 15.75 11.68
N ARG D 271 -25.57 15.04 12.67
CA ARG D 271 -26.31 13.91 13.28
C ARG D 271 -27.57 14.38 13.99
N LYS D 272 -27.48 15.51 14.68
CA LYS D 272 -28.66 16.09 15.37
C LYS D 272 -29.75 16.46 14.37
N LEU D 273 -29.32 17.09 13.29
CA LEU D 273 -30.22 17.46 12.20
C LEU D 273 -30.91 16.23 11.63
N ALA D 274 -30.13 15.19 11.35
CA ALA D 274 -30.67 13.96 10.83
C ALA D 274 -31.70 13.34 11.78
N GLN D 275 -31.39 13.34 13.07
CA GLN D 275 -32.31 12.75 14.05
C GLN D 275 -33.59 13.58 14.13
N LYS D 276 -33.46 14.90 14.11
CA LYS D 276 -34.62 15.75 14.19
C LYS D 276 -35.55 15.58 12.99
N LEU D 277 -34.98 15.47 11.79
CA LEU D 277 -35.78 15.24 10.59
C LEU D 277 -36.13 13.75 10.36
N ASN D 278 -35.61 12.87 11.20
CA ASN D 278 -35.74 11.45 11.00
C ASN D 278 -35.34 11.01 9.60
N ILE D 279 -34.12 11.38 9.20
CA ILE D 279 -33.56 10.95 7.93
C ILE D 279 -32.16 10.36 8.14
N GLN D 280 -31.61 9.76 7.10
CA GLN D 280 -30.26 9.25 7.14
C GLN D 280 -29.27 10.38 7.31
N GLU D 281 -28.23 10.11 8.11
CA GLU D 281 -27.16 11.06 8.28
C GLU D 281 -26.52 11.52 6.96
N ASN D 282 -26.35 10.61 6.02
CA ASN D 282 -25.74 11.01 4.74
C ASN D 282 -26.63 12.01 3.96
N LEU D 283 -27.96 11.85 4.04
CA LEU D 283 -28.87 12.80 3.41
C LEU D 283 -28.86 14.17 4.12
N ALA D 284 -28.76 14.16 5.43
CA ALA D 284 -28.60 15.43 6.17
C ALA D 284 -27.39 16.21 5.71
N GLY D 285 -26.26 15.51 5.56
CA GLY D 285 -25.07 16.10 4.96
C GLY D 285 -25.33 16.71 3.59
N ALA D 286 -26.04 15.96 2.74
CA ALA D 286 -26.35 16.44 1.41
C ALA D 286 -27.25 17.68 1.42
N LEU D 287 -28.12 17.80 2.41
CA LEU D 287 -29.01 18.97 2.53
C LEU D 287 -28.25 20.21 2.99
N ILE D 288 -27.17 20.01 3.72
CA ILE D 288 -26.32 21.10 4.16
C ILE D 288 -25.51 21.59 2.98
N VAL D 289 -24.84 20.66 2.29
CA VAL D 289 -23.86 21.00 1.27
C VAL D 289 -24.45 21.18 -0.13
N GLY D 290 -25.47 20.41 -0.45
CA GLY D 290 -26.05 20.36 -1.80
C GLY D 290 -25.63 19.10 -2.54
N ARG D 291 -24.64 18.40 -1.99
CA ARG D 291 -24.18 17.11 -2.50
C ARG D 291 -23.92 16.16 -1.36
N PHE D 292 -24.10 14.87 -1.63
CA PHE D 292 -23.62 13.83 -0.74
C PHE D 292 -22.10 13.91 -0.66
N ALA D 293 -21.55 13.23 0.34
CA ALA D 293 -20.10 13.15 0.52
C ALA D 293 -19.37 12.73 -0.75
N ASP D 294 -19.93 11.78 -1.51
CA ASP D 294 -19.29 11.34 -2.78
C ASP D 294 -19.40 12.31 -3.96
N GLY D 295 -20.17 13.38 -3.79
CA GLY D 295 -20.42 14.31 -4.86
C GLY D 295 -21.79 14.25 -5.53
N THR D 296 -22.59 13.22 -5.23
CA THR D 296 -23.94 13.06 -5.81
C THR D 296 -24.80 14.31 -5.51
N PRO D 297 -25.35 14.94 -6.55
CA PRO D 297 -26.14 16.16 -6.28
C PRO D 297 -27.45 15.80 -5.64
N VAL D 298 -27.78 16.47 -4.55
CA VAL D 298 -29.01 16.14 -3.82
C VAL D 298 -30.26 16.59 -4.63
N THR D 299 -30.10 17.49 -5.61
CA THR D 299 -31.22 17.87 -6.49
C THR D 299 -31.62 16.68 -7.35
N LEU D 300 -30.69 15.78 -7.62
CA LEU D 300 -30.94 14.62 -8.48
C LEU D 300 -31.27 13.34 -7.72
N SER D 301 -30.91 13.24 -6.46
CA SER D 301 -31.05 11.95 -5.75
C SER D 301 -31.21 12.18 -4.25
N ASP D 302 -31.98 11.32 -3.61
CA ASP D 302 -32.03 11.25 -2.16
C ASP D 302 -31.11 10.17 -1.58
N ILE D 303 -30.29 9.56 -2.43
CA ILE D 303 -29.28 8.61 -1.98
C ILE D 303 -27.95 8.86 -2.65
N PRO D 304 -26.87 8.48 -1.99
CA PRO D 304 -25.56 8.60 -2.66
C PRO D 304 -25.44 7.58 -3.77
N THR D 305 -24.74 7.93 -4.85
CA THR D 305 -24.55 7.00 -5.95
C THR D 305 -23.12 6.47 -6.02
N TYR D 306 -22.24 7.04 -5.25
CA TYR D 306 -20.83 6.61 -5.13
C TYR D 306 -20.01 6.65 -6.42
N ALA D 307 -20.37 7.51 -7.38
CA ALA D 307 -19.53 7.68 -8.56
C ALA D 307 -18.26 8.43 -8.20
N VAL D 308 -17.12 7.82 -8.55
CA VAL D 308 -15.80 8.36 -8.21
C VAL D 308 -15.61 9.72 -8.86
N THR D 309 -16.06 9.85 -10.11
CA THR D 309 -16.14 11.14 -10.78
C THR D 309 -17.58 11.66 -10.75
N PRO D 310 -17.88 12.59 -9.83
CA PRO D 310 -19.26 13.02 -9.67
C PRO D 310 -19.76 13.82 -10.86
N THR D 311 -21.05 13.72 -11.13
CA THR D 311 -21.64 14.51 -12.18
C THR D 311 -21.72 15.98 -11.78
N ASN D 312 -21.57 16.84 -12.78
CA ASN D 312 -21.84 18.29 -12.66
C ASN D 312 -22.92 18.76 -13.59
N ASN D 313 -23.59 17.80 -14.21
CA ASN D 313 -24.50 18.10 -15.27
C ASN D 313 -25.89 18.23 -14.74
N PHE D 314 -26.16 19.38 -14.15
CA PHE D 314 -27.47 19.58 -13.64
C PHE D 314 -27.74 21.04 -13.47
N ASN D 315 -29.01 21.33 -13.33
CA ASN D 315 -29.44 22.62 -12.93
C ASN D 315 -30.60 22.33 -12.00
N TYR D 316 -31.30 23.36 -11.59
CA TYR D 316 -32.35 23.14 -10.62
C TYR D 316 -33.74 23.23 -11.27
N ASP D 317 -33.81 23.09 -12.59
CA ASP D 317 -35.06 23.15 -13.35
C ASP D 317 -36.04 22.01 -12.98
N GLY D 318 -35.55 20.86 -12.53
CA GLY D 318 -36.40 19.79 -12.00
C GLY D 318 -36.75 19.94 -10.52
N ASP D 319 -36.42 21.10 -9.94
CA ASP D 319 -36.42 21.31 -8.49
C ASP D 319 -36.67 22.80 -8.23
N LEU D 320 -37.62 23.38 -8.96
CA LEU D 320 -37.90 24.83 -8.85
C LEU D 320 -38.43 25.19 -7.47
N ALA D 321 -39.14 24.28 -6.79
CA ALA D 321 -39.62 24.58 -5.44
C ALA D 321 -38.59 24.24 -4.34
N ALA D 322 -37.42 23.75 -4.75
CA ALA D 322 -36.31 23.43 -3.84
C ALA D 322 -36.72 22.51 -2.70
N THR D 323 -37.47 21.46 -3.02
CA THR D 323 -37.80 20.41 -2.05
C THR D 323 -36.84 19.20 -2.13
N LYS D 324 -35.93 19.19 -3.10
CA LYS D 324 -34.89 18.17 -3.20
C LYS D 324 -33.55 18.77 -2.72
N CYS D 325 -33.04 19.76 -3.43
CA CYS D 325 -31.96 20.62 -2.95
C CYS D 325 -32.55 21.95 -2.44
N PRO D 326 -32.50 22.18 -1.13
CA PRO D 326 -33.02 23.43 -0.56
C PRO D 326 -32.33 24.66 -1.11
N PHE D 327 -33.04 25.78 -1.10
CA PHE D 327 -32.44 27.04 -1.51
C PHE D 327 -31.22 27.41 -0.63
N HIS D 328 -31.17 26.91 0.61
CA HIS D 328 -30.05 27.26 1.49
C HIS D 328 -28.80 26.42 1.33
N SER D 329 -28.88 25.32 0.58
CA SER D 329 -27.73 24.40 0.49
C SER D 329 -26.57 25.12 -0.12
N HIS D 330 -25.38 24.84 0.40
CA HIS D 330 -24.17 25.52 -0.06
C HIS D 330 -24.00 25.64 -1.60
N THR D 331 -24.21 24.56 -2.34
CA THR D 331 -24.08 24.59 -3.79
C THR D 331 -25.13 25.49 -4.46
N ARG D 332 -26.34 25.51 -3.91
CA ARG D 332 -27.42 26.29 -4.54
C ARG D 332 -27.32 27.78 -4.16
N LYS D 333 -26.79 28.08 -2.97
CA LYS D 333 -26.50 29.46 -2.57
C LYS D 333 -25.37 30.07 -3.41
N THR D 334 -24.29 29.31 -3.59
CA THR D 334 -23.10 29.85 -4.23
C THR D 334 -23.20 29.77 -5.76
N ASN D 335 -23.98 28.83 -6.26
CA ASN D 335 -24.26 28.74 -7.69
C ASN D 335 -25.72 28.45 -7.89
N PRO D 336 -26.53 29.51 -8.02
CA PRO D 336 -27.98 29.31 -8.18
C PRO D 336 -28.42 28.62 -9.47
N ARG D 337 -27.51 28.47 -10.45
CA ARG D 337 -27.78 27.85 -11.76
C ARG D 337 -29.11 28.32 -12.38
N GLY D 338 -29.39 29.61 -12.29
CA GLY D 338 -30.61 30.20 -12.87
C GLY D 338 -31.69 30.66 -11.90
N ASP D 339 -31.58 30.34 -10.61
CA ASP D 339 -32.62 30.78 -9.65
C ASP D 339 -32.83 32.28 -9.65
N THR D 340 -31.76 33.07 -9.78
CA THR D 340 -31.91 34.54 -9.75
C THR D 340 -32.54 35.09 -11.02
N ALA D 341 -32.35 34.37 -12.12
CA ALA D 341 -32.91 34.75 -13.42
C ALA D 341 -34.41 34.43 -13.46
N ARG D 342 -34.86 33.42 -12.72
CA ARG D 342 -36.27 33.19 -12.51
C ARG D 342 -36.78 34.14 -11.43
N PHE D 350 -34.74 36.55 -19.01
CA PHE D 350 -34.06 35.43 -18.39
C PHE D 350 -32.61 35.34 -18.86
N ASP D 351 -32.39 35.35 -20.18
CA ASP D 351 -31.05 35.12 -20.72
C ASP D 351 -30.04 36.14 -20.22
N GLU D 352 -30.43 37.41 -20.22
CA GLU D 352 -29.50 38.44 -19.77
C GLU D 352 -29.27 38.31 -18.25
N ALA D 353 -30.32 37.99 -17.50
CA ALA D 353 -30.21 37.84 -16.06
C ALA D 353 -29.34 36.63 -15.69
N PHE D 354 -29.45 35.55 -16.45
CA PHE D 354 -28.62 34.36 -16.21
C PHE D 354 -27.15 34.67 -16.52
N LYS D 355 -26.91 35.44 -17.57
CA LYS D 355 -25.54 35.85 -17.91
C LYS D 355 -24.94 36.66 -16.75
N GLU D 356 -25.73 37.59 -16.20
CA GLU D 356 -25.32 38.43 -15.05
C GLU D 356 -25.06 37.52 -13.82
N GLU D 357 -25.97 36.59 -13.57
CA GLU D 357 -25.78 35.63 -12.49
C GLU D 357 -24.45 34.84 -12.65
N ARG D 358 -24.20 34.35 -13.84
CA ARG D 358 -22.98 33.56 -14.12
C ARG D 358 -21.69 34.40 -13.99
N GLY D 359 -21.83 35.73 -14.11
CA GLY D 359 -20.68 36.64 -14.00
C GLY D 359 -20.13 36.73 -12.58
N HIS D 360 -20.88 36.23 -11.59
CA HIS D 360 -20.45 36.21 -10.19
C HIS D 360 -19.59 35.01 -9.81
N ARG D 361 -19.37 34.07 -10.73
CA ARG D 361 -18.67 32.83 -10.41
C ARG D 361 -17.25 33.12 -9.99
N ILE D 362 -16.70 32.21 -9.22
CA ILE D 362 -15.29 32.25 -8.78
C ILE D 362 -14.59 30.96 -9.21
N THR D 363 -13.27 31.05 -9.42
CA THR D 363 -12.48 29.94 -9.81
C THR D 363 -11.61 29.52 -8.61
N ARG D 364 -11.91 28.36 -8.05
CA ARG D 364 -11.36 27.95 -6.76
C ARG D 364 -10.06 27.17 -6.96
N ARG D 365 -9.09 27.46 -6.10
CA ARG D 365 -7.80 26.78 -6.12
C ARG D 365 -7.35 26.47 -4.68
N ALA D 366 -8.28 25.94 -3.89
CA ALA D 366 -8.07 25.72 -2.49
C ALA D 366 -7.32 24.44 -2.19
N VAL D 367 -6.71 24.39 -1.01
CA VAL D 367 -5.98 23.19 -0.55
C VAL D 367 -6.24 23.09 0.95
N SER D 368 -5.90 21.94 1.54
CA SER D 368 -6.19 21.70 2.93
C SER D 368 -4.98 21.96 3.83
N TYR D 369 -5.27 22.25 5.11
CA TYR D 369 -4.22 22.31 6.16
C TYR D 369 -4.63 21.51 7.38
N GLY D 370 -3.65 21.25 8.24
CA GLY D 370 -3.90 20.59 9.52
C GLY D 370 -3.91 19.08 9.40
N GLU D 371 -4.88 18.44 10.03
CA GLU D 371 -4.96 16.98 10.11
C GLU D 371 -5.05 16.34 8.76
N ASN D 372 -4.18 15.39 8.46
CA ASN D 372 -4.17 14.75 7.13
C ASN D 372 -4.87 13.38 7.08
N ASN D 373 -5.22 12.85 8.23
CA ASN D 373 -6.04 11.64 8.27
C ASN D 373 -7.54 12.01 8.30
N PRO D 374 -8.25 11.76 7.18
CA PRO D 374 -9.63 12.24 7.07
C PRO D 374 -10.63 11.52 7.99
N SER D 375 -10.22 10.44 8.66
CA SER D 375 -11.12 9.76 9.61
C SER D 375 -11.16 10.48 10.96
N LYS D 376 -10.22 11.39 11.22
CA LYS D 376 -10.16 12.07 12.49
C LYS D 376 -11.08 13.27 12.52
N GLU D 377 -11.34 13.81 13.71
CA GLU D 377 -12.31 14.87 13.88
C GLU D 377 -11.73 16.04 14.68
N PRO D 378 -10.85 16.82 14.05
CA PRO D 378 -10.26 17.96 14.75
C PRO D 378 -11.28 19.03 15.10
N VAL D 379 -11.10 19.67 16.25
CA VAL D 379 -11.93 20.79 16.68
C VAL D 379 -11.33 22.11 16.15
N SER D 380 -10.01 22.26 16.30
CA SER D 380 -9.32 23.46 15.84
C SER D 380 -8.00 23.04 15.20
N GLY D 381 -7.42 23.96 14.44
CA GLY D 381 -6.12 23.74 13.80
C GLY D 381 -6.13 23.03 12.45
N SER D 382 -7.31 22.70 11.96
CA SER D 382 -7.48 22.10 10.66
C SER D 382 -8.53 22.82 9.83
N GLY D 383 -8.34 22.80 8.51
CA GLY D 383 -9.29 23.44 7.63
C GLY D 383 -8.89 23.59 6.18
N LEU D 384 -9.42 24.64 5.57
CA LEU D 384 -9.26 24.89 4.17
C LEU D 384 -8.49 26.16 3.97
N LEU D 385 -7.44 26.07 3.17
CA LEU D 385 -6.78 27.27 2.67
C LEU D 385 -7.54 27.64 1.40
N PHE D 386 -8.48 28.56 1.56
CA PHE D 386 -9.38 28.97 0.50
C PHE D 386 -8.67 29.98 -0.38
N LEU D 387 -8.46 29.61 -1.64
CA LEU D 387 -7.95 30.54 -2.64
C LEU D 387 -8.93 30.57 -3.77
N CYS D 388 -9.24 31.75 -4.28
CA CYS D 388 -9.98 31.84 -5.54
C CYS D 388 -9.55 33.03 -6.36
N PHE D 389 -9.77 32.91 -7.66
CA PHE D 389 -9.43 33.92 -8.67
C PHE D 389 -10.68 34.50 -9.34
N GLN D 390 -10.53 35.76 -9.78
CA GLN D 390 -11.60 36.49 -10.44
C GLN D 390 -11.00 37.75 -11.03
N SER D 391 -11.74 38.39 -11.92
CA SER D 391 -11.38 39.69 -12.45
C SER D 391 -11.93 40.87 -11.63
N ASN D 392 -12.89 40.61 -10.76
CA ASN D 392 -13.54 41.65 -9.98
C ASN D 392 -14.00 41.06 -8.64
N ILE D 393 -13.29 41.41 -7.58
CA ILE D 393 -13.58 40.83 -6.24
C ILE D 393 -14.94 41.29 -5.75
N GLU D 394 -15.27 42.56 -5.96
CA GLU D 394 -16.56 43.08 -5.52
C GLU D 394 -17.72 42.29 -6.12
N ASN D 395 -17.56 41.91 -7.40
CA ASN D 395 -18.64 41.25 -8.15
C ASN D 395 -18.59 39.73 -8.08
N GLN D 396 -17.48 39.18 -7.62
CA GLN D 396 -17.31 37.74 -7.58
C GLN D 396 -17.21 37.27 -6.13
N PHE D 397 -16.05 36.99 -5.58
CA PHE D 397 -16.02 36.46 -4.19
C PHE D 397 -16.83 37.30 -3.18
N ASN D 398 -16.60 38.61 -3.11
CA ASN D 398 -17.30 39.39 -2.09
C ASN D 398 -18.82 39.37 -2.28
N PHE D 399 -19.25 39.41 -3.55
CA PHE D 399 -20.67 39.32 -3.91
C PHE D 399 -21.25 37.98 -3.46
N MET D 400 -20.53 36.92 -3.76
CA MET D 400 -21.00 35.57 -3.43
C MET D 400 -21.18 35.39 -1.92
N GLN D 401 -20.19 35.81 -1.14
CA GLN D 401 -20.27 35.71 0.32
C GLN D 401 -21.34 36.64 0.89
N SER D 402 -21.27 37.91 0.52
CA SER D 402 -22.06 38.95 1.17
C SER D 402 -23.52 39.05 0.68
N ARG D 403 -23.77 38.74 -0.59
CA ARG D 403 -25.11 38.88 -1.19
C ARG D 403 -25.86 37.56 -1.37
N TRP D 404 -25.13 36.45 -1.44
CA TRP D 404 -25.75 35.14 -1.63
C TRP D 404 -25.68 34.25 -0.37
N ALA D 405 -24.48 33.91 0.07
CA ALA D 405 -24.31 33.05 1.23
C ALA D 405 -24.87 33.63 2.56
N ASN D 406 -24.48 34.85 2.90
CA ASN D 406 -24.87 35.43 4.19
C ASN D 406 -26.38 35.77 4.35
N PRO D 407 -27.02 36.40 3.34
CA PRO D 407 -28.35 36.92 3.61
C PRO D 407 -29.44 35.90 3.82
N GLN D 408 -30.30 36.16 4.78
CA GLN D 408 -31.41 35.26 5.05
C GLN D 408 -32.47 35.27 3.95
N ASN D 409 -32.53 36.35 3.16
CA ASN D 409 -33.55 36.46 2.13
C ASN D 409 -33.05 36.20 0.71
N PHE D 410 -31.90 35.54 0.60
CA PHE D 410 -31.46 35.09 -0.70
C PHE D 410 -31.49 33.56 -0.83
N VAL D 411 -32.00 32.98 -1.91
CA VAL D 411 -32.62 33.66 -3.07
C VAL D 411 -34.08 34.09 -2.80
N GLN D 412 -34.71 33.52 -1.79
CA GLN D 412 -36.03 33.94 -1.38
C GLN D 412 -36.07 34.34 0.06
N VAL D 413 -37.13 35.08 0.40
CA VAL D 413 -37.37 35.46 1.78
C VAL D 413 -37.36 34.22 2.69
N ASN D 414 -36.68 34.35 3.84
CA ASN D 414 -36.59 33.29 4.86
C ASN D 414 -35.93 32.00 4.44
N THR D 415 -35.08 32.06 3.42
CA THR D 415 -34.21 30.94 3.10
C THR D 415 -33.22 30.67 4.25
N GLY D 416 -32.73 31.76 4.86
CA GLY D 416 -31.72 31.67 5.89
C GLY D 416 -30.32 31.70 5.27
N PRO D 417 -29.30 31.87 6.11
CA PRO D 417 -27.93 31.84 5.61
C PRO D 417 -27.54 30.45 5.10
N ASP D 418 -26.55 30.42 4.22
CA ASP D 418 -25.83 29.19 3.87
C ASP D 418 -25.38 28.55 5.19
N PRO D 419 -25.81 27.31 5.49
CA PRO D 419 -25.46 26.72 6.77
C PRO D 419 -23.99 26.32 6.90
N LEU D 420 -23.30 26.18 5.77
CA LEU D 420 -21.91 25.84 5.78
C LEU D 420 -21.03 27.07 6.04
N ILE D 421 -21.23 28.14 5.28
CA ILE D 421 -20.33 29.30 5.34
C ILE D 421 -21.01 30.64 5.68
N GLY D 422 -22.32 30.65 5.82
CA GLY D 422 -23.01 31.90 6.02
C GLY D 422 -22.71 32.54 7.39
N GLN D 423 -22.40 33.84 7.40
CA GLN D 423 -22.12 34.57 8.64
C GLN D 423 -22.99 35.81 8.70
N PRO D 424 -23.70 36.03 9.82
CA PRO D 424 -23.81 35.12 10.94
C PRO D 424 -24.71 33.90 10.61
N SER D 425 -24.63 32.90 11.49
CA SER D 425 -25.50 31.73 11.39
C SER D 425 -26.97 32.12 11.63
N GLY D 426 -27.89 31.25 11.22
CA GLY D 426 -29.32 31.50 11.44
C GLY D 426 -30.20 30.27 11.25
N THR D 427 -31.37 30.48 10.66
CA THR D 427 -32.39 29.43 10.61
C THR D 427 -32.60 28.99 9.18
N GLN D 428 -32.52 27.68 8.94
CA GLN D 428 -32.93 27.12 7.66
C GLN D 428 -34.21 26.30 7.78
N LYS D 429 -34.92 26.15 6.66
CA LYS D 429 -36.10 25.28 6.56
C LYS D 429 -35.70 24.04 5.76
N TRP D 430 -35.88 22.87 6.34
CA TRP D 430 -35.39 21.61 5.79
C TRP D 430 -36.59 20.75 5.39
N PRO D 431 -36.57 20.17 4.18
CA PRO D 431 -37.67 19.30 3.81
C PRO D 431 -37.67 18.01 4.65
N LYS D 432 -38.81 17.65 5.21
CA LYS D 432 -38.93 16.40 5.97
C LYS D 432 -38.73 15.18 5.05
N LYS D 433 -39.30 15.24 3.86
CA LYS D 433 -39.25 14.15 2.90
C LYS D 433 -38.80 14.74 1.60
N TRP D 434 -37.68 14.24 1.10
CA TRP D 434 -37.11 14.68 -0.13
C TRP D 434 -38.16 14.70 -1.23
N GLY D 435 -38.24 15.82 -1.94
CA GLY D 435 -39.16 15.96 -3.05
C GLY D 435 -40.59 16.29 -2.65
N GLU D 436 -40.83 16.58 -1.37
CA GLU D 436 -42.16 16.99 -0.88
C GLU D 436 -42.04 18.32 -0.14
N PRO D 437 -43.11 19.14 -0.11
CA PRO D 437 -42.97 20.54 0.32
C PRO D 437 -42.83 20.81 1.81
N GLU D 438 -43.36 19.95 2.67
CA GLU D 438 -43.37 20.27 4.09
C GLU D 438 -41.96 20.38 4.65
N THR D 439 -41.71 21.46 5.38
CA THR D 439 -40.40 21.70 5.97
C THR D 439 -40.46 21.78 7.50
N GLU D 440 -39.30 21.74 8.11
CA GLU D 440 -39.14 21.95 9.52
C GLU D 440 -37.94 22.87 9.75
N GLU D 441 -38.06 23.80 10.69
CA GLU D 441 -36.96 24.73 10.97
C GLU D 441 -35.86 24.06 11.81
N TYR D 442 -34.60 24.35 11.49
CA TYR D 442 -33.47 23.93 12.33
C TYR D 442 -32.33 24.94 12.10
N ASN D 443 -31.73 25.39 13.20
CA ASN D 443 -30.64 26.35 13.16
C ASN D 443 -29.31 25.62 13.07
N PHE D 444 -28.82 25.42 11.86
CA PHE D 444 -27.54 24.75 11.71
C PHE D 444 -26.47 25.75 12.05
N GLN D 445 -25.53 25.33 12.90
CA GLN D 445 -24.52 26.26 13.40
C GLN D 445 -23.36 26.42 12.44
N LEU D 446 -22.68 27.56 12.55
CA LEU D 446 -21.49 27.86 11.69
C LEU D 446 -20.24 27.27 12.31
N TRP D 447 -19.66 26.29 11.60
CA TRP D 447 -18.53 25.52 12.08
C TRP D 447 -17.25 25.82 11.30
N ILE D 448 -17.25 26.96 10.62
CA ILE D 448 -16.10 27.47 9.89
C ILE D 448 -15.74 28.85 10.48
N ASN D 449 -14.48 29.03 10.84
CA ASN D 449 -14.01 30.29 11.43
C ASN D 449 -12.94 30.89 10.52
N MET D 450 -13.12 32.16 10.20
CA MET D 450 -12.15 32.90 9.41
C MET D 450 -10.95 33.26 10.31
N LYS D 451 -9.78 32.76 9.97
CA LYS D 451 -8.58 32.95 10.78
C LYS D 451 -7.57 33.92 10.18
N GLY D 452 -7.87 34.46 9.01
CA GLY D 452 -7.07 35.48 8.40
C GLY D 452 -6.94 35.31 6.90
N GLY D 453 -6.48 36.37 6.24
CA GLY D 453 -6.31 36.33 4.81
C GLY D 453 -6.00 37.68 4.23
N GLU D 454 -5.93 37.73 2.90
CA GLU D 454 -5.69 38.95 2.20
C GLU D 454 -6.08 38.82 0.75
N TYR D 455 -6.31 39.97 0.13
CA TYR D 455 -6.51 40.07 -1.29
C TYR D 455 -5.20 40.39 -1.98
N PHE D 456 -4.92 39.72 -3.10
CA PHE D 456 -3.71 39.95 -3.88
C PHE D 456 -4.00 40.06 -5.37
N PHE D 457 -3.03 40.56 -6.11
CA PHE D 457 -3.03 40.49 -7.55
C PHE D 457 -1.85 39.61 -7.99
N ALA D 458 -2.11 38.70 -8.92
CA ALA D 458 -1.07 37.92 -9.59
C ALA D 458 -0.62 38.72 -10.79
N PRO D 459 0.53 39.39 -10.70
CA PRO D 459 0.91 40.23 -11.85
C PRO D 459 1.39 39.42 -13.04
N SER D 460 1.44 40.07 -14.21
CA SER D 460 2.09 39.49 -15.37
C SER D 460 3.56 39.23 -15.05
N ILE D 461 4.13 38.26 -15.74
CA ILE D 461 5.49 37.85 -15.48
C ILE D 461 6.47 38.94 -15.93
N SER D 462 6.20 39.58 -17.07
CA SER D 462 7.10 40.62 -17.61
C SER D 462 7.23 41.78 -16.62
N PHE D 463 6.13 42.17 -15.98
CA PHE D 463 6.19 43.18 -14.94
C PHE D 463 7.24 42.79 -13.87
N LEU D 464 7.18 41.55 -13.41
CA LEU D 464 8.04 41.09 -12.34
C LEU D 464 9.49 40.92 -12.79
N LYS D 465 9.69 40.45 -14.01
CA LYS D 465 11.04 40.29 -14.57
C LYS D 465 11.78 41.59 -14.84
N THR D 466 11.07 42.72 -14.97
CA THR D 466 11.72 44.00 -15.30
C THR D 466 11.54 45.04 -14.19
N LEU D 467 11.17 44.58 -13.01
CA LEU D 467 10.91 45.46 -11.88
C LEU D 467 12.16 46.22 -11.41
N ALA D 468 13.32 45.56 -11.42
CA ALA D 468 14.53 46.19 -10.84
C ALA D 468 15.07 47.31 -11.72
CHA HEM E . 10.92 -23.78 15.46
CHB HEM E . 6.26 -22.57 15.84
CHC HEM E . 5.02 -27.20 15.21
CHD HEM E . 9.68 -28.41 15.10
C1A HEM E . 9.75 -23.05 15.64
C2A HEM E . 9.70 -21.64 15.90
C3A HEM E . 8.40 -21.30 16.01
C4A HEM E . 7.65 -22.49 15.79
CMA HEM E . 7.81 -19.94 16.25
CAA HEM E . 10.89 -20.67 16.04
CBA HEM E . 11.42 -20.02 14.77
CGA HEM E . 11.92 -21.09 13.84
O1A HEM E . 13.07 -21.59 13.94
O2A HEM E . 11.15 -21.49 12.95
C1B HEM E . 5.53 -23.75 15.65
C2B HEM E . 4.10 -23.80 15.63
C3B HEM E . 3.75 -25.06 15.42
C4B HEM E . 5.01 -25.81 15.36
CMB HEM E . 3.19 -22.63 15.77
CAB HEM E . 2.43 -25.71 15.23
CBB HEM E . 1.33 -25.05 14.80
C1C HEM E . 6.20 -27.97 15.17
C2C HEM E . 6.27 -29.35 15.17
C3C HEM E . 7.60 -29.68 15.17
C4C HEM E . 8.32 -28.49 15.14
CMC HEM E . 5.14 -30.33 15.13
CAC HEM E . 8.24 -31.00 15.22
CBC HEM E . 7.79 -32.10 15.77
C1D HEM E . 10.36 -27.18 15.07
C2D HEM E . 11.81 -27.13 14.94
C3D HEM E . 12.17 -25.86 15.09
C4D HEM E . 10.89 -25.13 15.25
CMD HEM E . 12.77 -28.28 14.71
CAD HEM E . 13.56 -25.31 14.99
CBD HEM E . 14.33 -25.37 16.32
CGD HEM E . 15.71 -24.84 16.12
O1D HEM E . 16.06 -23.92 16.85
O2D HEM E . 16.51 -25.31 15.23
NA HEM E . 8.49 -23.57 15.64
NB HEM E . 6.00 -24.94 15.57
NC HEM E . 7.46 -27.43 15.25
ND HEM E . 9.84 -25.99 15.33
FE HEM E . 7.98 -25.49 15.48
C1 GOL F . -9.38 -24.40 5.23
O1 GOL F . -8.92 -25.72 4.92
C2 GOL F . -10.32 -24.52 6.41
O2 GOL F . -9.65 -25.11 7.55
C3 GOL F . -10.94 -23.18 6.77
O3 GOL F . -10.05 -22.12 7.04
C1 EDO G . 18.87 -40.22 9.62
O1 EDO G . 17.63 -40.05 10.31
C2 EDO G . 20.03 -39.36 10.11
O2 EDO G . 19.78 -37.94 10.17
CHA HEM H . -22.33 -6.11 -24.96
CHB HEM H . -18.27 -8.67 -25.46
CHC HEM H . -20.77 -12.84 -25.55
CHD HEM H . -24.85 -10.19 -25.29
C1A HEM H . -21.02 -6.47 -25.08
C2A HEM H . -19.97 -5.54 -25.15
C3A HEM H . -18.84 -6.28 -25.31
C4A HEM H . -19.19 -7.63 -25.35
CMA HEM H . -17.47 -5.68 -25.39
CAA HEM H . -20.11 -4.03 -25.08
CBA HEM H . -20.20 -3.34 -23.69
CGA HEM H . -21.36 -3.87 -22.88
O1A HEM H . -22.51 -3.31 -22.96
O2A HEM H . -21.11 -4.82 -22.09
C1B HEM H . -18.59 -10.02 -25.49
C2B HEM H . -17.63 -11.09 -25.48
C3B HEM H . -18.32 -12.25 -25.52
C4B HEM H . -19.75 -11.89 -25.51
CMB HEM H . -16.12 -10.96 -25.52
CAB HEM H . -17.89 -13.64 -25.46
CBB HEM H . -16.74 -14.07 -24.96
C1C HEM H . -22.11 -12.47 -25.54
C2C HEM H . -23.19 -13.33 -25.77
C3C HEM H . -24.35 -12.58 -25.68
C4C HEM H . -23.98 -11.24 -25.45
CMC HEM H . -23.05 -14.83 -25.98
CAC HEM H . -25.74 -13.03 -25.92
CBC HEM H . -26.04 -14.11 -26.66
C1D HEM H . -24.43 -8.90 -25.11
C2D HEM H . -25.40 -7.88 -24.83
C3D HEM H . -24.72 -6.72 -24.76
C4D HEM H . -23.32 -7.09 -24.96
CMD HEM H . -26.91 -8.02 -24.69
CAD HEM H . -25.33 -5.36 -24.50
CBD HEM H . -25.66 -4.68 -25.83
CGD HEM H . -26.38 -3.39 -25.56
O1D HEM H . -25.96 -2.34 -26.11
O2D HEM H . -27.38 -3.33 -24.76
NA HEM H . -20.55 -7.73 -25.32
NB HEM H . -19.82 -10.55 -25.54
NC HEM H . -22.58 -11.18 -25.45
ND HEM H . -23.16 -8.37 -25.23
FE HEM H . -21.56 -9.40 -25.42
C1 GOL I . -9.30 -22.44 -16.27
O1 GOL I . -10.48 -23.21 -15.96
C2 GOL I . -8.61 -23.11 -17.44
O2 GOL I . -9.47 -22.90 -18.57
C3 GOL I . -7.18 -22.58 -17.70
O3 GOL I . -7.20 -21.17 -17.77
CHA HEM J . 31.70 6.38 9.86
CHB HEM J . 30.40 8.83 5.89
CHC HEM J . 31.50 12.98 8.07
CHD HEM J . 33.07 10.51 11.92
C1A HEM J . 31.25 6.68 8.58
C2A HEM J . 30.85 5.71 7.60
C3A HEM J . 30.52 6.40 6.48
C4A HEM J . 30.65 7.79 6.76
CMA HEM J . 30.02 5.79 5.20
CAA HEM J . 30.88 4.21 7.75
CBA HEM J . 29.62 3.60 8.35
CGA HEM J . 29.36 4.09 9.75
O1A HEM J . 29.93 3.61 10.76
O2A HEM J . 28.52 4.99 9.89
C1B HEM J . 30.56 10.18 6.13
C2B HEM J . 30.17 11.25 5.21
C3B HEM J . 30.50 12.42 5.81
C4B HEM J . 31.06 12.04 7.16
CMB HEM J . 29.59 11.05 3.81
CAB HEM J . 30.28 13.82 5.43
CBB HEM J . 29.31 14.19 4.56
C1C HEM J . 32.10 12.69 9.28
C2C HEM J . 32.70 13.62 10.16
C3C HEM J . 33.14 12.92 11.26
C4C HEM J . 32.80 11.52 11.04
CMC HEM J . 32.78 15.12 9.93
CAC HEM J . 33.91 13.42 12.42
CBC HEM J . 34.73 14.43 12.36
C1D HEM J . 32.72 9.18 11.66
C2D HEM J . 32.94 8.12 12.67
C3D HEM J . 32.57 6.99 12.11
C4D HEM J . 32.13 7.36 10.73
CMD HEM J . 33.43 8.28 14.09
CAD HEM J . 32.58 5.62 12.74
CBD HEM J . 33.90 4.91 12.47
CGD HEM J . 33.92 3.58 13.23
O1D HEM J . 34.25 2.58 12.60
O2D HEM J . 33.63 3.52 14.48
NA HEM J . 31.19 7.94 8.01
NB HEM J . 31.11 10.72 7.22
NC HEM J . 32.24 11.44 9.78
ND HEM J . 32.28 8.68 10.48
FE HEM J . 31.74 9.67 8.86
C1 GOL K . 18.32 22.96 1.51
O1 GOL K . 18.72 23.57 2.74
C2 GOL K . 19.23 23.47 0.41
O2 GOL K . 20.58 23.13 0.76
C3 GOL K . 18.87 22.89 -0.96
O3 GOL K . 18.83 21.47 -0.96
C ACY L . 40.34 24.50 23.06
O ACY L . 41.52 24.17 23.26
OXT ACY L . 39.53 24.18 23.91
CH3 ACY L . 39.82 25.25 21.84
C1 EDO M . 35.96 11.72 27.48
O1 EDO M . 35.47 10.81 26.51
C2 EDO M . 35.38 13.12 27.22
O2 EDO M . 35.93 13.68 26.05
CHA HEM N . -18.79 24.11 -3.82
CHB HEM N . -17.19 23.05 0.63
CHC HEM N . -16.06 27.71 1.41
CHD HEM N . -17.90 28.70 -2.94
C1A HEM N . -18.47 23.45 -2.66
C2A HEM N . -18.60 22.06 -2.44
C3A HEM N . -18.17 21.78 -1.21
C4A HEM N . -17.74 22.96 -0.64
CMA HEM N . -18.17 20.39 -0.54
CAA HEM N . -19.21 21.07 -3.37
CBA HEM N . -18.33 20.41 -4.45
CGA HEM N . -17.74 21.45 -5.33
O1A HEM N . -18.31 21.76 -6.42
O2A HEM N . -16.64 21.92 -5.00
C1B HEM N . -16.72 24.21 1.21
C2B HEM N . -16.08 24.24 2.46
C3B HEM N . -15.76 25.56 2.70
C4B HEM N . -16.20 26.31 1.52
CMB HEM N . -15.84 23.07 3.39
CAB HEM N . -15.02 26.18 3.80
CBB HEM N . -14.20 25.53 4.62
C1C HEM N . -16.53 28.42 0.32
C2C HEM N . -16.55 29.81 0.18
C3C HEM N . -17.08 30.09 -1.06
C4C HEM N . -17.38 28.84 -1.66
CMC HEM N . -16.01 30.80 1.18
CAC HEM N . -17.38 31.41 -1.70
CBC HEM N . -17.60 32.54 -1.02
C1D HEM N . -18.20 27.50 -3.53
C2D HEM N . -18.68 27.45 -4.92
C3D HEM N . -18.93 26.15 -5.16
C4D HEM N . -18.63 25.46 -3.89
CMD HEM N . -18.86 28.56 -5.97
CAD HEM N . -19.40 25.55 -6.44
CBD HEM N . -20.89 25.74 -6.65
CGD HEM N . -21.29 25.15 -7.94
O1D HEM N . -22.12 24.21 -7.94
O2D HEM N . -20.84 25.63 -9.06
NA HEM N . -17.98 24.02 -1.52
NB HEM N . -16.81 25.45 0.72
NC HEM N . -17.11 27.84 -0.76
ND HEM N . -18.24 26.30 -2.92
FE HEM N . -17.58 25.89 -1.15
C1 GOL O . -1.89 23.90 12.64
O1 GOL O . -2.37 22.85 11.79
C2 GOL O . -1.69 25.15 11.77
O2 GOL O . -2.96 25.75 11.54
C3 GOL O . -1.13 24.91 10.37
O3 GOL O . -0.86 26.21 9.81
C1 GOL P . 0.39 29.59 -33.11
O1 GOL P . -0.93 30.14 -33.23
C2 GOL P . 0.42 28.19 -32.52
O2 GOL P . -0.84 27.89 -31.90
C3 GOL P . 1.64 28.08 -31.63
O3 GOL P . 1.81 26.72 -31.18
#